data_5HKH
# 
_entry.id   5HKH 
# 
_audit_conform.dict_name       mmcif_pdbx.dic 
_audit_conform.dict_version    5.383 
_audit_conform.dict_location   http://mmcif.pdb.org/dictionaries/ascii/mmcif_pdbx.dic 
# 
loop_
_database_2.database_id 
_database_2.database_code 
_database_2.pdbx_database_accession 
_database_2.pdbx_DOI 
PDB   5HKH         pdb_00005hkh 10.2210/pdb5hkh/pdb 
WWPDB D_1000217209 ?            ?                   
# 
loop_
_pdbx_audit_revision_history.ordinal 
_pdbx_audit_revision_history.data_content_type 
_pdbx_audit_revision_history.major_revision 
_pdbx_audit_revision_history.minor_revision 
_pdbx_audit_revision_history.revision_date 
1 'Structure model' 1 0 2016-03-09 
2 'Structure model' 1 1 2016-10-12 
3 'Structure model' 1 2 2019-10-16 
4 'Structure model' 1 3 2024-01-10 
# 
_pdbx_audit_revision_details.ordinal             1 
_pdbx_audit_revision_details.revision_ordinal    1 
_pdbx_audit_revision_details.data_content_type   'Structure model' 
_pdbx_audit_revision_details.provider            repository 
_pdbx_audit_revision_details.type                'Initial release' 
_pdbx_audit_revision_details.description         ? 
_pdbx_audit_revision_details.details             ? 
# 
loop_
_pdbx_audit_revision_group.ordinal 
_pdbx_audit_revision_group.revision_ordinal 
_pdbx_audit_revision_group.data_content_type 
_pdbx_audit_revision_group.group 
1 2 'Structure model' 'Database references'    
2 3 'Structure model' 'Data collection'        
3 4 'Structure model' 'Data collection'        
4 4 'Structure model' 'Database references'    
5 4 'Structure model' 'Refinement description' 
# 
loop_
_pdbx_audit_revision_category.ordinal 
_pdbx_audit_revision_category.revision_ordinal 
_pdbx_audit_revision_category.data_content_type 
_pdbx_audit_revision_category.category 
1 3 'Structure model' reflns_shell                  
2 4 'Structure model' chem_comp_atom                
3 4 'Structure model' chem_comp_bond                
4 4 'Structure model' database_2                    
5 4 'Structure model' pdbx_initial_refinement_model 
# 
loop_
_pdbx_audit_revision_item.ordinal 
_pdbx_audit_revision_item.revision_ordinal 
_pdbx_audit_revision_item.data_content_type 
_pdbx_audit_revision_item.item 
1 4 'Structure model' '_database_2.pdbx_DOI'                
2 4 'Structure model' '_database_2.pdbx_database_accession' 
# 
_pdbx_database_status.status_code                     REL 
_pdbx_database_status.status_code_sf                  REL 
_pdbx_database_status.status_code_mr                  ? 
_pdbx_database_status.entry_id                        5HKH 
_pdbx_database_status.recvd_initial_deposition_date   2016-01-14 
_pdbx_database_status.SG_entry                        N 
_pdbx_database_status.deposit_site                    RCSB 
_pdbx_database_status.process_site                    PDBE 
_pdbx_database_status.status_code_cs                  ? 
_pdbx_database_status.methods_development_category    ? 
_pdbx_database_status.pdb_format_compatible           Y 
_pdbx_database_status.status_code_nmr_data            ? 
# 
loop_
_audit_author.name 
_audit_author.pdbx_ordinal 
'Huber, J.'   1 
'Doetsch, V.' 2 
'Rogov, V.V.' 3 
'Akutsu, M.'  4 
# 
_citation.abstract                  ? 
_citation.abstract_id_CAS           ? 
_citation.book_id_ISBN              ? 
_citation.book_publisher            ? 
_citation.book_publisher_city       ? 
_citation.book_title                ? 
_citation.coordinate_linkage        ? 
_citation.country                   US 
_citation.database_id_Medline       ? 
_citation.details                   ? 
_citation.id                        primary 
_citation.journal_abbrev            J.Biol.Chem. 
_citation.journal_id_ASTM           JBCHA3 
_citation.journal_id_CSD            0071 
_citation.journal_id_ISSN           1083-351X 
_citation.journal_full              ? 
_citation.journal_issue             ? 
_citation.journal_volume            291 
_citation.language                  ? 
_citation.page_first                9025 
_citation.page_last                 9041 
_citation.title                     
;Structural and Functional Analysis of a Novel Interaction Motif within UFM1-activating Enzyme 5 (UBA5) Required for Binding to Ubiquitin-like Proteins and Ufmylation.
;
_citation.year                      2016 
_citation.database_id_CSD           ? 
_citation.pdbx_database_id_DOI      10.1074/jbc.M116.715474 
_citation.pdbx_database_id_PubMed   26929408 
_citation.unpublished_flag          ? 
# 
loop_
_citation_author.citation_id 
_citation_author.name 
_citation_author.ordinal 
_citation_author.identifier_ORCID 
primary 'Habisov, S.'  1  ? 
primary 'Huber, J.'    2  ? 
primary 'Ichimura, Y.' 3  ? 
primary 'Akutsu, M.'   4  ? 
primary 'Rogova, N.'   5  ? 
primary 'Loehr, F.'    6  ? 
primary 'McEwan, D.G.' 7  ? 
primary 'Johansen, T.' 8  ? 
primary 'Dikic, I.'    9  ? 
primary 'Doetsch, V.'  10 ? 
primary 'Komatsu, M.'  11 ? 
primary 'Rogov, V.V.'  12 ? 
primary 'Kirkin, V.'   13 ? 
# 
loop_
_entity.id 
_entity.type 
_entity.src_method 
_entity.pdbx_description 
_entity.formula_weight 
_entity.pdbx_number_of_molecules 
_entity.pdbx_ec 
_entity.pdbx_mutation 
_entity.pdbx_fragment 
_entity.details 
1 polymer man 'Ubiquitin-fold modifier 1'         9195.574 2  ? ? ? ? 
2 polymer syn ASP-ASN-GLU-TRP-GLY-ILE-GLU-LEU-VAL 1074.141 1  ? ? ? ? 
3 water   nat water                               18.015   25 ? ? ? ? 
# 
loop_
_entity_poly.entity_id 
_entity_poly.type 
_entity_poly.nstd_linkage 
_entity_poly.nstd_monomer 
_entity_poly.pdbx_seq_one_letter_code 
_entity_poly.pdbx_seq_one_letter_code_can 
_entity_poly.pdbx_strand_id 
_entity_poly.pdbx_target_identifier 
1 'polypeptide(L)' no no 
;GAMESKVSFKITLTSDPRLPYKVLSVPESTPFTAVLKFAAEEFKVPAATSAIITNDGIGINPAQTAGNVFLKHGSELRII
PRDRVG
;
;GAMESKVSFKITLTSDPRLPYKVLSVPESTPFTAVLKFAAEEFKVPAATSAIITNDGIGINPAQTAGNVFLKHGSELRII
PRDRVG
;
A,C ? 
2 'polypeptide(L)' no no DNEWGIELV                                                                                 DNEWGIELV B   ? 
# 
_pdbx_entity_nonpoly.entity_id   3 
_pdbx_entity_nonpoly.name        water 
_pdbx_entity_nonpoly.comp_id     HOH 
# 
loop_
_entity_poly_seq.entity_id 
_entity_poly_seq.num 
_entity_poly_seq.mon_id 
_entity_poly_seq.hetero 
1 1  GLY n 
1 2  ALA n 
1 3  MET n 
1 4  GLU n 
1 5  SER n 
1 6  LYS n 
1 7  VAL n 
1 8  SER n 
1 9  PHE n 
1 10 LYS n 
1 11 ILE n 
1 12 THR n 
1 13 LEU n 
1 14 THR n 
1 15 SER n 
1 16 ASP n 
1 17 PRO n 
1 18 ARG n 
1 19 LEU n 
1 20 PRO n 
1 21 TYR n 
1 22 LYS n 
1 23 VAL n 
1 24 LEU n 
1 25 SER n 
1 26 VAL n 
1 27 PRO n 
1 28 GLU n 
1 29 SER n 
1 30 THR n 
1 31 PRO n 
1 32 PHE n 
1 33 THR n 
1 34 ALA n 
1 35 VAL n 
1 36 LEU n 
1 37 LYS n 
1 38 PHE n 
1 39 ALA n 
1 40 ALA n 
1 41 GLU n 
1 42 GLU n 
1 43 PHE n 
1 44 LYS n 
1 45 VAL n 
1 46 PRO n 
1 47 ALA n 
1 48 ALA n 
1 49 THR n 
1 50 SER n 
1 51 ALA n 
1 52 ILE n 
1 53 ILE n 
1 54 THR n 
1 55 ASN n 
1 56 ASP n 
1 57 GLY n 
1 58 ILE n 
1 59 GLY n 
1 60 ILE n 
1 61 ASN n 
1 62 PRO n 
1 63 ALA n 
1 64 GLN n 
1 65 THR n 
1 66 ALA n 
1 67 GLY n 
1 68 ASN n 
1 69 VAL n 
1 70 PHE n 
1 71 LEU n 
1 72 LYS n 
1 73 HIS n 
1 74 GLY n 
1 75 SER n 
1 76 GLU n 
1 77 LEU n 
1 78 ARG n 
1 79 ILE n 
1 80 ILE n 
1 81 PRO n 
1 82 ARG n 
1 83 ASP n 
1 84 ARG n 
1 85 VAL n 
1 86 GLY n 
2 1  ASP n 
2 2  ASN n 
2 3  GLU n 
2 4  TRP n 
2 5  GLY n 
2 6  ILE n 
2 7  GLU n 
2 8  LEU n 
2 9  VAL n 
# 
_entity_src_gen.entity_id                          1 
_entity_src_gen.pdbx_src_id                        1 
_entity_src_gen.pdbx_alt_source_flag               sample 
_entity_src_gen.pdbx_seq_type                      'Biological sequence' 
_entity_src_gen.pdbx_beg_seq_num                   1 
_entity_src_gen.pdbx_end_seq_num                   86 
_entity_src_gen.gene_src_common_name               Human 
_entity_src_gen.gene_src_genus                     ? 
_entity_src_gen.pdbx_gene_src_gene                 'UFM1, C13orf20, BM-002' 
_entity_src_gen.gene_src_species                   ? 
_entity_src_gen.gene_src_strain                    ? 
_entity_src_gen.gene_src_tissue                    ? 
_entity_src_gen.gene_src_tissue_fraction           ? 
_entity_src_gen.gene_src_details                   ? 
_entity_src_gen.pdbx_gene_src_fragment             ? 
_entity_src_gen.pdbx_gene_src_scientific_name      'Homo sapiens' 
_entity_src_gen.pdbx_gene_src_ncbi_taxonomy_id     9606 
_entity_src_gen.pdbx_gene_src_variant              ? 
_entity_src_gen.pdbx_gene_src_cell_line            ? 
_entity_src_gen.pdbx_gene_src_atcc                 ? 
_entity_src_gen.pdbx_gene_src_organ                ? 
_entity_src_gen.pdbx_gene_src_organelle            ? 
_entity_src_gen.pdbx_gene_src_cell                 ? 
_entity_src_gen.pdbx_gene_src_cellular_location    ? 
_entity_src_gen.host_org_common_name               ? 
_entity_src_gen.pdbx_host_org_scientific_name      'Escherichia coli' 
_entity_src_gen.pdbx_host_org_ncbi_taxonomy_id     562 
_entity_src_gen.host_org_genus                     ? 
_entity_src_gen.pdbx_host_org_gene                 ? 
_entity_src_gen.pdbx_host_org_organ                ? 
_entity_src_gen.host_org_species                   ? 
_entity_src_gen.pdbx_host_org_tissue               ? 
_entity_src_gen.pdbx_host_org_tissue_fraction      ? 
_entity_src_gen.pdbx_host_org_strain               ? 
_entity_src_gen.pdbx_host_org_variant              ? 
_entity_src_gen.pdbx_host_org_cell_line            ? 
_entity_src_gen.pdbx_host_org_atcc                 ? 
_entity_src_gen.pdbx_host_org_culture_collection   ? 
_entity_src_gen.pdbx_host_org_cell                 ? 
_entity_src_gen.pdbx_host_org_organelle            ? 
_entity_src_gen.pdbx_host_org_cellular_location    ? 
_entity_src_gen.pdbx_host_org_vector_type          ? 
_entity_src_gen.pdbx_host_org_vector               ? 
_entity_src_gen.host_org_details                   ? 
_entity_src_gen.expression_system_id               ? 
_entity_src_gen.plasmid_name                       ? 
_entity_src_gen.plasmid_details                    ? 
_entity_src_gen.pdbx_description                   ? 
# 
_pdbx_entity_src_syn.entity_id              2 
_pdbx_entity_src_syn.pdbx_src_id            1 
_pdbx_entity_src_syn.pdbx_alt_source_flag   sample 
_pdbx_entity_src_syn.pdbx_beg_seq_num       1 
_pdbx_entity_src_syn.pdbx_end_seq_num       9 
_pdbx_entity_src_syn.organism_scientific    'Homo sapiens' 
_pdbx_entity_src_syn.organism_common_name   Human 
_pdbx_entity_src_syn.ncbi_taxonomy_id       9606 
_pdbx_entity_src_syn.details                ? 
# 
loop_
_chem_comp.id 
_chem_comp.type 
_chem_comp.mon_nstd_flag 
_chem_comp.name 
_chem_comp.pdbx_synonyms 
_chem_comp.formula 
_chem_comp.formula_weight 
ALA 'L-peptide linking' y ALANINE         ? 'C3 H7 N O2'     89.093  
ARG 'L-peptide linking' y ARGININE        ? 'C6 H15 N4 O2 1' 175.209 
ASN 'L-peptide linking' y ASPARAGINE      ? 'C4 H8 N2 O3'    132.118 
ASP 'L-peptide linking' y 'ASPARTIC ACID' ? 'C4 H7 N O4'     133.103 
GLN 'L-peptide linking' y GLUTAMINE       ? 'C5 H10 N2 O3'   146.144 
GLU 'L-peptide linking' y 'GLUTAMIC ACID' ? 'C5 H9 N O4'     147.129 
GLY 'peptide linking'   y GLYCINE         ? 'C2 H5 N O2'     75.067  
HIS 'L-peptide linking' y HISTIDINE       ? 'C6 H10 N3 O2 1' 156.162 
HOH non-polymer         . WATER           ? 'H2 O'           18.015  
ILE 'L-peptide linking' y ISOLEUCINE      ? 'C6 H13 N O2'    131.173 
LEU 'L-peptide linking' y LEUCINE         ? 'C6 H13 N O2'    131.173 
LYS 'L-peptide linking' y LYSINE          ? 'C6 H15 N2 O2 1' 147.195 
MET 'L-peptide linking' y METHIONINE      ? 'C5 H11 N O2 S'  149.211 
PHE 'L-peptide linking' y PHENYLALANINE   ? 'C9 H11 N O2'    165.189 
PRO 'L-peptide linking' y PROLINE         ? 'C5 H9 N O2'     115.130 
SER 'L-peptide linking' y SERINE          ? 'C3 H7 N O3'     105.093 
THR 'L-peptide linking' y THREONINE       ? 'C4 H9 N O3'     119.119 
TRP 'L-peptide linking' y TRYPTOPHAN      ? 'C11 H12 N2 O2'  204.225 
TYR 'L-peptide linking' y TYROSINE        ? 'C9 H11 N O3'    181.189 
VAL 'L-peptide linking' y VALINE          ? 'C5 H11 N O2'    117.146 
# 
loop_
_pdbx_poly_seq_scheme.asym_id 
_pdbx_poly_seq_scheme.entity_id 
_pdbx_poly_seq_scheme.seq_id 
_pdbx_poly_seq_scheme.mon_id 
_pdbx_poly_seq_scheme.ndb_seq_num 
_pdbx_poly_seq_scheme.pdb_seq_num 
_pdbx_poly_seq_scheme.auth_seq_num 
_pdbx_poly_seq_scheme.pdb_mon_id 
_pdbx_poly_seq_scheme.auth_mon_id 
_pdbx_poly_seq_scheme.pdb_strand_id 
_pdbx_poly_seq_scheme.pdb_ins_code 
_pdbx_poly_seq_scheme.hetero 
A 1 1  GLY 1  -2  -2  GLY GLY A . n 
A 1 2  ALA 2  -1  -1  ALA ALA A . n 
A 1 3  MET 3  0   0   MET MET A . n 
A 1 4  GLU 4  1   1   GLU GLU A . n 
A 1 5  SER 5  2   2   SER SER A . n 
A 1 6  LYS 6  3   3   LYS LYS A . n 
A 1 7  VAL 7  4   4   VAL VAL A . n 
A 1 8  SER 8  5   5   SER SER A . n 
A 1 9  PHE 9  6   6   PHE PHE A . n 
A 1 10 LYS 10 7   7   LYS LYS A . n 
A 1 11 ILE 11 8   8   ILE ILE A . n 
A 1 12 THR 12 9   9   THR THR A . n 
A 1 13 LEU 13 10  10  LEU LEU A . n 
A 1 14 THR 14 11  11  THR THR A . n 
A 1 15 SER 15 12  12  SER SER A . n 
A 1 16 ASP 16 13  13  ASP ASP A . n 
A 1 17 PRO 17 14  14  PRO PRO A . n 
A 1 18 ARG 18 15  15  ARG ARG A . n 
A 1 19 LEU 19 16  16  LEU LEU A . n 
A 1 20 PRO 20 17  17  PRO PRO A . n 
A 1 21 TYR 21 18  18  TYR TYR A . n 
A 1 22 LYS 22 19  19  LYS LYS A . n 
A 1 23 VAL 23 20  20  VAL VAL A . n 
A 1 24 LEU 24 21  21  LEU LEU A . n 
A 1 25 SER 25 22  22  SER SER A . n 
A 1 26 VAL 26 23  23  VAL VAL A . n 
A 1 27 PRO 27 24  24  PRO PRO A . n 
A 1 28 GLU 28 25  25  GLU GLU A . n 
A 1 29 SER 29 26  26  SER SER A . n 
A 1 30 THR 30 27  27  THR THR A . n 
A 1 31 PRO 31 28  28  PRO PRO A . n 
A 1 32 PHE 32 29  29  PHE PHE A . n 
A 1 33 THR 33 30  30  THR THR A . n 
A 1 34 ALA 34 31  31  ALA ALA A . n 
A 1 35 VAL 35 32  32  VAL VAL A . n 
A 1 36 LEU 36 33  33  LEU LEU A . n 
A 1 37 LYS 37 34  34  LYS LYS A . n 
A 1 38 PHE 38 35  35  PHE PHE A . n 
A 1 39 ALA 39 36  36  ALA ALA A . n 
A 1 40 ALA 40 37  37  ALA ALA A . n 
A 1 41 GLU 41 38  38  GLU GLU A . n 
A 1 42 GLU 42 39  39  GLU GLU A . n 
A 1 43 PHE 43 40  40  PHE PHE A . n 
A 1 44 LYS 44 41  41  LYS LYS A . n 
A 1 45 VAL 45 42  42  VAL VAL A . n 
A 1 46 PRO 46 43  43  PRO PRO A . n 
A 1 47 ALA 47 44  44  ALA ALA A . n 
A 1 48 ALA 48 45  45  ALA ALA A . n 
A 1 49 THR 49 46  46  THR THR A . n 
A 1 50 SER 50 47  47  SER SER A . n 
A 1 51 ALA 51 48  48  ALA ALA A . n 
A 1 52 ILE 52 49  49  ILE ILE A . n 
A 1 53 ILE 53 50  50  ILE ILE A . n 
A 1 54 THR 54 51  51  THR THR A . n 
A 1 55 ASN 55 52  52  ASN ASN A . n 
A 1 56 ASP 56 53  53  ASP ASP A . n 
A 1 57 GLY 57 54  54  GLY GLY A . n 
A 1 58 ILE 58 55  55  ILE ILE A . n 
A 1 59 GLY 59 56  56  GLY GLY A . n 
A 1 60 ILE 60 57  57  ILE ILE A . n 
A 1 61 ASN 61 58  58  ASN ASN A . n 
A 1 62 PRO 62 59  59  PRO PRO A . n 
A 1 63 ALA 63 60  60  ALA ALA A . n 
A 1 64 GLN 64 61  61  GLN GLN A . n 
A 1 65 THR 65 62  62  THR THR A . n 
A 1 66 ALA 66 63  63  ALA ALA A . n 
A 1 67 GLY 67 64  64  GLY GLY A . n 
A 1 68 ASN 68 65  65  ASN ASN A . n 
A 1 69 VAL 69 66  66  VAL VAL A . n 
A 1 70 PHE 70 67  67  PHE PHE A . n 
A 1 71 LEU 71 68  68  LEU LEU A . n 
A 1 72 LYS 72 69  69  LYS LYS A . n 
A 1 73 HIS 73 70  70  HIS HIS A . n 
A 1 74 GLY 74 71  71  GLY GLY A . n 
A 1 75 SER 75 72  72  SER SER A . n 
A 1 76 GLU 76 73  73  GLU GLU A . n 
A 1 77 LEU 77 74  74  LEU LEU A . n 
A 1 78 ARG 78 75  75  ARG ARG A . n 
A 1 79 ILE 79 76  76  ILE ILE A . n 
A 1 80 ILE 80 77  77  ILE ILE A . n 
A 1 81 PRO 81 78  78  PRO PRO A . n 
A 1 82 ARG 82 79  79  ARG ARG A . n 
A 1 83 ASP 83 80  80  ASP ASP A . n 
A 1 84 ARG 84 81  81  ARG ARG A . n 
A 1 85 VAL 85 82  82  VAL VAL A . n 
A 1 86 GLY 86 83  83  GLY GLY A . n 
B 2 1  ASP 1  338 338 ASP ASP B . n 
B 2 2  ASN 2  339 339 ASN ASN B . n 
B 2 3  GLU 3  340 340 GLU GLU B . n 
B 2 4  TRP 4  341 341 TRP TRP B . n 
B 2 5  GLY 5  342 342 GLY GLY B . n 
B 2 6  ILE 6  343 343 ILE ILE B . n 
B 2 7  GLU 7  344 344 GLU GLU B . n 
B 2 8  LEU 8  345 345 LEU LEU B . n 
B 2 9  VAL 9  346 346 VAL VAL B . n 
C 1 1  GLY 1  -2  ?   ?   ?   C . n 
C 1 2  ALA 2  -1  ?   ?   ?   C . n 
C 1 3  MET 3  0   ?   ?   ?   C . n 
C 1 4  GLU 4  1   ?   ?   ?   C . n 
C 1 5  SER 5  2   2   SER SER C . n 
C 1 6  LYS 6  3   3   LYS LYS C . n 
C 1 7  VAL 7  4   4   VAL VAL C . n 
C 1 8  SER 8  5   5   SER SER C . n 
C 1 9  PHE 9  6   6   PHE PHE C . n 
C 1 10 LYS 10 7   7   LYS LYS C . n 
C 1 11 ILE 11 8   8   ILE ILE C . n 
C 1 12 THR 12 9   9   THR THR C . n 
C 1 13 LEU 13 10  10  LEU LEU C . n 
C 1 14 THR 14 11  11  THR THR C . n 
C 1 15 SER 15 12  12  SER SER C . n 
C 1 16 ASP 16 13  13  ASP ASP C . n 
C 1 17 PRO 17 14  14  PRO PRO C . n 
C 1 18 ARG 18 15  15  ARG ARG C . n 
C 1 19 LEU 19 16  16  LEU LEU C . n 
C 1 20 PRO 20 17  17  PRO PRO C . n 
C 1 21 TYR 21 18  18  TYR TYR C . n 
C 1 22 LYS 22 19  19  LYS LYS C . n 
C 1 23 VAL 23 20  20  VAL VAL C . n 
C 1 24 LEU 24 21  21  LEU LEU C . n 
C 1 25 SER 25 22  22  SER SER C . n 
C 1 26 VAL 26 23  23  VAL VAL C . n 
C 1 27 PRO 27 24  24  PRO PRO C . n 
C 1 28 GLU 28 25  25  GLU GLU C . n 
C 1 29 SER 29 26  26  SER SER C . n 
C 1 30 THR 30 27  27  THR THR C . n 
C 1 31 PRO 31 28  28  PRO PRO C . n 
C 1 32 PHE 32 29  29  PHE PHE C . n 
C 1 33 THR 33 30  30  THR THR C . n 
C 1 34 ALA 34 31  31  ALA ALA C . n 
C 1 35 VAL 35 32  32  VAL VAL C . n 
C 1 36 LEU 36 33  33  LEU LEU C . n 
C 1 37 LYS 37 34  34  LYS LYS C . n 
C 1 38 PHE 38 35  35  PHE PHE C . n 
C 1 39 ALA 39 36  36  ALA ALA C . n 
C 1 40 ALA 40 37  37  ALA ALA C . n 
C 1 41 GLU 41 38  38  GLU GLU C . n 
C 1 42 GLU 42 39  39  GLU GLU C . n 
C 1 43 PHE 43 40  40  PHE PHE C . n 
C 1 44 LYS 44 41  41  LYS LYS C . n 
C 1 45 VAL 45 42  42  VAL VAL C . n 
C 1 46 PRO 46 43  43  PRO PRO C . n 
C 1 47 ALA 47 44  44  ALA ALA C . n 
C 1 48 ALA 48 45  45  ALA ALA C . n 
C 1 49 THR 49 46  46  THR THR C . n 
C 1 50 SER 50 47  47  SER SER C . n 
C 1 51 ALA 51 48  48  ALA ALA C . n 
C 1 52 ILE 52 49  49  ILE ILE C . n 
C 1 53 ILE 53 50  50  ILE ILE C . n 
C 1 54 THR 54 51  51  THR THR C . n 
C 1 55 ASN 55 52  52  ASN ASN C . n 
C 1 56 ASP 56 53  53  ASP ASP C . n 
C 1 57 GLY 57 54  54  GLY GLY C . n 
C 1 58 ILE 58 55  55  ILE ILE C . n 
C 1 59 GLY 59 56  56  GLY GLY C . n 
C 1 60 ILE 60 57  57  ILE ILE C . n 
C 1 61 ASN 61 58  58  ASN ASN C . n 
C 1 62 PRO 62 59  59  PRO PRO C . n 
C 1 63 ALA 63 60  60  ALA ALA C . n 
C 1 64 GLN 64 61  61  GLN GLN C . n 
C 1 65 THR 65 62  62  THR THR C . n 
C 1 66 ALA 66 63  63  ALA ALA C . n 
C 1 67 GLY 67 64  64  GLY GLY C . n 
C 1 68 ASN 68 65  65  ASN ASN C . n 
C 1 69 VAL 69 66  66  VAL VAL C . n 
C 1 70 PHE 70 67  67  PHE PHE C . n 
C 1 71 LEU 71 68  68  LEU LEU C . n 
C 1 72 LYS 72 69  69  LYS LYS C . n 
C 1 73 HIS 73 70  70  HIS HIS C . n 
C 1 74 GLY 74 71  71  GLY GLY C . n 
C 1 75 SER 75 72  72  SER SER C . n 
C 1 76 GLU 76 73  73  GLU GLU C . n 
C 1 77 LEU 77 74  74  LEU LEU C . n 
C 1 78 ARG 78 75  75  ARG ARG C . n 
C 1 79 ILE 79 76  76  ILE ILE C . n 
C 1 80 ILE 80 77  77  ILE ILE C . n 
C 1 81 PRO 81 78  78  PRO PRO C . n 
C 1 82 ARG 82 79  79  ARG ARG C . n 
C 1 83 ASP 83 80  80  ASP ASP C . n 
C 1 84 ARG 84 81  ?   ?   ?   C . n 
C 1 85 VAL 85 82  ?   ?   ?   C . n 
C 1 86 GLY 86 83  ?   ?   ?   C . n 
# 
loop_
_pdbx_nonpoly_scheme.asym_id 
_pdbx_nonpoly_scheme.entity_id 
_pdbx_nonpoly_scheme.mon_id 
_pdbx_nonpoly_scheme.ndb_seq_num 
_pdbx_nonpoly_scheme.pdb_seq_num 
_pdbx_nonpoly_scheme.auth_seq_num 
_pdbx_nonpoly_scheme.pdb_mon_id 
_pdbx_nonpoly_scheme.auth_mon_id 
_pdbx_nonpoly_scheme.pdb_strand_id 
_pdbx_nonpoly_scheme.pdb_ins_code 
D 3 HOH 1  101 20 HOH HOH A . 
D 3 HOH 2  102 3  HOH HOH A . 
D 3 HOH 3  103 23 HOH HOH A . 
D 3 HOH 4  104 19 HOH HOH A . 
D 3 HOH 5  105 9  HOH HOH A . 
D 3 HOH 6  106 6  HOH HOH A . 
D 3 HOH 7  107 5  HOH HOH A . 
D 3 HOH 8  108 24 HOH HOH A . 
D 3 HOH 9  109 17 HOH HOH A . 
D 3 HOH 10 110 25 HOH HOH A . 
D 3 HOH 11 111 14 HOH HOH A . 
D 3 HOH 12 112 18 HOH HOH A . 
E 3 HOH 1  401 21 HOH HOH B . 
F 3 HOH 1  101 16 HOH HOH C . 
F 3 HOH 2  102 12 HOH HOH C . 
F 3 HOH 3  103 7  HOH HOH C . 
F 3 HOH 4  104 15 HOH HOH C . 
F 3 HOH 5  105 11 HOH HOH C . 
F 3 HOH 6  106 2  HOH HOH C . 
F 3 HOH 7  107 10 HOH HOH C . 
F 3 HOH 8  108 22 HOH HOH C . 
F 3 HOH 9  109 1  HOH HOH C . 
F 3 HOH 10 110 4  HOH HOH C . 
F 3 HOH 11 111 8  HOH HOH C . 
F 3 HOH 12 112 13 HOH HOH C . 
# 
loop_
_pdbx_unobs_or_zero_occ_atoms.id 
_pdbx_unobs_or_zero_occ_atoms.PDB_model_num 
_pdbx_unobs_or_zero_occ_atoms.polymer_flag 
_pdbx_unobs_or_zero_occ_atoms.occupancy_flag 
_pdbx_unobs_or_zero_occ_atoms.auth_asym_id 
_pdbx_unobs_or_zero_occ_atoms.auth_comp_id 
_pdbx_unobs_or_zero_occ_atoms.auth_seq_id 
_pdbx_unobs_or_zero_occ_atoms.PDB_ins_code 
_pdbx_unobs_or_zero_occ_atoms.auth_atom_id 
_pdbx_unobs_or_zero_occ_atoms.label_alt_id 
_pdbx_unobs_or_zero_occ_atoms.label_asym_id 
_pdbx_unobs_or_zero_occ_atoms.label_comp_id 
_pdbx_unobs_or_zero_occ_atoms.label_seq_id 
_pdbx_unobs_or_zero_occ_atoms.label_atom_id 
1 1 Y 1 A LYS 34 ? CG ? A LYS 37 CG 
2 1 Y 1 A LYS 34 ? CD ? A LYS 37 CD 
3 1 Y 1 A LYS 34 ? CE ? A LYS 37 CE 
4 1 Y 1 A LYS 34 ? NZ ? A LYS 37 NZ 
# 
loop_
_software.citation_id 
_software.classification 
_software.compiler_name 
_software.compiler_version 
_software.contact_author 
_software.contact_author_email 
_software.date 
_software.description 
_software.dependencies 
_software.hardware 
_software.language 
_software.location 
_software.mods 
_software.name 
_software.os 
_software.os_version 
_software.type 
_software.version 
_software.pdbx_ordinal 
? 'data scaling'    ? ? ? ? ? ? ? ? ? ? ? SCALA       ? ? ? .    1 
? refinement        ? ? ? ? ? ? ? ? ? ? ? PHENIX      ? ? ? .    2 
? 'data extraction' ? ? ? ? ? ? ? ? ? ? ? PDB_EXTRACT ? ? ? 3.15 3 
? 'data reduction'  ? ? ? ? ? ? ? ? ? ? ? XDS         ? ? ? .    4 
? phasing           ? ? ? ? ? ? ? ? ? ? ? MOLREP      ? ? ? .    5 
# 
_cell.angle_alpha                  90.000 
_cell.angle_alpha_esd              ? 
_cell.angle_beta                   90.000 
_cell.angle_beta_esd               ? 
_cell.angle_gamma                  120.000 
_cell.angle_gamma_esd              ? 
_cell.entry_id                     5HKH 
_cell.details                      ? 
_cell.formula_units_Z              ? 
_cell.length_a                     82.656 
_cell.length_a_esd                 ? 
_cell.length_b                     82.656 
_cell.length_b_esd                 ? 
_cell.length_c                     62.027 
_cell.length_c_esd                 ? 
_cell.volume                       ? 
_cell.volume_esd                   ? 
_cell.Z_PDB                        12 
_cell.reciprocal_angle_alpha       ? 
_cell.reciprocal_angle_beta        ? 
_cell.reciprocal_angle_gamma       ? 
_cell.reciprocal_angle_alpha_esd   ? 
_cell.reciprocal_angle_beta_esd    ? 
_cell.reciprocal_angle_gamma_esd   ? 
_cell.reciprocal_length_a          ? 
_cell.reciprocal_length_b          ? 
_cell.reciprocal_length_c          ? 
_cell.reciprocal_length_a_esd      ? 
_cell.reciprocal_length_b_esd      ? 
_cell.reciprocal_length_c_esd      ? 
_cell.pdbx_unique_axis             ? 
# 
_symmetry.entry_id                         5HKH 
_symmetry.cell_setting                     ? 
_symmetry.Int_Tables_number                154 
_symmetry.space_group_name_Hall            ? 
_symmetry.space_group_name_H-M             'P 32 2 1' 
_symmetry.pdbx_full_space_group_name_H-M   ? 
# 
_exptl.absorpt_coefficient_mu     ? 
_exptl.absorpt_correction_T_max   ? 
_exptl.absorpt_correction_T_min   ? 
_exptl.absorpt_correction_type    ? 
_exptl.absorpt_process_details    ? 
_exptl.entry_id                   5HKH 
_exptl.crystals_number            1 
_exptl.details                    ? 
_exptl.method                     'X-RAY DIFFRACTION' 
_exptl.method_details             ? 
# 
_exptl_crystal.colour                      ? 
_exptl_crystal.density_diffrn              ? 
_exptl_crystal.density_Matthews            3.14 
_exptl_crystal.density_method              ? 
_exptl_crystal.density_percent_sol         60.86 
_exptl_crystal.description                 ? 
_exptl_crystal.F_000                       ? 
_exptl_crystal.id                          1 
_exptl_crystal.preparation                 ? 
_exptl_crystal.size_max                    ? 
_exptl_crystal.size_mid                    ? 
_exptl_crystal.size_min                    ? 
_exptl_crystal.size_rad                    ? 
_exptl_crystal.colour_lustre               ? 
_exptl_crystal.colour_modifier             ? 
_exptl_crystal.colour_primary              ? 
_exptl_crystal.density_meas                ? 
_exptl_crystal.density_meas_esd            ? 
_exptl_crystal.density_meas_gt             ? 
_exptl_crystal.density_meas_lt             ? 
_exptl_crystal.density_meas_temp           ? 
_exptl_crystal.density_meas_temp_esd       ? 
_exptl_crystal.density_meas_temp_gt        ? 
_exptl_crystal.density_meas_temp_lt        ? 
_exptl_crystal.pdbx_crystal_image_url      ? 
_exptl_crystal.pdbx_crystal_image_format   ? 
_exptl_crystal.pdbx_mosaicity              ? 
_exptl_crystal.pdbx_mosaicity_esd          ? 
# 
_exptl_crystal_grow.apparatus       ? 
_exptl_crystal_grow.atmosphere      ? 
_exptl_crystal_grow.crystal_id      1 
_exptl_crystal_grow.details         ? 
_exptl_crystal_grow.method          'VAPOR DIFFUSION, SITTING DROP' 
_exptl_crystal_grow.method_ref      ? 
_exptl_crystal_grow.pH              ? 
_exptl_crystal_grow.pressure        ? 
_exptl_crystal_grow.pressure_esd    ? 
_exptl_crystal_grow.seeding         ? 
_exptl_crystal_grow.seeding_ref     ? 
_exptl_crystal_grow.temp            293 
_exptl_crystal_grow.temp_details    ? 
_exptl_crystal_grow.temp_esd        ? 
_exptl_crystal_grow.time            ? 
_exptl_crystal_grow.pdbx_details    
'0.2 M ammonium acetate, 0.01 M magnesium acetate, 30% polyethylene glycol 8000, 0.05 M sodium cacodylate, pH 8.0' 
_exptl_crystal_grow.pdbx_pH_range   ? 
# 
_diffrn.ambient_environment    ? 
_diffrn.ambient_temp           77 
_diffrn.ambient_temp_details   ? 
_diffrn.ambient_temp_esd       ? 
_diffrn.crystal_id             1 
_diffrn.crystal_support        ? 
_diffrn.crystal_treatment      ? 
_diffrn.details                ? 
_diffrn.id                     1 
_diffrn.ambient_pressure       ? 
_diffrn.ambient_pressure_esd   ? 
_diffrn.ambient_pressure_gt    ? 
_diffrn.ambient_pressure_lt    ? 
_diffrn.ambient_temp_gt        ? 
_diffrn.ambient_temp_lt        ? 
# 
_diffrn_detector.details                      ? 
_diffrn_detector.detector                     PIXEL 
_diffrn_detector.diffrn_id                    1 
_diffrn_detector.type                         'DECTRIS PILATUS 2M' 
_diffrn_detector.area_resol_mean              ? 
_diffrn_detector.dtime                        ? 
_diffrn_detector.pdbx_frames_total            ? 
_diffrn_detector.pdbx_collection_time_total   ? 
_diffrn_detector.pdbx_collection_date         2014-12-12 
# 
_diffrn_radiation.collimation                      ? 
_diffrn_radiation.diffrn_id                        1 
_diffrn_radiation.filter_edge                      ? 
_diffrn_radiation.inhomogeneity                    ? 
_diffrn_radiation.monochromator                    ? 
_diffrn_radiation.polarisn_norm                    ? 
_diffrn_radiation.polarisn_ratio                   ? 
_diffrn_radiation.probe                            ? 
_diffrn_radiation.type                             ? 
_diffrn_radiation.xray_symbol                      ? 
_diffrn_radiation.wavelength_id                    1 
_diffrn_radiation.pdbx_monochromatic_or_laue_m_l   M 
_diffrn_radiation.pdbx_wavelength_list             ? 
_diffrn_radiation.pdbx_wavelength                  ? 
_diffrn_radiation.pdbx_diffrn_protocol             'SINGLE WAVELENGTH' 
_diffrn_radiation.pdbx_analyzer                    ? 
_diffrn_radiation.pdbx_scattering_type             x-ray 
# 
_diffrn_radiation_wavelength.id           1 
_diffrn_radiation_wavelength.wavelength   1.072 
_diffrn_radiation_wavelength.wt           1.0 
# 
_diffrn_source.current                     ? 
_diffrn_source.details                     ? 
_diffrn_source.diffrn_id                   1 
_diffrn_source.power                       ? 
_diffrn_source.size                        ? 
_diffrn_source.source                      SYNCHROTRON 
_diffrn_source.target                      ? 
_diffrn_source.type                        'SLS BEAMLINE X06DA' 
_diffrn_source.voltage                     ? 
_diffrn_source.take-off_angle              ? 
_diffrn_source.pdbx_wavelength_list        1.072 
_diffrn_source.pdbx_wavelength             ? 
_diffrn_source.pdbx_synchrotron_beamline   X06DA 
_diffrn_source.pdbx_synchrotron_site       SLS 
# 
_reflns.B_iso_Wilson_estimate            ? 
_reflns.entry_id                         5HKH 
_reflns.data_reduction_details           ? 
_reflns.data_reduction_method            ? 
_reflns.d_resolution_high                2.55 
_reflns.d_resolution_low                 46.88 
_reflns.details                          ? 
_reflns.limit_h_max                      ? 
_reflns.limit_h_min                      ? 
_reflns.limit_k_max                      ? 
_reflns.limit_k_min                      ? 
_reflns.limit_l_max                      ? 
_reflns.limit_l_min                      ? 
_reflns.number_all                       ? 
_reflns.number_obs                       8280 
_reflns.observed_criterion               ? 
_reflns.observed_criterion_F_max         ? 
_reflns.observed_criterion_F_min         ? 
_reflns.observed_criterion_I_max         ? 
_reflns.observed_criterion_I_min         ? 
_reflns.observed_criterion_sigma_F       ? 
_reflns.observed_criterion_sigma_I       ? 
_reflns.percent_possible_obs             100 
_reflns.R_free_details                   ? 
_reflns.Rmerge_F_all                     ? 
_reflns.Rmerge_F_obs                     ? 
_reflns.Friedel_coverage                 ? 
_reflns.number_gt                        ? 
_reflns.threshold_expression             ? 
_reflns.pdbx_redundancy                  19.4 
_reflns.pdbx_Rmerge_I_obs                ? 
_reflns.pdbx_Rmerge_I_all                ? 
_reflns.pdbx_Rsym_value                  ? 
_reflns.pdbx_netI_over_av_sigmaI         ? 
_reflns.pdbx_netI_over_sigmaI            41.5 
_reflns.pdbx_res_netI_over_av_sigmaI_2   ? 
_reflns.pdbx_res_netI_over_sigmaI_2      ? 
_reflns.pdbx_chi_squared                 ? 
_reflns.pdbx_scaling_rejects             ? 
_reflns.pdbx_d_res_high_opt              ? 
_reflns.pdbx_d_res_low_opt               ? 
_reflns.pdbx_d_res_opt_method            ? 
_reflns.phase_calculation_details        ? 
_reflns.pdbx_Rrim_I_all                  ? 
_reflns.pdbx_Rpim_I_all                  ? 
_reflns.pdbx_d_opt                       ? 
_reflns.pdbx_number_measured_all         ? 
_reflns.pdbx_diffrn_id                   1 
_reflns.pdbx_ordinal                     1 
_reflns.pdbx_CC_half                     ? 
_reflns.pdbx_R_split                     ? 
# 
_refine.aniso_B[1][1]                            ? 
_refine.aniso_B[1][2]                            ? 
_refine.aniso_B[1][3]                            ? 
_refine.aniso_B[2][2]                            ? 
_refine.aniso_B[2][3]                            ? 
_refine.aniso_B[3][3]                            ? 
_refine.B_iso_max                                85.390 
_refine.B_iso_mean                               47.3100 
_refine.B_iso_min                                28.330 
_refine.correlation_coeff_Fo_to_Fc               ? 
_refine.correlation_coeff_Fo_to_Fc_free          ? 
_refine.details                                  ? 
_refine.diff_density_max                         ? 
_refine.diff_density_max_esd                     ? 
_refine.diff_density_min                         ? 
_refine.diff_density_min_esd                     ? 
_refine.diff_density_rms                         ? 
_refine.diff_density_rms_esd                     ? 
_refine.entry_id                                 5HKH 
_refine.pdbx_refine_id                           'X-RAY DIFFRACTION' 
_refine.ls_abs_structure_details                 ? 
_refine.ls_abs_structure_Flack                   ? 
_refine.ls_abs_structure_Flack_esd               ? 
_refine.ls_abs_structure_Rogers                  ? 
_refine.ls_abs_structure_Rogers_esd              ? 
_refine.ls_d_res_high                            2.5500 
_refine.ls_d_res_low                             46.8770 
_refine.ls_extinction_coef                       ? 
_refine.ls_extinction_coef_esd                   ? 
_refine.ls_extinction_expression                 ? 
_refine.ls_extinction_method                     ? 
_refine.ls_goodness_of_fit_all                   ? 
_refine.ls_goodness_of_fit_all_esd               ? 
_refine.ls_goodness_of_fit_obs                   ? 
_refine.ls_goodness_of_fit_obs_esd               ? 
_refine.ls_hydrogen_treatment                    ? 
_refine.ls_matrix_type                           ? 
_refine.ls_number_constraints                    ? 
_refine.ls_number_parameters                     ? 
_refine.ls_number_reflns_all                     ? 
_refine.ls_number_reflns_obs                     8261 
_refine.ls_number_reflns_R_free                  810 
_refine.ls_number_reflns_R_work                  ? 
_refine.ls_number_restraints                     ? 
_refine.ls_percent_reflns_obs                    99.9500 
_refine.ls_percent_reflns_R_free                 9.8100 
_refine.ls_R_factor_all                          ? 
_refine.ls_R_factor_obs                          0.1984 
_refine.ls_R_factor_R_free                       0.2476 
_refine.ls_R_factor_R_free_error                 ? 
_refine.ls_R_factor_R_free_error_details         ? 
_refine.ls_R_factor_R_work                       0.1931 
_refine.ls_R_Fsqd_factor_obs                     ? 
_refine.ls_R_I_factor_obs                        ? 
_refine.ls_redundancy_reflns_all                 ? 
_refine.ls_redundancy_reflns_obs                 ? 
_refine.ls_restrained_S_all                      ? 
_refine.ls_restrained_S_obs                      ? 
_refine.ls_shift_over_esd_max                    ? 
_refine.ls_shift_over_esd_mean                   ? 
_refine.ls_structure_factor_coef                 ? 
_refine.ls_weighting_details                     ? 
_refine.ls_weighting_scheme                      ? 
_refine.ls_wR_factor_all                         ? 
_refine.ls_wR_factor_obs                         ? 
_refine.ls_wR_factor_R_free                      ? 
_refine.ls_wR_factor_R_work                      ? 
_refine.occupancy_max                            ? 
_refine.occupancy_min                            ? 
_refine.solvent_model_details                    ? 
_refine.solvent_model_param_bsol                 ? 
_refine.solvent_model_param_ksol                 ? 
_refine.ls_R_factor_gt                           ? 
_refine.ls_goodness_of_fit_gt                    ? 
_refine.ls_goodness_of_fit_ref                   ? 
_refine.ls_shift_over_su_max                     ? 
_refine.ls_shift_over_su_max_lt                  ? 
_refine.ls_shift_over_su_mean                    ? 
_refine.ls_shift_over_su_mean_lt                 ? 
_refine.pdbx_ls_sigma_I                          ? 
_refine.pdbx_ls_sigma_F                          1.340 
_refine.pdbx_ls_sigma_Fsqd                       ? 
_refine.pdbx_data_cutoff_high_absF               ? 
_refine.pdbx_data_cutoff_high_rms_absF           ? 
_refine.pdbx_data_cutoff_low_absF                ? 
_refine.pdbx_isotropic_thermal_model             ? 
_refine.pdbx_ls_cross_valid_method               'FREE R-VALUE' 
_refine.pdbx_method_to_determine_struct          'MOLECULAR REPLACEMENT' 
_refine.pdbx_starting_model                      1WXS 
_refine.pdbx_stereochemistry_target_values       ? 
_refine.pdbx_R_Free_selection_details            ? 
_refine.pdbx_stereochem_target_val_spec_case     ? 
_refine.pdbx_overall_ESU_R                       ? 
_refine.pdbx_overall_ESU_R_Free                  ? 
_refine.pdbx_solvent_vdw_probe_radii             1.1100 
_refine.pdbx_solvent_ion_probe_radii             ? 
_refine.pdbx_solvent_shrinkage_radii             0.9000 
_refine.pdbx_real_space_R                        ? 
_refine.pdbx_density_correlation                 ? 
_refine.pdbx_pd_number_of_powder_patterns        ? 
_refine.pdbx_pd_number_of_points                 ? 
_refine.pdbx_pd_meas_number_of_points            ? 
_refine.pdbx_pd_proc_ls_prof_R_factor            ? 
_refine.pdbx_pd_proc_ls_prof_wR_factor           ? 
_refine.pdbx_pd_Marquardt_correlation_coeff      ? 
_refine.pdbx_pd_Fsqrd_R_factor                   ? 
_refine.pdbx_pd_ls_matrix_band_width             ? 
_refine.pdbx_overall_phase_error                 25.0800 
_refine.pdbx_overall_SU_R_free_Cruickshank_DPI   ? 
_refine.pdbx_overall_SU_R_free_Blow_DPI          ? 
_refine.pdbx_overall_SU_R_Blow_DPI               ? 
_refine.pdbx_TLS_residual_ADP_flag               ? 
_refine.pdbx_diffrn_id                           1 
_refine.overall_SU_B                             ? 
_refine.overall_SU_ML                            0.2500 
_refine.overall_SU_R_Cruickshank_DPI             ? 
_refine.overall_SU_R_free                        ? 
_refine.overall_FOM_free_R_set                   ? 
_refine.overall_FOM_work_R_set                   ? 
_refine.pdbx_average_fsc_overall                 ? 
_refine.pdbx_average_fsc_work                    ? 
_refine.pdbx_average_fsc_free                    ? 
# 
_refine_hist.cycle_id                         final 
_refine_hist.pdbx_refine_id                   'X-RAY DIFFRACTION' 
_refine_hist.d_res_high                       2.5500 
_refine_hist.d_res_low                        46.8770 
_refine_hist.pdbx_number_atoms_ligand         0 
_refine_hist.number_atoms_solvent             25 
_refine_hist.number_atoms_total               1342 
_refine_hist.pdbx_number_residues_total       174 
_refine_hist.pdbx_B_iso_mean_solvent          47.14 
_refine_hist.pdbx_number_atoms_protein        1317 
_refine_hist.pdbx_number_atoms_nucleic_acid   0 
# 
loop_
_refine_ls_restr.pdbx_refine_id 
_refine_ls_restr.criterion 
_refine_ls_restr.dev_ideal 
_refine_ls_restr.dev_ideal_target 
_refine_ls_restr.number 
_refine_ls_restr.rejects 
_refine_ls_restr.type 
_refine_ls_restr.weight 
_refine_ls_restr.pdbx_restraint_function 
'X-RAY DIFFRACTION' ? 0.010  ? 1344 ? f_bond_d           ? ? 
'X-RAY DIFFRACTION' ? 1.258  ? 1828 ? f_angle_d          ? ? 
'X-RAY DIFFRACTION' ? 0.076  ? 219  ? f_chiral_restr     ? ? 
'X-RAY DIFFRACTION' ? 0.006  ? 234  ? f_plane_restr      ? ? 
'X-RAY DIFFRACTION' ? 14.445 ? 492  ? f_dihedral_angle_d ? ? 
# 
loop_
_refine_ls_shell.pdbx_refine_id 
_refine_ls_shell.d_res_high 
_refine_ls_shell.d_res_low 
_refine_ls_shell.number_reflns_all 
_refine_ls_shell.number_reflns_obs 
_refine_ls_shell.number_reflns_R_free 
_refine_ls_shell.number_reflns_R_work 
_refine_ls_shell.percent_reflns_obs 
_refine_ls_shell.percent_reflns_R_free 
_refine_ls_shell.R_factor_all 
_refine_ls_shell.R_factor_obs 
_refine_ls_shell.R_factor_R_free 
_refine_ls_shell.R_factor_R_free_error 
_refine_ls_shell.R_factor_R_work 
_refine_ls_shell.redundancy_reflns_all 
_refine_ls_shell.redundancy_reflns_obs 
_refine_ls_shell.wR_factor_all 
_refine_ls_shell.wR_factor_obs 
_refine_ls_shell.wR_factor_R_free 
_refine_ls_shell.wR_factor_R_work 
_refine_ls_shell.pdbx_total_number_of_bins_used 
_refine_ls_shell.pdbx_phase_error 
_refine_ls_shell.pdbx_fsc_work 
_refine_ls_shell.pdbx_fsc_free 
'X-RAY DIFFRACTION' 2.5502 2.7099  1366 . 126 1240 100.0000 . . . 0.3051 . 0.2416 . . . . . . 6 . . . 
'X-RAY DIFFRACTION' 2.7099 2.9191  1330 . 130 1200 100.0000 . . . 0.3364 . 0.2410 . . . . . . 6 . . . 
'X-RAY DIFFRACTION' 2.9191 3.2128  1362 . 143 1219 100.0000 . . . 0.2779 . 0.2277 . . . . . . 6 . . . 
'X-RAY DIFFRACTION' 3.2128 3.6776  1375 . 151 1224 100.0000 . . . 0.2729 . 0.2117 . . . . . . 6 . . . 
'X-RAY DIFFRACTION' 3.6776 4.6327  1380 . 112 1268 100.0000 . . . 0.2032 . 0.1643 . . . . . . 6 . . . 
'X-RAY DIFFRACTION' 4.6327 46.8846 1448 . 148 1300 100.0000 . . . 0.2307 . 0.1815 . . . . . . 6 . . . 
# 
_struct.entry_id                     5HKH 
_struct.title                        'Crystal structure of Ufm1 in complex with UBA5' 
_struct.pdbx_model_details           ? 
_struct.pdbx_formula_weight          ? 
_struct.pdbx_formula_weight_method   ? 
_struct.pdbx_model_type_details      ? 
_struct.pdbx_CASP_flag               ? 
# 
_struct_keywords.entry_id        5HKH 
_struct_keywords.text            'signaling protein' 
_struct_keywords.pdbx_keywords   'SIGNALING PROTEIN' 
# 
loop_
_struct_asym.id 
_struct_asym.pdbx_blank_PDB_chainid_flag 
_struct_asym.pdbx_modified 
_struct_asym.entity_id 
_struct_asym.details 
A N N 1 ? 
B N N 2 ? 
C N N 1 ? 
D N N 3 ? 
E N N 3 ? 
F N N 3 ? 
# 
loop_
_struct_ref.id 
_struct_ref.db_name 
_struct_ref.db_code 
_struct_ref.pdbx_db_accession 
_struct_ref.pdbx_db_isoform 
_struct_ref.entity_id 
_struct_ref.pdbx_seq_one_letter_code 
_struct_ref.pdbx_align_begin 
1 UNP UFM1_HUMAN P61960 ? 1 
;SKVSFKITLTSDPRLPYKVLSVPESTPFTAVLKFAAEEFKVPAATSAIITNDGIGINPAQTAGNVFLKHGSELRIIPRDR
VG
;
2 
2 PDB 5HKH       5HKH   ? 2 ?                                                                                     1 
# 
loop_
_struct_ref_seq.align_id 
_struct_ref_seq.ref_id 
_struct_ref_seq.pdbx_PDB_id_code 
_struct_ref_seq.pdbx_strand_id 
_struct_ref_seq.seq_align_beg 
_struct_ref_seq.pdbx_seq_align_beg_ins_code 
_struct_ref_seq.seq_align_end 
_struct_ref_seq.pdbx_seq_align_end_ins_code 
_struct_ref_seq.pdbx_db_accession 
_struct_ref_seq.db_align_beg 
_struct_ref_seq.pdbx_db_align_beg_ins_code 
_struct_ref_seq.db_align_end 
_struct_ref_seq.pdbx_db_align_end_ins_code 
_struct_ref_seq.pdbx_auth_seq_align_beg 
_struct_ref_seq.pdbx_auth_seq_align_end 
1 1 5HKH A 5 ? 86 ? P61960 2   ? 83  ? 2   83  
2 2 5HKH B 1 ? 9  ? 5HKH   338 ? 346 ? 338 346 
3 1 5HKH C 5 ? 86 ? P61960 2   ? 83  ? 2   83  
# 
loop_
_struct_ref_seq_dif.align_id 
_struct_ref_seq_dif.pdbx_pdb_id_code 
_struct_ref_seq_dif.mon_id 
_struct_ref_seq_dif.pdbx_pdb_strand_id 
_struct_ref_seq_dif.seq_num 
_struct_ref_seq_dif.pdbx_pdb_ins_code 
_struct_ref_seq_dif.pdbx_seq_db_name 
_struct_ref_seq_dif.pdbx_seq_db_accession_code 
_struct_ref_seq_dif.db_mon_id 
_struct_ref_seq_dif.pdbx_seq_db_seq_num 
_struct_ref_seq_dif.details 
_struct_ref_seq_dif.pdbx_auth_seq_num 
_struct_ref_seq_dif.pdbx_ordinal 
1 5HKH GLY A 1 ? UNP P61960 ? ? 'expression tag' -2 1 
1 5HKH ALA A 2 ? UNP P61960 ? ? 'expression tag' -1 2 
1 5HKH MET A 3 ? UNP P61960 ? ? 'expression tag' 0  3 
1 5HKH GLU A 4 ? UNP P61960 ? ? 'expression tag' 1  4 
3 5HKH GLY C 1 ? UNP P61960 ? ? 'expression tag' -2 5 
3 5HKH ALA C 2 ? UNP P61960 ? ? 'expression tag' -1 6 
3 5HKH MET C 3 ? UNP P61960 ? ? 'expression tag' 0  7 
3 5HKH GLU C 4 ? UNP P61960 ? ? 'expression tag' 1  8 
# 
_pdbx_struct_assembly.id                   1 
_pdbx_struct_assembly.details              author_and_software_defined_assembly 
_pdbx_struct_assembly.method_details       PISA 
_pdbx_struct_assembly.oligomeric_details   trimeric 
_pdbx_struct_assembly.oligomeric_count     3 
# 
loop_
_pdbx_struct_assembly_prop.biol_id 
_pdbx_struct_assembly_prop.type 
_pdbx_struct_assembly_prop.value 
_pdbx_struct_assembly_prop.details 
1 'ABSA (A^2)' 1860 ? 
1 MORE         -10  ? 
1 'SSA (A^2)'  9740 ? 
# 
_pdbx_struct_assembly_gen.assembly_id       1 
_pdbx_struct_assembly_gen.oper_expression   1 
_pdbx_struct_assembly_gen.asym_id_list      A,B,C,D,E,F 
# 
_pdbx_struct_oper_list.id                   1 
_pdbx_struct_oper_list.type                 'identity operation' 
_pdbx_struct_oper_list.name                 1_555 
_pdbx_struct_oper_list.symmetry_operation   x,y,z 
_pdbx_struct_oper_list.matrix[1][1]         1.0000000000 
_pdbx_struct_oper_list.matrix[1][2]         0.0000000000 
_pdbx_struct_oper_list.matrix[1][3]         0.0000000000 
_pdbx_struct_oper_list.vector[1]            0.0000000000 
_pdbx_struct_oper_list.matrix[2][1]         0.0000000000 
_pdbx_struct_oper_list.matrix[2][2]         1.0000000000 
_pdbx_struct_oper_list.matrix[2][3]         0.0000000000 
_pdbx_struct_oper_list.vector[2]            0.0000000000 
_pdbx_struct_oper_list.matrix[3][1]         0.0000000000 
_pdbx_struct_oper_list.matrix[3][2]         0.0000000000 
_pdbx_struct_oper_list.matrix[3][3]         1.0000000000 
_pdbx_struct_oper_list.vector[3]            0.0000000000 
# 
loop_
_struct_conf.conf_type_id 
_struct_conf.id 
_struct_conf.pdbx_PDB_helix_id 
_struct_conf.beg_label_comp_id 
_struct_conf.beg_label_asym_id 
_struct_conf.beg_label_seq_id 
_struct_conf.pdbx_beg_PDB_ins_code 
_struct_conf.end_label_comp_id 
_struct_conf.end_label_asym_id 
_struct_conf.end_label_seq_id 
_struct_conf.pdbx_end_PDB_ins_code 
_struct_conf.beg_auth_comp_id 
_struct_conf.beg_auth_asym_id 
_struct_conf.beg_auth_seq_id 
_struct_conf.end_auth_comp_id 
_struct_conf.end_auth_asym_id 
_struct_conf.end_auth_seq_id 
_struct_conf.pdbx_PDB_helix_class 
_struct_conf.details 
_struct_conf.pdbx_PDB_helix_length 
HELX_P HELX_P1 AA1 PRO A 31 ? PHE A 43 ? PRO A 28 PHE A 40 1 ? 13 
HELX_P HELX_P2 AA2 THR A 65 ? GLY A 74 ? THR A 62 GLY A 71 1 ? 10 
HELX_P HELX_P3 AA3 PRO C 31 ? LYS C 44 ? PRO C 28 LYS C 41 1 ? 14 
HELX_P HELX_P4 AA4 THR C 65 ? GLY C 74 ? THR C 62 GLY C 71 1 ? 10 
# 
_struct_conf_type.id          HELX_P 
_struct_conf_type.criteria    ? 
_struct_conf_type.reference   ? 
# 
loop_
_struct_sheet.id 
_struct_sheet.type 
_struct_sheet.number_strands 
_struct_sheet.details 
AA1 ? 5 ? 
AA2 ? 4 ? 
# 
loop_
_struct_sheet_order.sheet_id 
_struct_sheet_order.range_id_1 
_struct_sheet_order.range_id_2 
_struct_sheet_order.offset 
_struct_sheet_order.sense 
AA1 1 2 ? anti-parallel 
AA1 2 3 ? parallel      
AA1 3 4 ? anti-parallel 
AA1 4 5 ? anti-parallel 
AA2 1 2 ? anti-parallel 
AA2 2 3 ? parallel      
AA2 3 4 ? anti-parallel 
# 
loop_
_struct_sheet_range.sheet_id 
_struct_sheet_range.id 
_struct_sheet_range.beg_label_comp_id 
_struct_sheet_range.beg_label_asym_id 
_struct_sheet_range.beg_label_seq_id 
_struct_sheet_range.pdbx_beg_PDB_ins_code 
_struct_sheet_range.end_label_comp_id 
_struct_sheet_range.end_label_asym_id 
_struct_sheet_range.end_label_seq_id 
_struct_sheet_range.pdbx_end_PDB_ins_code 
_struct_sheet_range.beg_auth_comp_id 
_struct_sheet_range.beg_auth_asym_id 
_struct_sheet_range.beg_auth_seq_id 
_struct_sheet_range.end_auth_comp_id 
_struct_sheet_range.end_auth_asym_id 
_struct_sheet_range.end_auth_seq_id 
AA1 1 ALA A 51 ? THR A 54 ? ALA A 48  THR A 51  
AA1 2 GLU A 76 ? ILE A 80 ? GLU A 73  ILE A 77  
AA1 3 LYS A 6  ? THR A 12 ? LYS A 3   THR A 9   
AA1 4 TYR A 21 ? PRO A 27 ? TYR A 18  PRO A 24  
AA1 5 GLU B 7  ? LEU B 8  ? GLU B 344 LEU B 345 
AA2 1 TYR C 21 ? PRO C 27 ? TYR C 18  PRO C 24  
AA2 2 LYS C 6  ? THR C 12 ? LYS C 3   THR C 9   
AA2 3 GLU C 76 ? ILE C 80 ? GLU C 73  ILE C 77  
AA2 4 ALA C 51 ? THR C 54 ? ALA C 48  THR C 51  
# 
loop_
_pdbx_struct_sheet_hbond.sheet_id 
_pdbx_struct_sheet_hbond.range_id_1 
_pdbx_struct_sheet_hbond.range_id_2 
_pdbx_struct_sheet_hbond.range_1_label_atom_id 
_pdbx_struct_sheet_hbond.range_1_label_comp_id 
_pdbx_struct_sheet_hbond.range_1_label_asym_id 
_pdbx_struct_sheet_hbond.range_1_label_seq_id 
_pdbx_struct_sheet_hbond.range_1_PDB_ins_code 
_pdbx_struct_sheet_hbond.range_1_auth_atom_id 
_pdbx_struct_sheet_hbond.range_1_auth_comp_id 
_pdbx_struct_sheet_hbond.range_1_auth_asym_id 
_pdbx_struct_sheet_hbond.range_1_auth_seq_id 
_pdbx_struct_sheet_hbond.range_2_label_atom_id 
_pdbx_struct_sheet_hbond.range_2_label_comp_id 
_pdbx_struct_sheet_hbond.range_2_label_asym_id 
_pdbx_struct_sheet_hbond.range_2_label_seq_id 
_pdbx_struct_sheet_hbond.range_2_PDB_ins_code 
_pdbx_struct_sheet_hbond.range_2_auth_atom_id 
_pdbx_struct_sheet_hbond.range_2_auth_comp_id 
_pdbx_struct_sheet_hbond.range_2_auth_asym_id 
_pdbx_struct_sheet_hbond.range_2_auth_seq_id 
AA1 1 2 N ALA A 51 ? N ALA A 48 O ILE A 80 ? O ILE A 77  
AA1 2 3 O ILE A 79 ? O ILE A 76 N THR A 12 ? N THR A 9   
AA1 3 4 N VAL A 7  ? N VAL A 4  O VAL A 26 ? O VAL A 23  
AA1 4 5 N SER A 25 ? N SER A 22 O GLU B 7  ? O GLU B 344 
AA2 1 2 O LYS C 22 ? O LYS C 19 N ILE C 11 ? N ILE C 8   
AA2 2 3 N THR C 12 ? N THR C 9  O LEU C 77 ? O LEU C 74  
AA2 3 4 O ILE C 80 ? O ILE C 77 N ALA C 51 ? N ALA C 48  
# 
loop_
_pdbx_validate_torsion.id 
_pdbx_validate_torsion.PDB_model_num 
_pdbx_validate_torsion.auth_comp_id 
_pdbx_validate_torsion.auth_asym_id 
_pdbx_validate_torsion.auth_seq_id 
_pdbx_validate_torsion.PDB_ins_code 
_pdbx_validate_torsion.label_alt_id 
_pdbx_validate_torsion.phi 
_pdbx_validate_torsion.psi 
1 1 GLU C 25 ? ? -57.16 -4.23  
2 1 THR C 27 ? ? -34.81 131.56 
# 
_pdbx_struct_special_symmetry.id              1 
_pdbx_struct_special_symmetry.PDB_model_num   1 
_pdbx_struct_special_symmetry.auth_asym_id    A 
_pdbx_struct_special_symmetry.auth_comp_id    HOH 
_pdbx_struct_special_symmetry.auth_seq_id     108 
_pdbx_struct_special_symmetry.PDB_ins_code    ? 
_pdbx_struct_special_symmetry.label_asym_id   D 
_pdbx_struct_special_symmetry.label_comp_id   HOH 
_pdbx_struct_special_symmetry.label_seq_id    . 
# 
loop_
_pdbx_unobs_or_zero_occ_residues.id 
_pdbx_unobs_or_zero_occ_residues.PDB_model_num 
_pdbx_unobs_or_zero_occ_residues.polymer_flag 
_pdbx_unobs_or_zero_occ_residues.occupancy_flag 
_pdbx_unobs_or_zero_occ_residues.auth_asym_id 
_pdbx_unobs_or_zero_occ_residues.auth_comp_id 
_pdbx_unobs_or_zero_occ_residues.auth_seq_id 
_pdbx_unobs_or_zero_occ_residues.PDB_ins_code 
_pdbx_unobs_or_zero_occ_residues.label_asym_id 
_pdbx_unobs_or_zero_occ_residues.label_comp_id 
_pdbx_unobs_or_zero_occ_residues.label_seq_id 
1 1 Y 1 C GLY -2 ? C GLY 1  
2 1 Y 1 C ALA -1 ? C ALA 2  
3 1 Y 1 C MET 0  ? C MET 3  
4 1 Y 1 C GLU 1  ? C GLU 4  
5 1 Y 1 C ARG 81 ? C ARG 84 
6 1 Y 1 C VAL 82 ? C VAL 85 
7 1 Y 1 C GLY 83 ? C GLY 86 
# 
loop_
_chem_comp_atom.comp_id 
_chem_comp_atom.atom_id 
_chem_comp_atom.type_symbol 
_chem_comp_atom.pdbx_aromatic_flag 
_chem_comp_atom.pdbx_stereo_config 
_chem_comp_atom.pdbx_ordinal 
ALA N    N N N 1   
ALA CA   C N S 2   
ALA C    C N N 3   
ALA O    O N N 4   
ALA CB   C N N 5   
ALA OXT  O N N 6   
ALA H    H N N 7   
ALA H2   H N N 8   
ALA HA   H N N 9   
ALA HB1  H N N 10  
ALA HB2  H N N 11  
ALA HB3  H N N 12  
ALA HXT  H N N 13  
ARG N    N N N 14  
ARG CA   C N S 15  
ARG C    C N N 16  
ARG O    O N N 17  
ARG CB   C N N 18  
ARG CG   C N N 19  
ARG CD   C N N 20  
ARG NE   N N N 21  
ARG CZ   C N N 22  
ARG NH1  N N N 23  
ARG NH2  N N N 24  
ARG OXT  O N N 25  
ARG H    H N N 26  
ARG H2   H N N 27  
ARG HA   H N N 28  
ARG HB2  H N N 29  
ARG HB3  H N N 30  
ARG HG2  H N N 31  
ARG HG3  H N N 32  
ARG HD2  H N N 33  
ARG HD3  H N N 34  
ARG HE   H N N 35  
ARG HH11 H N N 36  
ARG HH12 H N N 37  
ARG HH21 H N N 38  
ARG HH22 H N N 39  
ARG HXT  H N N 40  
ASN N    N N N 41  
ASN CA   C N S 42  
ASN C    C N N 43  
ASN O    O N N 44  
ASN CB   C N N 45  
ASN CG   C N N 46  
ASN OD1  O N N 47  
ASN ND2  N N N 48  
ASN OXT  O N N 49  
ASN H    H N N 50  
ASN H2   H N N 51  
ASN HA   H N N 52  
ASN HB2  H N N 53  
ASN HB3  H N N 54  
ASN HD21 H N N 55  
ASN HD22 H N N 56  
ASN HXT  H N N 57  
ASP N    N N N 58  
ASP CA   C N S 59  
ASP C    C N N 60  
ASP O    O N N 61  
ASP CB   C N N 62  
ASP CG   C N N 63  
ASP OD1  O N N 64  
ASP OD2  O N N 65  
ASP OXT  O N N 66  
ASP H    H N N 67  
ASP H2   H N N 68  
ASP HA   H N N 69  
ASP HB2  H N N 70  
ASP HB3  H N N 71  
ASP HD2  H N N 72  
ASP HXT  H N N 73  
GLN N    N N N 74  
GLN CA   C N S 75  
GLN C    C N N 76  
GLN O    O N N 77  
GLN CB   C N N 78  
GLN CG   C N N 79  
GLN CD   C N N 80  
GLN OE1  O N N 81  
GLN NE2  N N N 82  
GLN OXT  O N N 83  
GLN H    H N N 84  
GLN H2   H N N 85  
GLN HA   H N N 86  
GLN HB2  H N N 87  
GLN HB3  H N N 88  
GLN HG2  H N N 89  
GLN HG3  H N N 90  
GLN HE21 H N N 91  
GLN HE22 H N N 92  
GLN HXT  H N N 93  
GLU N    N N N 94  
GLU CA   C N S 95  
GLU C    C N N 96  
GLU O    O N N 97  
GLU CB   C N N 98  
GLU CG   C N N 99  
GLU CD   C N N 100 
GLU OE1  O N N 101 
GLU OE2  O N N 102 
GLU OXT  O N N 103 
GLU H    H N N 104 
GLU H2   H N N 105 
GLU HA   H N N 106 
GLU HB2  H N N 107 
GLU HB3  H N N 108 
GLU HG2  H N N 109 
GLU HG3  H N N 110 
GLU HE2  H N N 111 
GLU HXT  H N N 112 
GLY N    N N N 113 
GLY CA   C N N 114 
GLY C    C N N 115 
GLY O    O N N 116 
GLY OXT  O N N 117 
GLY H    H N N 118 
GLY H2   H N N 119 
GLY HA2  H N N 120 
GLY HA3  H N N 121 
GLY HXT  H N N 122 
HIS N    N N N 123 
HIS CA   C N S 124 
HIS C    C N N 125 
HIS O    O N N 126 
HIS CB   C N N 127 
HIS CG   C Y N 128 
HIS ND1  N Y N 129 
HIS CD2  C Y N 130 
HIS CE1  C Y N 131 
HIS NE2  N Y N 132 
HIS OXT  O N N 133 
HIS H    H N N 134 
HIS H2   H N N 135 
HIS HA   H N N 136 
HIS HB2  H N N 137 
HIS HB3  H N N 138 
HIS HD1  H N N 139 
HIS HD2  H N N 140 
HIS HE1  H N N 141 
HIS HE2  H N N 142 
HIS HXT  H N N 143 
HOH O    O N N 144 
HOH H1   H N N 145 
HOH H2   H N N 146 
ILE N    N N N 147 
ILE CA   C N S 148 
ILE C    C N N 149 
ILE O    O N N 150 
ILE CB   C N S 151 
ILE CG1  C N N 152 
ILE CG2  C N N 153 
ILE CD1  C N N 154 
ILE OXT  O N N 155 
ILE H    H N N 156 
ILE H2   H N N 157 
ILE HA   H N N 158 
ILE HB   H N N 159 
ILE HG12 H N N 160 
ILE HG13 H N N 161 
ILE HG21 H N N 162 
ILE HG22 H N N 163 
ILE HG23 H N N 164 
ILE HD11 H N N 165 
ILE HD12 H N N 166 
ILE HD13 H N N 167 
ILE HXT  H N N 168 
LEU N    N N N 169 
LEU CA   C N S 170 
LEU C    C N N 171 
LEU O    O N N 172 
LEU CB   C N N 173 
LEU CG   C N N 174 
LEU CD1  C N N 175 
LEU CD2  C N N 176 
LEU OXT  O N N 177 
LEU H    H N N 178 
LEU H2   H N N 179 
LEU HA   H N N 180 
LEU HB2  H N N 181 
LEU HB3  H N N 182 
LEU HG   H N N 183 
LEU HD11 H N N 184 
LEU HD12 H N N 185 
LEU HD13 H N N 186 
LEU HD21 H N N 187 
LEU HD22 H N N 188 
LEU HD23 H N N 189 
LEU HXT  H N N 190 
LYS N    N N N 191 
LYS CA   C N S 192 
LYS C    C N N 193 
LYS O    O N N 194 
LYS CB   C N N 195 
LYS CG   C N N 196 
LYS CD   C N N 197 
LYS CE   C N N 198 
LYS NZ   N N N 199 
LYS OXT  O N N 200 
LYS H    H N N 201 
LYS H2   H N N 202 
LYS HA   H N N 203 
LYS HB2  H N N 204 
LYS HB3  H N N 205 
LYS HG2  H N N 206 
LYS HG3  H N N 207 
LYS HD2  H N N 208 
LYS HD3  H N N 209 
LYS HE2  H N N 210 
LYS HE3  H N N 211 
LYS HZ1  H N N 212 
LYS HZ2  H N N 213 
LYS HZ3  H N N 214 
LYS HXT  H N N 215 
MET N    N N N 216 
MET CA   C N S 217 
MET C    C N N 218 
MET O    O N N 219 
MET CB   C N N 220 
MET CG   C N N 221 
MET SD   S N N 222 
MET CE   C N N 223 
MET OXT  O N N 224 
MET H    H N N 225 
MET H2   H N N 226 
MET HA   H N N 227 
MET HB2  H N N 228 
MET HB3  H N N 229 
MET HG2  H N N 230 
MET HG3  H N N 231 
MET HE1  H N N 232 
MET HE2  H N N 233 
MET HE3  H N N 234 
MET HXT  H N N 235 
PHE N    N N N 236 
PHE CA   C N S 237 
PHE C    C N N 238 
PHE O    O N N 239 
PHE CB   C N N 240 
PHE CG   C Y N 241 
PHE CD1  C Y N 242 
PHE CD2  C Y N 243 
PHE CE1  C Y N 244 
PHE CE2  C Y N 245 
PHE CZ   C Y N 246 
PHE OXT  O N N 247 
PHE H    H N N 248 
PHE H2   H N N 249 
PHE HA   H N N 250 
PHE HB2  H N N 251 
PHE HB3  H N N 252 
PHE HD1  H N N 253 
PHE HD2  H N N 254 
PHE HE1  H N N 255 
PHE HE2  H N N 256 
PHE HZ   H N N 257 
PHE HXT  H N N 258 
PRO N    N N N 259 
PRO CA   C N S 260 
PRO C    C N N 261 
PRO O    O N N 262 
PRO CB   C N N 263 
PRO CG   C N N 264 
PRO CD   C N N 265 
PRO OXT  O N N 266 
PRO H    H N N 267 
PRO HA   H N N 268 
PRO HB2  H N N 269 
PRO HB3  H N N 270 
PRO HG2  H N N 271 
PRO HG3  H N N 272 
PRO HD2  H N N 273 
PRO HD3  H N N 274 
PRO HXT  H N N 275 
SER N    N N N 276 
SER CA   C N S 277 
SER C    C N N 278 
SER O    O N N 279 
SER CB   C N N 280 
SER OG   O N N 281 
SER OXT  O N N 282 
SER H    H N N 283 
SER H2   H N N 284 
SER HA   H N N 285 
SER HB2  H N N 286 
SER HB3  H N N 287 
SER HG   H N N 288 
SER HXT  H N N 289 
THR N    N N N 290 
THR CA   C N S 291 
THR C    C N N 292 
THR O    O N N 293 
THR CB   C N R 294 
THR OG1  O N N 295 
THR CG2  C N N 296 
THR OXT  O N N 297 
THR H    H N N 298 
THR H2   H N N 299 
THR HA   H N N 300 
THR HB   H N N 301 
THR HG1  H N N 302 
THR HG21 H N N 303 
THR HG22 H N N 304 
THR HG23 H N N 305 
THR HXT  H N N 306 
TRP N    N N N 307 
TRP CA   C N S 308 
TRP C    C N N 309 
TRP O    O N N 310 
TRP CB   C N N 311 
TRP CG   C Y N 312 
TRP CD1  C Y N 313 
TRP CD2  C Y N 314 
TRP NE1  N Y N 315 
TRP CE2  C Y N 316 
TRP CE3  C Y N 317 
TRP CZ2  C Y N 318 
TRP CZ3  C Y N 319 
TRP CH2  C Y N 320 
TRP OXT  O N N 321 
TRP H    H N N 322 
TRP H2   H N N 323 
TRP HA   H N N 324 
TRP HB2  H N N 325 
TRP HB3  H N N 326 
TRP HD1  H N N 327 
TRP HE1  H N N 328 
TRP HE3  H N N 329 
TRP HZ2  H N N 330 
TRP HZ3  H N N 331 
TRP HH2  H N N 332 
TRP HXT  H N N 333 
TYR N    N N N 334 
TYR CA   C N S 335 
TYR C    C N N 336 
TYR O    O N N 337 
TYR CB   C N N 338 
TYR CG   C Y N 339 
TYR CD1  C Y N 340 
TYR CD2  C Y N 341 
TYR CE1  C Y N 342 
TYR CE2  C Y N 343 
TYR CZ   C Y N 344 
TYR OH   O N N 345 
TYR OXT  O N N 346 
TYR H    H N N 347 
TYR H2   H N N 348 
TYR HA   H N N 349 
TYR HB2  H N N 350 
TYR HB3  H N N 351 
TYR HD1  H N N 352 
TYR HD2  H N N 353 
TYR HE1  H N N 354 
TYR HE2  H N N 355 
TYR HH   H N N 356 
TYR HXT  H N N 357 
VAL N    N N N 358 
VAL CA   C N S 359 
VAL C    C N N 360 
VAL O    O N N 361 
VAL CB   C N N 362 
VAL CG1  C N N 363 
VAL CG2  C N N 364 
VAL OXT  O N N 365 
VAL H    H N N 366 
VAL H2   H N N 367 
VAL HA   H N N 368 
VAL HB   H N N 369 
VAL HG11 H N N 370 
VAL HG12 H N N 371 
VAL HG13 H N N 372 
VAL HG21 H N N 373 
VAL HG22 H N N 374 
VAL HG23 H N N 375 
VAL HXT  H N N 376 
# 
loop_
_chem_comp_bond.comp_id 
_chem_comp_bond.atom_id_1 
_chem_comp_bond.atom_id_2 
_chem_comp_bond.value_order 
_chem_comp_bond.pdbx_aromatic_flag 
_chem_comp_bond.pdbx_stereo_config 
_chem_comp_bond.pdbx_ordinal 
ALA N   CA   sing N N 1   
ALA N   H    sing N N 2   
ALA N   H2   sing N N 3   
ALA CA  C    sing N N 4   
ALA CA  CB   sing N N 5   
ALA CA  HA   sing N N 6   
ALA C   O    doub N N 7   
ALA C   OXT  sing N N 8   
ALA CB  HB1  sing N N 9   
ALA CB  HB2  sing N N 10  
ALA CB  HB3  sing N N 11  
ALA OXT HXT  sing N N 12  
ARG N   CA   sing N N 13  
ARG N   H    sing N N 14  
ARG N   H2   sing N N 15  
ARG CA  C    sing N N 16  
ARG CA  CB   sing N N 17  
ARG CA  HA   sing N N 18  
ARG C   O    doub N N 19  
ARG C   OXT  sing N N 20  
ARG CB  CG   sing N N 21  
ARG CB  HB2  sing N N 22  
ARG CB  HB3  sing N N 23  
ARG CG  CD   sing N N 24  
ARG CG  HG2  sing N N 25  
ARG CG  HG3  sing N N 26  
ARG CD  NE   sing N N 27  
ARG CD  HD2  sing N N 28  
ARG CD  HD3  sing N N 29  
ARG NE  CZ   sing N N 30  
ARG NE  HE   sing N N 31  
ARG CZ  NH1  sing N N 32  
ARG CZ  NH2  doub N N 33  
ARG NH1 HH11 sing N N 34  
ARG NH1 HH12 sing N N 35  
ARG NH2 HH21 sing N N 36  
ARG NH2 HH22 sing N N 37  
ARG OXT HXT  sing N N 38  
ASN N   CA   sing N N 39  
ASN N   H    sing N N 40  
ASN N   H2   sing N N 41  
ASN CA  C    sing N N 42  
ASN CA  CB   sing N N 43  
ASN CA  HA   sing N N 44  
ASN C   O    doub N N 45  
ASN C   OXT  sing N N 46  
ASN CB  CG   sing N N 47  
ASN CB  HB2  sing N N 48  
ASN CB  HB3  sing N N 49  
ASN CG  OD1  doub N N 50  
ASN CG  ND2  sing N N 51  
ASN ND2 HD21 sing N N 52  
ASN ND2 HD22 sing N N 53  
ASN OXT HXT  sing N N 54  
ASP N   CA   sing N N 55  
ASP N   H    sing N N 56  
ASP N   H2   sing N N 57  
ASP CA  C    sing N N 58  
ASP CA  CB   sing N N 59  
ASP CA  HA   sing N N 60  
ASP C   O    doub N N 61  
ASP C   OXT  sing N N 62  
ASP CB  CG   sing N N 63  
ASP CB  HB2  sing N N 64  
ASP CB  HB3  sing N N 65  
ASP CG  OD1  doub N N 66  
ASP CG  OD2  sing N N 67  
ASP OD2 HD2  sing N N 68  
ASP OXT HXT  sing N N 69  
GLN N   CA   sing N N 70  
GLN N   H    sing N N 71  
GLN N   H2   sing N N 72  
GLN CA  C    sing N N 73  
GLN CA  CB   sing N N 74  
GLN CA  HA   sing N N 75  
GLN C   O    doub N N 76  
GLN C   OXT  sing N N 77  
GLN CB  CG   sing N N 78  
GLN CB  HB2  sing N N 79  
GLN CB  HB3  sing N N 80  
GLN CG  CD   sing N N 81  
GLN CG  HG2  sing N N 82  
GLN CG  HG3  sing N N 83  
GLN CD  OE1  doub N N 84  
GLN CD  NE2  sing N N 85  
GLN NE2 HE21 sing N N 86  
GLN NE2 HE22 sing N N 87  
GLN OXT HXT  sing N N 88  
GLU N   CA   sing N N 89  
GLU N   H    sing N N 90  
GLU N   H2   sing N N 91  
GLU CA  C    sing N N 92  
GLU CA  CB   sing N N 93  
GLU CA  HA   sing N N 94  
GLU C   O    doub N N 95  
GLU C   OXT  sing N N 96  
GLU CB  CG   sing N N 97  
GLU CB  HB2  sing N N 98  
GLU CB  HB3  sing N N 99  
GLU CG  CD   sing N N 100 
GLU CG  HG2  sing N N 101 
GLU CG  HG3  sing N N 102 
GLU CD  OE1  doub N N 103 
GLU CD  OE2  sing N N 104 
GLU OE2 HE2  sing N N 105 
GLU OXT HXT  sing N N 106 
GLY N   CA   sing N N 107 
GLY N   H    sing N N 108 
GLY N   H2   sing N N 109 
GLY CA  C    sing N N 110 
GLY CA  HA2  sing N N 111 
GLY CA  HA3  sing N N 112 
GLY C   O    doub N N 113 
GLY C   OXT  sing N N 114 
GLY OXT HXT  sing N N 115 
HIS N   CA   sing N N 116 
HIS N   H    sing N N 117 
HIS N   H2   sing N N 118 
HIS CA  C    sing N N 119 
HIS CA  CB   sing N N 120 
HIS CA  HA   sing N N 121 
HIS C   O    doub N N 122 
HIS C   OXT  sing N N 123 
HIS CB  CG   sing N N 124 
HIS CB  HB2  sing N N 125 
HIS CB  HB3  sing N N 126 
HIS CG  ND1  sing Y N 127 
HIS CG  CD2  doub Y N 128 
HIS ND1 CE1  doub Y N 129 
HIS ND1 HD1  sing N N 130 
HIS CD2 NE2  sing Y N 131 
HIS CD2 HD2  sing N N 132 
HIS CE1 NE2  sing Y N 133 
HIS CE1 HE1  sing N N 134 
HIS NE2 HE2  sing N N 135 
HIS OXT HXT  sing N N 136 
HOH O   H1   sing N N 137 
HOH O   H2   sing N N 138 
ILE N   CA   sing N N 139 
ILE N   H    sing N N 140 
ILE N   H2   sing N N 141 
ILE CA  C    sing N N 142 
ILE CA  CB   sing N N 143 
ILE CA  HA   sing N N 144 
ILE C   O    doub N N 145 
ILE C   OXT  sing N N 146 
ILE CB  CG1  sing N N 147 
ILE CB  CG2  sing N N 148 
ILE CB  HB   sing N N 149 
ILE CG1 CD1  sing N N 150 
ILE CG1 HG12 sing N N 151 
ILE CG1 HG13 sing N N 152 
ILE CG2 HG21 sing N N 153 
ILE CG2 HG22 sing N N 154 
ILE CG2 HG23 sing N N 155 
ILE CD1 HD11 sing N N 156 
ILE CD1 HD12 sing N N 157 
ILE CD1 HD13 sing N N 158 
ILE OXT HXT  sing N N 159 
LEU N   CA   sing N N 160 
LEU N   H    sing N N 161 
LEU N   H2   sing N N 162 
LEU CA  C    sing N N 163 
LEU CA  CB   sing N N 164 
LEU CA  HA   sing N N 165 
LEU C   O    doub N N 166 
LEU C   OXT  sing N N 167 
LEU CB  CG   sing N N 168 
LEU CB  HB2  sing N N 169 
LEU CB  HB3  sing N N 170 
LEU CG  CD1  sing N N 171 
LEU CG  CD2  sing N N 172 
LEU CG  HG   sing N N 173 
LEU CD1 HD11 sing N N 174 
LEU CD1 HD12 sing N N 175 
LEU CD1 HD13 sing N N 176 
LEU CD2 HD21 sing N N 177 
LEU CD2 HD22 sing N N 178 
LEU CD2 HD23 sing N N 179 
LEU OXT HXT  sing N N 180 
LYS N   CA   sing N N 181 
LYS N   H    sing N N 182 
LYS N   H2   sing N N 183 
LYS CA  C    sing N N 184 
LYS CA  CB   sing N N 185 
LYS CA  HA   sing N N 186 
LYS C   O    doub N N 187 
LYS C   OXT  sing N N 188 
LYS CB  CG   sing N N 189 
LYS CB  HB2  sing N N 190 
LYS CB  HB3  sing N N 191 
LYS CG  CD   sing N N 192 
LYS CG  HG2  sing N N 193 
LYS CG  HG3  sing N N 194 
LYS CD  CE   sing N N 195 
LYS CD  HD2  sing N N 196 
LYS CD  HD3  sing N N 197 
LYS CE  NZ   sing N N 198 
LYS CE  HE2  sing N N 199 
LYS CE  HE3  sing N N 200 
LYS NZ  HZ1  sing N N 201 
LYS NZ  HZ2  sing N N 202 
LYS NZ  HZ3  sing N N 203 
LYS OXT HXT  sing N N 204 
MET N   CA   sing N N 205 
MET N   H    sing N N 206 
MET N   H2   sing N N 207 
MET CA  C    sing N N 208 
MET CA  CB   sing N N 209 
MET CA  HA   sing N N 210 
MET C   O    doub N N 211 
MET C   OXT  sing N N 212 
MET CB  CG   sing N N 213 
MET CB  HB2  sing N N 214 
MET CB  HB3  sing N N 215 
MET CG  SD   sing N N 216 
MET CG  HG2  sing N N 217 
MET CG  HG3  sing N N 218 
MET SD  CE   sing N N 219 
MET CE  HE1  sing N N 220 
MET CE  HE2  sing N N 221 
MET CE  HE3  sing N N 222 
MET OXT HXT  sing N N 223 
PHE N   CA   sing N N 224 
PHE N   H    sing N N 225 
PHE N   H2   sing N N 226 
PHE CA  C    sing N N 227 
PHE CA  CB   sing N N 228 
PHE CA  HA   sing N N 229 
PHE C   O    doub N N 230 
PHE C   OXT  sing N N 231 
PHE CB  CG   sing N N 232 
PHE CB  HB2  sing N N 233 
PHE CB  HB3  sing N N 234 
PHE CG  CD1  doub Y N 235 
PHE CG  CD2  sing Y N 236 
PHE CD1 CE1  sing Y N 237 
PHE CD1 HD1  sing N N 238 
PHE CD2 CE2  doub Y N 239 
PHE CD2 HD2  sing N N 240 
PHE CE1 CZ   doub Y N 241 
PHE CE1 HE1  sing N N 242 
PHE CE2 CZ   sing Y N 243 
PHE CE2 HE2  sing N N 244 
PHE CZ  HZ   sing N N 245 
PHE OXT HXT  sing N N 246 
PRO N   CA   sing N N 247 
PRO N   CD   sing N N 248 
PRO N   H    sing N N 249 
PRO CA  C    sing N N 250 
PRO CA  CB   sing N N 251 
PRO CA  HA   sing N N 252 
PRO C   O    doub N N 253 
PRO C   OXT  sing N N 254 
PRO CB  CG   sing N N 255 
PRO CB  HB2  sing N N 256 
PRO CB  HB3  sing N N 257 
PRO CG  CD   sing N N 258 
PRO CG  HG2  sing N N 259 
PRO CG  HG3  sing N N 260 
PRO CD  HD2  sing N N 261 
PRO CD  HD3  sing N N 262 
PRO OXT HXT  sing N N 263 
SER N   CA   sing N N 264 
SER N   H    sing N N 265 
SER N   H2   sing N N 266 
SER CA  C    sing N N 267 
SER CA  CB   sing N N 268 
SER CA  HA   sing N N 269 
SER C   O    doub N N 270 
SER C   OXT  sing N N 271 
SER CB  OG   sing N N 272 
SER CB  HB2  sing N N 273 
SER CB  HB3  sing N N 274 
SER OG  HG   sing N N 275 
SER OXT HXT  sing N N 276 
THR N   CA   sing N N 277 
THR N   H    sing N N 278 
THR N   H2   sing N N 279 
THR CA  C    sing N N 280 
THR CA  CB   sing N N 281 
THR CA  HA   sing N N 282 
THR C   O    doub N N 283 
THR C   OXT  sing N N 284 
THR CB  OG1  sing N N 285 
THR CB  CG2  sing N N 286 
THR CB  HB   sing N N 287 
THR OG1 HG1  sing N N 288 
THR CG2 HG21 sing N N 289 
THR CG2 HG22 sing N N 290 
THR CG2 HG23 sing N N 291 
THR OXT HXT  sing N N 292 
TRP N   CA   sing N N 293 
TRP N   H    sing N N 294 
TRP N   H2   sing N N 295 
TRP CA  C    sing N N 296 
TRP CA  CB   sing N N 297 
TRP CA  HA   sing N N 298 
TRP C   O    doub N N 299 
TRP C   OXT  sing N N 300 
TRP CB  CG   sing N N 301 
TRP CB  HB2  sing N N 302 
TRP CB  HB3  sing N N 303 
TRP CG  CD1  doub Y N 304 
TRP CG  CD2  sing Y N 305 
TRP CD1 NE1  sing Y N 306 
TRP CD1 HD1  sing N N 307 
TRP CD2 CE2  doub Y N 308 
TRP CD2 CE3  sing Y N 309 
TRP NE1 CE2  sing Y N 310 
TRP NE1 HE1  sing N N 311 
TRP CE2 CZ2  sing Y N 312 
TRP CE3 CZ3  doub Y N 313 
TRP CE3 HE3  sing N N 314 
TRP CZ2 CH2  doub Y N 315 
TRP CZ2 HZ2  sing N N 316 
TRP CZ3 CH2  sing Y N 317 
TRP CZ3 HZ3  sing N N 318 
TRP CH2 HH2  sing N N 319 
TRP OXT HXT  sing N N 320 
TYR N   CA   sing N N 321 
TYR N   H    sing N N 322 
TYR N   H2   sing N N 323 
TYR CA  C    sing N N 324 
TYR CA  CB   sing N N 325 
TYR CA  HA   sing N N 326 
TYR C   O    doub N N 327 
TYR C   OXT  sing N N 328 
TYR CB  CG   sing N N 329 
TYR CB  HB2  sing N N 330 
TYR CB  HB3  sing N N 331 
TYR CG  CD1  doub Y N 332 
TYR CG  CD2  sing Y N 333 
TYR CD1 CE1  sing Y N 334 
TYR CD1 HD1  sing N N 335 
TYR CD2 CE2  doub Y N 336 
TYR CD2 HD2  sing N N 337 
TYR CE1 CZ   doub Y N 338 
TYR CE1 HE1  sing N N 339 
TYR CE2 CZ   sing Y N 340 
TYR CE2 HE2  sing N N 341 
TYR CZ  OH   sing N N 342 
TYR OH  HH   sing N N 343 
TYR OXT HXT  sing N N 344 
VAL N   CA   sing N N 345 
VAL N   H    sing N N 346 
VAL N   H2   sing N N 347 
VAL CA  C    sing N N 348 
VAL CA  CB   sing N N 349 
VAL CA  HA   sing N N 350 
VAL C   O    doub N N 351 
VAL C   OXT  sing N N 352 
VAL CB  CG1  sing N N 353 
VAL CB  CG2  sing N N 354 
VAL CB  HB   sing N N 355 
VAL CG1 HG11 sing N N 356 
VAL CG1 HG12 sing N N 357 
VAL CG1 HG13 sing N N 358 
VAL CG2 HG21 sing N N 359 
VAL CG2 HG22 sing N N 360 
VAL CG2 HG23 sing N N 361 
VAL OXT HXT  sing N N 362 
# 
_pdbx_initial_refinement_model.id               1 
_pdbx_initial_refinement_model.entity_id_list   ? 
_pdbx_initial_refinement_model.type             'experimental model' 
_pdbx_initial_refinement_model.source_name      PDB 
_pdbx_initial_refinement_model.accession_code   1WXS 
_pdbx_initial_refinement_model.details          ? 
# 
_atom_sites.entry_id                    5HKH 
_atom_sites.fract_transf_matrix[1][1]   -0.00722672 
_atom_sites.fract_transf_matrix[1][2]   0.01191418 
_atom_sites.fract_transf_matrix[1][3]   0.00098928 
_atom_sites.fract_transf_matrix[2][1]   0.00350274 
_atom_sites.fract_transf_matrix[2][2]   0.00951712 
_atom_sites.fract_transf_matrix[2][3]   0.00960813 
_atom_sites.fract_transf_matrix[3][1]   0.01002161 
_atom_sites.fract_transf_matrix[3][2]   0.00695407 
_atom_sites.fract_transf_matrix[3][3]   -0.01054168 
_atom_sites.fract_transf_vector[1]      0.319040 
_atom_sites.fract_transf_vector[2]      -0.076767 
_atom_sites.fract_transf_vector[3]      0.031216 
# 
loop_
_atom_type.symbol 
C 
N 
O 
S 
# 
loop_
_atom_site.group_PDB 
_atom_site.id 
_atom_site.type_symbol 
_atom_site.label_atom_id 
_atom_site.label_alt_id 
_atom_site.label_comp_id 
_atom_site.label_asym_id 
_atom_site.label_entity_id 
_atom_site.label_seq_id 
_atom_site.pdbx_PDB_ins_code 
_atom_site.Cartn_x 
_atom_site.Cartn_y 
_atom_site.Cartn_z 
_atom_site.occupancy 
_atom_site.B_iso_or_equiv 
_atom_site.pdbx_formal_charge 
_atom_site.auth_seq_id 
_atom_site.auth_comp_id 
_atom_site.auth_asym_id 
_atom_site.auth_atom_id 
_atom_site.pdbx_PDB_model_num 
ATOM   1    N N   . GLY A 1 1  ? 16.255  -2.062  1.014   1.00 57.27 ? -2  GLY A N   1 
ATOM   2    C CA  . GLY A 1 1  ? 15.177  -3.001  0.751   1.00 59.90 ? -2  GLY A CA  1 
ATOM   3    C C   . GLY A 1 1  ? 14.456  -2.721  -0.555  1.00 54.61 ? -2  GLY A C   1 
ATOM   4    O O   . GLY A 1 1  ? 14.518  -1.615  -1.072  1.00 59.98 ? -2  GLY A O   1 
ATOM   5    N N   . ALA A 1 2  ? 13.782  -3.730  -1.096  1.00 55.12 ? -1  ALA A N   1 
ATOM   6    C CA  . ALA A 1 2  ? 13.020  -3.587  -2.341  1.00 53.58 ? -1  ALA A CA  1 
ATOM   7    C C   . ALA A 1 2  ? 11.621  -3.053  -2.048  1.00 49.97 ? -1  ALA A C   1 
ATOM   8    O O   . ALA A 1 2  ? 10.953  -2.469  -2.908  1.00 43.42 ? -1  ALA A O   1 
ATOM   9    C CB  . ALA A 1 2  ? 12.921  -4.929  -3.054  1.00 50.52 ? -1  ALA A CB  1 
ATOM   10   N N   . MET A 1 3  ? 11.182  -3.287  -0.822  1.00 48.66 ? 0   MET A N   1 
ATOM   11   C CA  . MET A 1 3  ? 9.868   -2.876  -0.395  1.00 48.05 ? 0   MET A CA  1 
ATOM   12   C C   . MET A 1 3  ? 9.834   -1.369  -0.222  1.00 46.56 ? 0   MET A C   1 
ATOM   13   O O   . MET A 1 3  ? 10.769  -0.784  0.306   1.00 47.09 ? 0   MET A O   1 
ATOM   14   C CB  . MET A 1 3  ? 9.516   -3.574  0.911   1.00 45.07 ? 0   MET A CB  1 
ATOM   15   C CG  . MET A 1 3  ? 8.300   -3.011  1.583   1.00 47.64 ? 0   MET A CG  1 
ATOM   16   S SD  . MET A 1 3  ? 7.879   -4.045  2.984   1.00 57.46 ? 0   MET A SD  1 
ATOM   17   C CE  . MET A 1 3  ? 7.687   -5.601  2.133   1.00 46.75 ? 0   MET A CE  1 
ATOM   18   N N   . GLU A 1 4  ? 8.749   -0.757  -0.688  1.00 47.55 ? 1   GLU A N   1 
ATOM   19   C CA  . GLU A 1 4  ? 8.540   0.681   -0.621  1.00 41.74 ? 1   GLU A CA  1 
ATOM   20   C C   . GLU A 1 4  ? 8.675   1.270   0.795   1.00 42.52 ? 1   GLU A C   1 
ATOM   21   O O   . GLU A 1 4  ? 8.300   0.641   1.787   1.00 43.09 ? 1   GLU A O   1 
ATOM   22   C CB  . GLU A 1 4  ? 7.157   1.002   -1.175  1.00 38.48 ? 1   GLU A CB  1 
ATOM   23   C CG  . GLU A 1 4  ? 6.935   2.474   -1.451  1.00 43.70 ? 1   GLU A CG  1 
ATOM   24   C CD  . GLU A 1 4  ? 5.559   2.761   -1.998  1.00 42.10 ? 1   GLU A CD  1 
ATOM   25   O OE1 . GLU A 1 4  ? 4.608   2.041   -1.619  1.00 44.41 ? 1   GLU A OE1 1 
ATOM   26   O OE2 . GLU A 1 4  ? 5.429   3.699   -2.813  1.00 40.63 ? 1   GLU A OE2 1 
ATOM   27   N N   . SER A 1 5  ? 9.221   2.480   0.865   1.00 38.39 ? 2   SER A N   1 
ATOM   28   C CA  . SER A 1 5  ? 9.285   3.245   2.102   1.00 41.32 ? 2   SER A CA  1 
ATOM   29   C C   . SER A 1 5  ? 7.900   3.348   2.707   1.00 41.48 ? 2   SER A C   1 
ATOM   30   O O   . SER A 1 5  ? 6.898   3.342   1.984   1.00 40.57 ? 2   SER A O   1 
ATOM   31   C CB  . SER A 1 5  ? 9.779   4.682   1.839   1.00 41.04 ? 2   SER A CB  1 
ATOM   32   O OG  . SER A 1 5  ? 10.997  4.722   1.133   1.00 42.58 ? 2   SER A OG  1 
ATOM   33   N N   . LYS A 1 6  ? 7.866   3.500   4.028   1.00 40.17 ? 3   LYS A N   1 
ATOM   34   C CA  . LYS A 1 6  ? 6.633   3.649   4.779   1.00 41.79 ? 3   LYS A CA  1 
ATOM   35   C C   . LYS A 1 6  ? 6.543   5.040   5.346   1.00 41.10 ? 3   LYS A C   1 
ATOM   36   O O   . LYS A 1 6  ? 7.569   5.674   5.620   1.00 42.09 ? 3   LYS A O   1 
ATOM   37   C CB  . LYS A 1 6  ? 6.575   2.649   5.944   1.00 38.50 ? 3   LYS A CB  1 
ATOM   38   C CG  . LYS A 1 6  ? 6.424   1.220   5.500   1.00 38.83 ? 3   LYS A CG  1 
ATOM   39   C CD  . LYS A 1 6  ? 6.715   0.252   6.636   1.00 53.98 ? 3   LYS A CD  1 
ATOM   40   C CE  . LYS A 1 6  ? 6.643   -1.193  6.142   1.00 56.03 ? 3   LYS A CE  1 
ATOM   41   N NZ  . LYS A 1 6  ? 5.363   -1.420  5.427   1.00 44.70 ? 3   LYS A NZ  1 
ATOM   42   N N   . VAL A 1 7  ? 5.311   5.509   5.521   1.00 33.34 ? 4   VAL A N   1 
ATOM   43   C CA  . VAL A 1 7  ? 5.070   6.707   6.293   1.00 37.30 ? 4   VAL A CA  1 
ATOM   44   C C   . VAL A 1 7  ? 4.224   6.294   7.488   1.00 41.85 ? 4   VAL A C   1 
ATOM   45   O O   . VAL A 1 7  ? 3.454   5.328   7.411   1.00 38.65 ? 4   VAL A O   1 
ATOM   46   C CB  . VAL A 1 7  ? 4.359   7.799   5.467   1.00 38.79 ? 4   VAL A CB  1 
ATOM   47   C CG1 . VAL A 1 7  ? 5.336   8.462   4.510   1.00 33.84 ? 4   VAL A CG1 1 
ATOM   48   C CG2 . VAL A 1 7  ? 3.166   7.209   4.711   1.00 36.24 ? 4   VAL A CG2 1 
ATOM   49   N N   . SER A 1 8  ? 4.365   7.019   8.591   1.00 37.90 ? 5   SER A N   1 
ATOM   50   C CA  . SER A 1 8  ? 3.661   6.654   9.805   1.00 40.38 ? 5   SER A CA  1 
ATOM   51   C C   . SER A 1 8  ? 2.706   7.765   10.237  1.00 39.34 ? 5   SER A C   1 
ATOM   52   O O   . SER A 1 8  ? 2.994   8.935   10.062  1.00 39.22 ? 5   SER A O   1 
ATOM   53   C CB  . SER A 1 8  ? 4.673   6.361   10.908  1.00 46.13 ? 5   SER A CB  1 
ATOM   54   O OG  . SER A 1 8  ? 5.570   7.460   11.064  1.00 47.32 ? 5   SER A OG  1 
ATOM   55   N N   . PHE A 1 9  ? 1.565   7.395   10.798  1.00 37.15 ? 6   PHE A N   1 
ATOM   56   C CA  . PHE A 1 9  ? 0.601   8.378   11.269  1.00 40.07 ? 6   PHE A CA  1 
ATOM   57   C C   . PHE A 1 9  ? 0.202   8.075   12.718  1.00 41.62 ? 6   PHE A C   1 
ATOM   58   O O   . PHE A 1 9  ? 0.049   6.908   13.099  1.00 37.50 ? 6   PHE A O   1 
ATOM   59   C CB  . PHE A 1 9  ? -0.655  8.344   10.396  1.00 37.35 ? 6   PHE A CB  1 
ATOM   60   C CG  . PHE A 1 9  ? -0.414  8.671   8.958   1.00 34.46 ? 6   PHE A CG  1 
ATOM   61   C CD1 . PHE A 1 9  ? -0.350  10.000  8.531   1.00 33.96 ? 6   PHE A CD1 1 
ATOM   62   C CD2 . PHE A 1 9  ? -0.287  7.661   8.022   1.00 34.19 ? 6   PHE A CD2 1 
ATOM   63   C CE1 . PHE A 1 9  ? -0.151  10.320  7.197   1.00 32.13 ? 6   PHE A CE1 1 
ATOM   64   C CE2 . PHE A 1 9  ? -0.080  7.966   6.669   1.00 38.29 ? 6   PHE A CE2 1 
ATOM   65   C CZ  . PHE A 1 9  ? -0.004  9.302   6.255   1.00 34.76 ? 6   PHE A CZ  1 
ATOM   66   N N   . LYS A 1 10 ? 0.045   9.122   13.520  1.00 32.66 ? 7   LYS A N   1 
ATOM   67   C CA  . LYS A 1 10 ? -0.519  8.975   14.839  1.00 35.36 ? 7   LYS A CA  1 
ATOM   68   C C   . LYS A 1 10 ? -1.992  9.357   14.740  1.00 41.07 ? 7   LYS A C   1 
ATOM   69   O O   . LYS A 1 10 ? -2.338  10.523  14.539  1.00 38.14 ? 7   LYS A O   1 
ATOM   70   C CB  . LYS A 1 10 ? 0.219   9.857   15.838  1.00 38.88 ? 7   LYS A CB  1 
ATOM   71   C CG  . LYS A 1 10 ? -0.368  9.876   17.237  1.00 40.45 ? 7   LYS A CG  1 
ATOM   72   C CD  . LYS A 1 10 ? 0.549   10.652  18.169  1.00 44.42 ? 7   LYS A CD  1 
ATOM   73   C CE  . LYS A 1 10 ? -0.140  11.014  19.473  1.00 52.28 ? 7   LYS A CE  1 
ATOM   74   N NZ  . LYS A 1 10 ? 0.742   11.857  20.352  1.00 60.06 ? 7   LYS A NZ  1 
ATOM   75   N N   . ILE A 1 11 ? -2.863  8.366   14.856  1.00 38.17 ? 8   ILE A N   1 
ATOM   76   C CA  . ILE A 1 11 ? -4.283  8.616   14.716  1.00 41.47 ? 8   ILE A CA  1 
ATOM   77   C C   . ILE A 1 11 ? -4.989  8.595   16.085  1.00 42.97 ? 8   ILE A C   1 
ATOM   78   O O   . ILE A 1 11 ? -4.996  7.582   16.786  1.00 47.35 ? 8   ILE A O   1 
ATOM   79   C CB  . ILE A 1 11 ? -4.908  7.630   13.702  1.00 42.11 ? 8   ILE A CB  1 
ATOM   80   C CG1 . ILE A 1 11 ? -4.107  7.678   12.406  1.00 42.41 ? 8   ILE A CG1 1 
ATOM   81   C CG2 . ILE A 1 11 ? -6.374  7.977   13.419  1.00 40.60 ? 8   ILE A CG2 1 
ATOM   82   C CD1 . ILE A 1 11 ? -4.433  6.568   11.418  1.00 40.47 ? 8   ILE A CD1 1 
ATOM   83   N N   . THR A 1 12 ? -5.566  9.726   16.467  1.00 38.47 ? 9   THR A N   1 
ATOM   84   C CA  . THR A 1 12 ? -6.207  9.833   17.764  1.00 42.00 ? 9   THR A CA  1 
ATOM   85   C C   . THR A 1 12 ? -7.726  9.819   17.658  1.00 45.14 ? 9   THR A C   1 
ATOM   86   O O   . THR A 1 12 ? -8.323  10.470  16.789  1.00 40.59 ? 9   THR A O   1 
ATOM   87   C CB  . THR A 1 12 ? -5.758  11.099  18.524  1.00 38.55 ? 9   THR A CB  1 
ATOM   88   O OG1 . THR A 1 12 ? -4.333  11.098  18.640  1.00 40.01 ? 9   THR A OG1 1 
ATOM   89   C CG2 . THR A 1 12 ? -6.369  11.135  19.924  1.00 43.53 ? 9   THR A CG2 1 
ATOM   90   N N   . LEU A 1 13 ? -8.344  9.051   18.546  1.00 44.79 ? 10  LEU A N   1 
ATOM   91   C CA  . LEU A 1 13 ? -9.778  9.104   18.724  1.00 43.24 ? 10  LEU A CA  1 
ATOM   92   C C   . LEU A 1 13 ? -10.088 10.215  19.720  1.00 48.27 ? 10  LEU A C   1 
ATOM   93   O O   . LEU A 1 13 ? -10.278 9.963   20.913  1.00 47.47 ? 10  LEU A O   1 
ATOM   94   C CB  . LEU A 1 13 ? -10.300 7.768   19.243  1.00 44.49 ? 10  LEU A CB  1 
ATOM   95   C CG  . LEU A 1 13 ? -11.817 7.697   19.404  1.00 48.31 ? 10  LEU A CG  1 
ATOM   96   C CD1 . LEU A 1 13 ? -12.487 7.467   18.065  1.00 41.97 ? 10  LEU A CD1 1 
ATOM   97   C CD2 . LEU A 1 13 ? -12.176 6.616   20.393  1.00 48.18 ? 10  LEU A CD2 1 
ATOM   98   N N   . THR A 1 14 ? -10.129 11.449  19.226  1.00 48.26 ? 11  THR A N   1 
ATOM   99   C CA  . THR A 1 14 ? -10.377 12.606  20.086  1.00 53.47 ? 11  THR A CA  1 
ATOM   100  C C   . THR A 1 14 ? -11.694 12.518  20.868  1.00 47.79 ? 11  THR A C   1 
ATOM   101  O O   . THR A 1 14 ? -11.790 13.057  21.960  1.00 52.92 ? 11  THR A O   1 
ATOM   102  C CB  . THR A 1 14 ? -10.317 13.920  19.286  1.00 49.76 ? 11  THR A CB  1 
ATOM   103  O OG1 . THR A 1 14 ? -11.178 13.816  18.152  1.00 52.68 ? 11  THR A OG1 1 
ATOM   104  C CG2 . THR A 1 14 ? -8.886  14.183  18.794  1.00 43.94 ? 11  THR A CG2 1 
ATOM   105  N N   . SER A 1 15 ? -12.687 11.824  20.315  1.00 48.25 ? 12  SER A N   1 
ATOM   106  C CA  . SER A 1 15 ? -13.967 11.598  21.002  1.00 49.45 ? 12  SER A CA  1 
ATOM   107  C C   . SER A 1 15 ? -13.839 10.917  22.364  1.00 52.46 ? 12  SER A C   1 
ATOM   108  O O   . SER A 1 15 ? -14.716 11.052  23.206  1.00 53.08 ? 12  SER A O   1 
ATOM   109  C CB  . SER A 1 15 ? -14.965 10.832  20.119  1.00 43.07 ? 12  SER A CB  1 
ATOM   110  O OG  . SER A 1 15 ? -14.333 9.773   19.418  1.00 47.34 ? 12  SER A OG  1 
ATOM   111  N N   . ASP A 1 16 ? -12.755 10.179  22.564  1.00 52.39 ? 13  ASP A N   1 
ATOM   112  C CA  . ASP A 1 16 ? -12.459 9.575   23.854  1.00 50.42 ? 13  ASP A CA  1 
ATOM   113  C C   . ASP A 1 16 ? -11.546 10.512  24.640  1.00 52.94 ? 13  ASP A C   1 
ATOM   114  O O   . ASP A 1 16 ? -10.417 10.793  24.226  1.00 52.66 ? 13  ASP A O   1 
ATOM   115  C CB  . ASP A 1 16 ? -11.795 8.217   23.635  1.00 52.66 ? 13  ASP A CB  1 
ATOM   116  C CG  . ASP A 1 16 ? -11.570 7.446   24.919  1.00 55.39 ? 13  ASP A CG  1 
ATOM   117  O OD1 . ASP A 1 16 ? -11.233 8.042   25.971  1.00 57.67 ? 13  ASP A OD1 1 
ATOM   118  O OD2 . ASP A 1 16 ? -11.721 6.211   24.859  1.00 59.69 ? 13  ASP A OD2 1 
ATOM   119  N N   . PRO A 1 17 ? -12.023 10.970  25.804  1.00 60.99 ? 14  PRO A N   1 
ATOM   120  C CA  . PRO A 1 17 ? -11.350 11.968  26.656  1.00 57.82 ? 14  PRO A CA  1 
ATOM   121  C C   . PRO A 1 17 ? -9.925  11.565  26.980  1.00 55.47 ? 14  PRO A C   1 
ATOM   122  O O   . PRO A 1 17 ? -9.076  12.434  27.188  1.00 53.68 ? 14  PRO A O   1 
ATOM   123  C CB  . PRO A 1 17 ? -12.188 11.958  27.936  1.00 61.96 ? 14  PRO A CB  1 
ATOM   124  C CG  . PRO A 1 17 ? -13.549 11.412  27.502  1.00 61.04 ? 14  PRO A CG  1 
ATOM   125  C CD  . PRO A 1 17 ? -13.228 10.406  26.443  1.00 55.10 ? 14  PRO A CD  1 
ATOM   126  N N   . ARG A 1 18 ? -9.677  10.255  27.011  1.00 58.58 ? 15  ARG A N   1 
ATOM   127  C CA  . ARG A 1 18 ? -8.337  9.701   27.223  1.00 57.98 ? 15  ARG A CA  1 
ATOM   128  C C   . ARG A 1 18 ? -7.375  9.965   26.065  1.00 55.80 ? 15  ARG A C   1 
ATOM   129  O O   . ARG A 1 18 ? -6.175  9.725   26.187  1.00 55.52 ? 15  ARG A O   1 
ATOM   130  C CB  . ARG A 1 18 ? -8.419  8.193   27.473  1.00 59.22 ? 15  ARG A CB  1 
ATOM   131  C CG  . ARG A 1 18 ? -8.220  7.791   28.932  1.00 71.19 ? 15  ARG A CG  1 
ATOM   132  C CD  . ARG A 1 18 ? -8.714  6.373   29.213  1.00 75.69 ? 15  ARG A CD  1 
ATOM   133  N NE  . ARG A 1 18 ? -10.166 6.255   29.056  1.00 69.98 ? 15  ARG A NE  1 
ATOM   134  C CZ  . ARG A 1 18 ? -10.761 5.699   28.003  1.00 74.10 ? 15  ARG A CZ  1 
ATOM   135  N NH1 . ARG A 1 18 ? -10.028 5.199   27.007  1.00 72.18 ? 15  ARG A NH1 1 
ATOM   136  N NH2 . ARG A 1 18 ? -12.089 5.641   27.946  1.00 71.03 ? 15  ARG A NH2 1 
ATOM   137  N N   . LEU A 1 19 ? -7.907  10.458  24.950  1.00 54.30 ? 16  LEU A N   1 
ATOM   138  C CA  . LEU A 1 19 ? -7.134  10.613  23.723  1.00 48.05 ? 16  LEU A CA  1 
ATOM   139  C C   . LEU A 1 19 ? -6.233  9.422   23.406  1.00 45.77 ? 16  LEU A C   1 
ATOM   140  O O   . LEU A 1 19 ? -5.021  9.581   23.262  1.00 47.15 ? 16  LEU A O   1 
ATOM   141  C CB  . LEU A 1 19 ? -6.310  11.889  23.781  1.00 52.65 ? 16  LEU A CB  1 
ATOM   142  C CG  . LEU A 1 19 ? -7.191  13.100  24.064  1.00 54.48 ? 16  LEU A CG  1 
ATOM   143  C CD1 . LEU A 1 19 ? -6.373  14.376  23.992  1.00 48.18 ? 16  LEU A CD1 1 
ATOM   144  C CD2 . LEU A 1 19 ? -8.378  13.134  23.093  1.00 53.13 ? 16  LEU A CD2 1 
ATOM   145  N N   . PRO A 1 20 ? -6.827  8.222   23.301  1.00 48.34 ? 17  PRO A N   1 
ATOM   146  C CA  . PRO A 1 20 ? -6.060  7.037   22.906  1.00 42.89 ? 17  PRO A CA  1 
ATOM   147  C C   . PRO A 1 20 ? -5.665  7.156   21.444  1.00 44.24 ? 17  PRO A C   1 
ATOM   148  O O   . PRO A 1 20 ? -6.224  7.984   20.719  1.00 42.77 ? 17  PRO A O   1 
ATOM   149  C CB  . PRO A 1 20 ? -7.087  5.919   23.041  1.00 40.04 ? 17  PRO A CB  1 
ATOM   150  C CG  . PRO A 1 20 ? -8.372  6.585   22.700  1.00 43.98 ? 17  PRO A CG  1 
ATOM   151  C CD  . PRO A 1 20 ? -8.278  7.940   23.343  1.00 44.82 ? 17  PRO A CD  1 
ATOM   152  N N   . TYR A 1 21 ? -4.734  6.328   20.997  1.00 43.12 ? 18  TYR A N   1 
ATOM   153  C CA  . TYR A 1 21 ? -4.218  6.493   19.648  1.00 47.30 ? 18  TYR A CA  1 
ATOM   154  C C   . TYR A 1 21 ? -3.627  5.202   19.124  1.00 47.36 ? 18  TYR A C   1 
ATOM   155  O O   . TYR A 1 21 ? -3.317  4.287   19.885  1.00 49.09 ? 18  TYR A O   1 
ATOM   156  C CB  . TYR A 1 21 ? -3.170  7.630   19.584  1.00 42.21 ? 18  TYR A CB  1 
ATOM   157  C CG  . TYR A 1 21 ? -1.915  7.342   20.383  1.00 45.95 ? 18  TYR A CG  1 
ATOM   158  C CD1 . TYR A 1 21 ? -0.909  6.536   19.866  1.00 42.88 ? 18  TYR A CD1 1 
ATOM   159  C CD2 . TYR A 1 21 ? -1.739  7.870   21.659  1.00 46.26 ? 18  TYR A CD2 1 
ATOM   160  C CE1 . TYR A 1 21 ? 0.224   6.252   20.591  1.00 42.61 ? 18  TYR A CE1 1 
ATOM   161  C CE2 . TYR A 1 21 ? -0.592  7.598   22.397  1.00 41.57 ? 18  TYR A CE2 1 
ATOM   162  C CZ  . TYR A 1 21 ? 0.382   6.784   21.857  1.00 45.98 ? 18  TYR A CZ  1 
ATOM   163  O OH  . TYR A 1 21 ? 1.528   6.497   22.570  1.00 40.81 ? 18  TYR A OH  1 
ATOM   164  N N   . LYS A 1 22 ? -3.472  5.134   17.812  1.00 43.11 ? 19  LYS A N   1 
ATOM   165  C CA  . LYS A 1 22 ? -2.777  4.022   17.197  1.00 47.56 ? 19  LYS A CA  1 
ATOM   166  C C   . LYS A 1 22 ? -1.791  4.582   16.162  1.00 50.05 ? 19  LYS A C   1 
ATOM   167  O O   . LYS A 1 22 ? -2.117  5.510   15.405  1.00 45.19 ? 19  LYS A O   1 
ATOM   168  C CB  . LYS A 1 22 ? -3.786  3.057   16.563  1.00 49.45 ? 19  LYS A CB  1 
ATOM   169  C CG  . LYS A 1 22 ? -4.904  2.602   17.528  1.00 47.47 ? 19  LYS A CG  1 
ATOM   170  C CD  . LYS A 1 22 ? -4.473  1.432   18.406  1.00 52.26 ? 19  LYS A CD  1 
ATOM   171  C CE  . LYS A 1 22 ? -5.550  1.035   19.419  1.00 53.93 ? 19  LYS A CE  1 
ATOM   172  N NZ  . LYS A 1 22 ? -5.471  1.837   20.695  1.00 56.25 ? 19  LYS A NZ  1 
ATOM   173  N N   . VAL A 1 23 ? -0.572  4.058   16.160  1.00 45.44 ? 20  VAL A N   1 
ATOM   174  C CA  . VAL A 1 23 ? 0.379   4.458   15.149  1.00 39.88 ? 20  VAL A CA  1 
ATOM   175  C C   . VAL A 1 23 ? 0.381   3.430   14.040  1.00 42.47 ? 20  VAL A C   1 
ATOM   176  O O   . VAL A 1 23 ? 0.537   2.239   14.274  1.00 43.52 ? 20  VAL A O   1 
ATOM   177  C CB  . VAL A 1 23 ? 1.789   4.639   15.710  1.00 41.06 ? 20  VAL A CB  1 
ATOM   178  C CG1 . VAL A 1 23 ? 2.686   5.239   14.648  1.00 41.84 ? 20  VAL A CG1 1 
ATOM   179  C CG2 . VAL A 1 23 ? 1.756   5.551   16.916  1.00 34.94 ? 20  VAL A CG2 1 
ATOM   180  N N   . LEU A 1 24 ? 0.188   3.903   12.821  1.00 43.06 ? 21  LEU A N   1 
ATOM   181  C CA  . LEU A 1 24 ? 0.130   3.028   11.668  1.00 43.03 ? 21  LEU A CA  1 
ATOM   182  C C   . LEU A 1 24 ? 1.300   3.330   10.763  1.00 40.64 ? 21  LEU A C   1 
ATOM   183  O O   . LEU A 1 24 ? 1.550   4.474   10.440  1.00 45.69 ? 21  LEU A O   1 
ATOM   184  C CB  . LEU A 1 24 ? -1.167  3.260   10.890  1.00 42.98 ? 21  LEU A CB  1 
ATOM   185  C CG  . LEU A 1 24 ? -2.480  2.626   11.365  1.00 45.31 ? 21  LEU A CG  1 
ATOM   186  C CD1 . LEU A 1 24 ? -2.741  2.856   12.847  1.00 45.00 ? 21  LEU A CD1 1 
ATOM   187  C CD2 . LEU A 1 24 ? -3.646  3.128   10.523  1.00 36.91 ? 21  LEU A CD2 1 
ATOM   188  N N   . SER A 1 25 ? 2.028   2.312   10.350  1.00 41.39 ? 22  SER A N   1 
ATOM   189  C CA  . SER A 1 25 ? 3.055   2.520   9.361   1.00 35.82 ? 22  SER A CA  1 
ATOM   190  C C   . SER A 1 25 ? 2.499   1.957   8.070   1.00 39.20 ? 22  SER A C   1 
ATOM   191  O O   . SER A 1 25 ? 2.007   0.832   8.035   1.00 37.71 ? 22  SER A O   1 
ATOM   192  C CB  . SER A 1 25 ? 4.332   1.803   9.772   1.00 46.87 ? 22  SER A CB  1 
ATOM   193  O OG  . SER A 1 25 ? 5.397   2.111   8.898   1.00 51.18 ? 22  SER A OG  1 
ATOM   194  N N   . VAL A 1 26 ? 2.556   2.747   7.008   1.00 38.02 ? 23  VAL A N   1 
ATOM   195  C CA  . VAL A 1 26 ? 1.879   2.382   5.777   1.00 38.37 ? 23  VAL A CA  1 
ATOM   196  C C   . VAL A 1 26 ? 2.729   2.686   4.529   1.00 40.47 ? 23  VAL A C   1 
ATOM   197  O O   . VAL A 1 26 ? 3.406   3.707   4.472   1.00 43.39 ? 23  VAL A O   1 
ATOM   198  C CB  . VAL A 1 26 ? 0.444   3.030   5.711   1.00 40.17 ? 23  VAL A CB  1 
ATOM   199  C CG1 . VAL A 1 26 ? 0.217   4.029   6.829   1.00 37.56 ? 23  VAL A CG1 1 
ATOM   200  C CG2 . VAL A 1 26 ? 0.175   3.654   4.384   1.00 31.45 ? 23  VAL A CG2 1 
ATOM   201  N N   . PRO A 1 27 ? 2.738   1.769   3.546   1.00 39.64 ? 24  PRO A N   1 
ATOM   202  C CA  . PRO A 1 27 ? 3.474   2.054   2.304   1.00 40.52 ? 24  PRO A CA  1 
ATOM   203  C C   . PRO A 1 27 ? 2.987   3.349   1.644   1.00 39.10 ? 24  PRO A C   1 
ATOM   204  O O   . PRO A 1 27 ? 1.773   3.563   1.524   1.00 36.60 ? 24  PRO A O   1 
ATOM   205  C CB  . PRO A 1 27 ? 3.142   0.844   1.404   1.00 38.33 ? 24  PRO A CB  1 
ATOM   206  C CG  . PRO A 1 27 ? 2.739   -0.252  2.342   1.00 36.18 ? 24  PRO A CG  1 
ATOM   207  C CD  . PRO A 1 27 ? 2.167   0.407   3.572   1.00 35.28 ? 24  PRO A CD  1 
ATOM   208  N N   . GLU A 1 28 ? 3.924   4.184   1.206   1.00 38.52 ? 25  GLU A N   1 
ATOM   209  C CA  . GLU A 1 28 ? 3.598   5.491   0.651   1.00 39.10 ? 25  GLU A CA  1 
ATOM   210  C C   . GLU A 1 28 ? 2.518   5.464   -0.439  1.00 38.94 ? 25  GLU A C   1 
ATOM   211  O O   . GLU A 1 28 ? 1.688   6.379   -0.513  1.00 38.41 ? 25  GLU A O   1 
ATOM   212  C CB  . GLU A 1 28 ? 4.855   6.173   0.113   1.00 41.07 ? 25  GLU A CB  1 
ATOM   213  C CG  . GLU A 1 28 ? 5.843   6.639   1.178   1.00 43.40 ? 25  GLU A CG  1 
ATOM   214  C CD  . GLU A 1 28 ? 6.903   7.566   0.600   1.00 46.61 ? 25  GLU A CD  1 
ATOM   215  O OE1 . GLU A 1 28 ? 7.935   7.798   1.264   1.00 46.88 ? 25  GLU A OE1 1 
ATOM   216  O OE2 . GLU A 1 28 ? 6.709   8.051   -0.535  1.00 46.84 ? 25  GLU A OE2 1 
ATOM   217  N N   . SER A 1 29 ? 2.510   4.410   -1.253  1.00 33.11 ? 26  SER A N   1 
ATOM   218  C CA  . SER A 1 29 ? 1.597   4.317   -2.387  1.00 35.28 ? 26  SER A CA  1 
ATOM   219  C C   . SER A 1 29 ? 0.212   3.795   -2.029  1.00 38.06 ? 26  SER A C   1 
ATOM   220  O O   . SER A 1 29 ? -0.612  3.547   -2.906  1.00 38.51 ? 26  SER A O   1 
ATOM   221  C CB  . SER A 1 29 ? 2.190   3.410   -3.461  1.00 41.39 ? 26  SER A CB  1 
ATOM   222  O OG  . SER A 1 29 ? 3.211   4.070   -4.185  1.00 39.59 ? 26  SER A OG  1 
ATOM   223  N N   . THR A 1 30 ? -0.053  3.634   -0.742  1.00 36.08 ? 27  THR A N   1 
ATOM   224  C CA  . THR A 1 30 ? -1.318  3.094   -0.313  1.00 37.36 ? 27  THR A CA  1 
ATOM   225  C C   . THR A 1 30 ? -2.438  4.137   -0.304  1.00 40.41 ? 27  THR A C   1 
ATOM   226  O O   . THR A 1 30 ? -2.304  5.210   0.296   1.00 38.51 ? 27  THR A O   1 
ATOM   227  C CB  . THR A 1 30 ? -1.170  2.430   1.063   1.00 41.38 ? 27  THR A CB  1 
ATOM   228  O OG1 . THR A 1 30 ? -0.464  1.193   0.895   1.00 44.35 ? 27  THR A OG1 1 
ATOM   229  C CG2 . THR A 1 30 ? -2.538  2.173   1.702   1.00 34.68 ? 27  THR A CG2 1 
ATOM   230  N N   . PRO A 1 31 ? -3.550  3.816   -0.982  1.00 40.16 ? 28  PRO A N   1 
ATOM   231  C CA  . PRO A 1 31 ? -4.740  4.670   -1.043  1.00 39.19 ? 28  PRO A CA  1 
ATOM   232  C C   . PRO A 1 31 ? -5.174  4.943   0.372   1.00 39.16 ? 28  PRO A C   1 
ATOM   233  O O   . PRO A 1 31 ? -5.166  4.022   1.190   1.00 37.47 ? 28  PRO A O   1 
ATOM   234  C CB  . PRO A 1 31 ? -5.785  3.775   -1.713  1.00 36.69 ? 28  PRO A CB  1 
ATOM   235  C CG  . PRO A 1 31 ? -4.998  2.778   -2.481  1.00 43.10 ? 28  PRO A CG  1 
ATOM   236  C CD  . PRO A 1 31 ? -3.743  2.538   -1.688  1.00 40.94 ? 28  PRO A CD  1 
ATOM   237  N N   . PHE A 1 32 ? -5.544  6.176   0.678   1.00 36.70 ? 29  PHE A N   1 
ATOM   238  C CA  . PHE A 1 32 ? -5.822  6.479   2.063   1.00 39.05 ? 29  PHE A CA  1 
ATOM   239  C C   . PHE A 1 32 ? -7.059  5.757   2.626   1.00 40.86 ? 29  PHE A C   1 
ATOM   240  O O   . PHE A 1 32 ? -7.211  5.652   3.842   1.00 37.99 ? 29  PHE A O   1 
ATOM   241  C CB  . PHE A 1 32 ? -5.899  7.983   2.292   1.00 38.80 ? 29  PHE A CB  1 
ATOM   242  C CG  . PHE A 1 32 ? -5.565  8.370   3.688   1.00 37.90 ? 29  PHE A CG  1 
ATOM   243  C CD1 . PHE A 1 32 ? -4.252  8.355   4.119   1.00 35.89 ? 29  PHE A CD1 1 
ATOM   244  C CD2 . PHE A 1 32 ? -6.560  8.698   4.585   1.00 36.60 ? 29  PHE A CD2 1 
ATOM   245  C CE1 . PHE A 1 32 ? -3.933  8.690   5.416   1.00 37.36 ? 29  PHE A CE1 1 
ATOM   246  C CE2 . PHE A 1 32 ? -6.255  9.047   5.880   1.00 34.74 ? 29  PHE A CE2 1 
ATOM   247  C CZ  . PHE A 1 32 ? -4.937  9.042   6.300   1.00 38.09 ? 29  PHE A CZ  1 
ATOM   248  N N   . THR A 1 33 ? -7.932  5.271   1.736   1.00 43.47 ? 30  THR A N   1 
ATOM   249  C CA  . THR A 1 33 ? -9.098  4.466   2.126   1.00 39.69 ? 30  THR A CA  1 
ATOM   250  C C   . THR A 1 33 ? -8.697  3.232   2.926   1.00 36.93 ? 30  THR A C   1 
ATOM   251  O O   . THR A 1 33 ? -9.410  2.810   3.833   1.00 43.39 ? 30  THR A O   1 
ATOM   252  C CB  . THR A 1 33 ? -9.868  3.941   0.907   1.00 38.26 ? 30  THR A CB  1 
ATOM   253  O OG1 . THR A 1 33 ? -9.087  2.939   0.250   1.00 41.21 ? 30  THR A OG1 1 
ATOM   254  C CG2 . THR A 1 33 ? -10.160 5.037   -0.064  1.00 34.44 ? 30  THR A CG2 1 
ATOM   255  N N   . ALA A 1 34 ? -7.552  2.651   2.582   1.00 41.22 ? 31  ALA A N   1 
ATOM   256  C CA  . ALA A 1 34 ? -7.045  1.484   3.294   1.00 37.67 ? 31  ALA A CA  1 
ATOM   257  C C   . ALA A 1 34 ? -6.630  1.857   4.706   1.00 37.78 ? 31  ALA A C   1 
ATOM   258  O O   . ALA A 1 34 ? -6.858  1.109   5.650   1.00 46.27 ? 31  ALA A O   1 
ATOM   259  C CB  . ALA A 1 34 ? -5.891  0.884   2.553   1.00 33.31 ? 31  ALA A CB  1 
ATOM   260  N N   . VAL A 1 35 ? -6.028  3.028   4.845   1.00 40.48 ? 32  VAL A N   1 
ATOM   261  C CA  . VAL A 1 35 ? -5.583  3.508   6.146   1.00 42.46 ? 32  VAL A CA  1 
ATOM   262  C C   . VAL A 1 35 ? -6.774  3.775   7.039   1.00 37.18 ? 32  VAL A C   1 
ATOM   263  O O   . VAL A 1 35 ? -6.768  3.409   8.200   1.00 36.93 ? 32  VAL A O   1 
ATOM   264  C CB  . VAL A 1 35 ? -4.755  4.801   6.019   1.00 40.91 ? 32  VAL A CB  1 
ATOM   265  C CG1 . VAL A 1 35 ? -4.210  5.218   7.382   1.00 32.10 ? 32  VAL A CG1 1 
ATOM   266  C CG2 . VAL A 1 35 ? -3.629  4.602   5.005   1.00 36.93 ? 32  VAL A CG2 1 
ATOM   267  N N   . LEU A 1 36 ? -7.797  4.406   6.481   1.00 37.97 ? 33  LEU A N   1 
ATOM   268  C CA  . LEU A 1 36 ? -8.990  4.723   7.243   1.00 39.63 ? 33  LEU A CA  1 
ATOM   269  C C   . LEU A 1 36 ? -9.677  3.430   7.730   1.00 44.27 ? 33  LEU A C   1 
ATOM   270  O O   . LEU A 1 36 ? -10.036 3.325   8.909   1.00 39.33 ? 33  LEU A O   1 
ATOM   271  C CB  . LEU A 1 36 ? -9.912  5.626   6.415   1.00 37.43 ? 33  LEU A CB  1 
ATOM   272  C CG  . LEU A 1 36 ? -11.355 5.939   6.846   1.00 50.32 ? 33  LEU A CG  1 
ATOM   273  C CD1 . LEU A 1 36 ? -12.343 4.895   6.328   1.00 53.21 ? 33  LEU A CD1 1 
ATOM   274  C CD2 . LEU A 1 36 ? -11.494 6.069   8.357   1.00 48.45 ? 33  LEU A CD2 1 
ATOM   275  N N   . LYS A 1 37 ? -9.833  2.453   6.833   1.00 42.96 ? 34  LYS A N   1 
ATOM   276  C CA  . LYS A 1 37 ? -10.445 1.178   7.197   1.00 43.80 ? 34  LYS A CA  1 
ATOM   277  C C   . LYS A 1 37 ? -9.635  0.505   8.296   1.00 40.97 ? 34  LYS A C   1 
ATOM   278  O O   . LYS A 1 37 ? -10.167 0.102   9.328   1.00 42.72 ? 34  LYS A O   1 
ATOM   279  C CB  . LYS A 1 37 ? -10.568 0.252   5.976   1.00 41.72 ? 34  LYS A CB  1 
ATOM   280  N N   . PHE A 1 38 ? -8.339  0.394   8.076   1.00 35.50 ? 35  PHE A N   1 
ATOM   281  C CA  . PHE A 1 38 ? -7.471  -0.176  9.085   1.00 38.87 ? 35  PHE A CA  1 
ATOM   282  C C   . PHE A 1 38 ? -7.603  0.530   10.442  1.00 42.03 ? 35  PHE A C   1 
ATOM   283  O O   . PHE A 1 38 ? -7.673  -0.122  11.488  1.00 48.33 ? 35  PHE A O   1 
ATOM   284  C CB  . PHE A 1 38 ? -6.028  -0.129  8.610   1.00 37.71 ? 35  PHE A CB  1 
ATOM   285  C CG  . PHE A 1 38 ? -5.104  -0.938  9.447   1.00 38.77 ? 35  PHE A CG  1 
ATOM   286  C CD1 . PHE A 1 38 ? -4.641  -0.451  10.667  1.00 38.48 ? 35  PHE A CD1 1 
ATOM   287  C CD2 . PHE A 1 38 ? -4.703  -2.202  9.035   1.00 40.73 ? 35  PHE A CD2 1 
ATOM   288  C CE1 . PHE A 1 38 ? -3.791  -1.215  11.468  1.00 43.68 ? 35  PHE A CE1 1 
ATOM   289  C CE2 . PHE A 1 38 ? -3.839  -2.972  9.828   1.00 39.51 ? 35  PHE A CE2 1 
ATOM   290  C CZ  . PHE A 1 38 ? -3.381  -2.474  11.045  1.00 37.82 ? 35  PHE A CZ  1 
ATOM   291  N N   . ALA A 1 39 ? -7.636  1.859   10.435  1.00 39.85 ? 36  ALA A N   1 
ATOM   292  C CA  . ALA A 1 39 ? -7.759  2.613   11.685  1.00 44.23 ? 36  ALA A CA  1 
ATOM   293  C C   . ALA A 1 39 ? -9.111  2.386   12.380  1.00 39.64 ? 36  ALA A C   1 
ATOM   294  O O   . ALA A 1 39 ? -9.157  2.112   13.570  1.00 42.25 ? 36  ALA A O   1 
ATOM   295  C CB  . ALA A 1 39 ? -7.506  4.121   11.448  1.00 38.11 ? 36  ALA A CB  1 
ATOM   296  N N   . ALA A 1 40 ? -10.199 2.528   11.630  1.00 39.39 ? 37  ALA A N   1 
ATOM   297  C CA  . ALA A 1 40 ? -11.539 2.232   12.129  1.00 45.37 ? 37  ALA A CA  1 
ATOM   298  C C   . ALA A 1 40 ? -11.591 0.874   12.825  1.00 46.30 ? 37  ALA A C   1 
ATOM   299  O O   . ALA A 1 40 ? -12.091 0.763   13.938  1.00 50.65 ? 37  ALA A O   1 
ATOM   300  C CB  . ALA A 1 40 ? -12.550 2.287   10.993  1.00 42.82 ? 37  ALA A CB  1 
ATOM   301  N N   . GLU A 1 41 ? -11.036 -0.150  12.191  1.00 42.56 ? 38  GLU A N   1 
ATOM   302  C CA  . GLU A 1 41 ? -11.038 -1.467  12.807  1.00 44.85 ? 38  GLU A CA  1 
ATOM   303  C C   . GLU A 1 41 ? -10.245 -1.507  14.084  1.00 45.11 ? 38  GLU A C   1 
ATOM   304  O O   . GLU A 1 41 ? -10.665 -2.136  15.040  1.00 53.11 ? 38  GLU A O   1 
ATOM   305  C CB  . GLU A 1 41 ? -10.538 -2.519  11.837  1.00 40.12 ? 38  GLU A CB  1 
ATOM   306  C CG  . GLU A 1 41 ? -11.468 -2.659  10.671  1.00 44.37 ? 38  GLU A CG  1 
ATOM   307  C CD  . GLU A 1 41 ? -10.855 -3.419  9.546   1.00 51.10 ? 38  GLU A CD  1 
ATOM   308  O OE1 . GLU A 1 41 ? -9.618  -3.637  9.591   1.00 58.87 ? 38  GLU A OE1 1 
ATOM   309  O OE2 . GLU A 1 41 ? -11.607 -3.786  8.615   1.00 57.96 ? 38  GLU A OE2 1 
ATOM   310  N N   . GLU A 1 42 ? -9.099  -0.841  14.116  1.00 45.07 ? 39  GLU A N   1 
ATOM   311  C CA  . GLU A 1 42 ? -8.297  -0.858  15.328  1.00 47.00 ? 39  GLU A CA  1 
ATOM   312  C C   . GLU A 1 42 ? -9.085  -0.197  16.437  1.00 51.22 ? 39  GLU A C   1 
ATOM   313  O O   . GLU A 1 42 ? -8.881  -0.482  17.617  1.00 59.42 ? 39  GLU A O   1 
ATOM   314  C CB  . GLU A 1 42 ? -6.967  -0.129  15.139  1.00 47.89 ? 39  GLU A CB  1 
ATOM   315  C CG  . GLU A 1 42 ? -5.941  -0.917  14.368  1.00 51.13 ? 39  GLU A CG  1 
ATOM   316  C CD  . GLU A 1 42 ? -5.524  -2.174  15.102  1.00 53.85 ? 39  GLU A CD  1 
ATOM   317  O OE1 . GLU A 1 42 ? -5.408  -2.126  16.347  1.00 53.86 ? 39  GLU A OE1 1 
ATOM   318  O OE2 . GLU A 1 42 ? -5.330  -3.212  14.432  1.00 57.75 ? 39  GLU A OE2 1 
ATOM   319  N N   . PHE A 1 43 ? -9.988  0.698   16.058  1.00 50.24 ? 40  PHE A N   1 
ATOM   320  C CA  . PHE A 1 43 ? -10.728 1.459   17.055  1.00 51.53 ? 40  PHE A CA  1 
ATOM   321  C C   . PHE A 1 43 ? -12.111 0.897   17.199  1.00 54.30 ? 40  PHE A C   1 
ATOM   322  O O   . PHE A 1 43 ? -12.926 1.429   17.952  1.00 56.95 ? 40  PHE A O   1 
ATOM   323  C CB  . PHE A 1 43 ? -10.799 2.941   16.692  1.00 47.03 ? 40  PHE A CB  1 
ATOM   324  C CG  . PHE A 1 43 ? -9.559  3.694   17.040  1.00 43.02 ? 40  PHE A CG  1 
ATOM   325  C CD1 . PHE A 1 43 ? -9.247  3.951   18.359  1.00 38.54 ? 40  PHE A CD1 1 
ATOM   326  C CD2 . PHE A 1 43 ? -8.695  4.130   16.050  1.00 42.88 ? 40  PHE A CD2 1 
ATOM   327  C CE1 . PHE A 1 43 ? -8.105  4.652   18.696  1.00 43.46 ? 40  PHE A CE1 1 
ATOM   328  C CE2 . PHE A 1 43 ? -7.544  4.830   16.372  1.00 42.85 ? 40  PHE A CE2 1 
ATOM   329  C CZ  . PHE A 1 43 ? -7.252  5.098   17.704  1.00 47.26 ? 40  PHE A CZ  1 
ATOM   330  N N   . LYS A 1 44 ? -12.357 -0.201  16.489  1.00 53.71 ? 41  LYS A N   1 
ATOM   331  C CA  . LYS A 1 44 ? -13.628 -0.888  16.560  1.00 50.26 ? 41  LYS A CA  1 
ATOM   332  C C   . LYS A 1 44 ? -14.721 0.118   16.274  1.00 53.43 ? 41  LYS A C   1 
ATOM   333  O O   . LYS A 1 44 ? -15.598 0.322   17.110  1.00 62.52 ? 41  LYS A O   1 
ATOM   334  C CB  . LYS A 1 44 ? -13.848 -1.490  17.964  1.00 51.93 ? 41  LYS A CB  1 
ATOM   335  C CG  . LYS A 1 44 ? -12.569 -1.812  18.771  1.00 56.41 ? 41  LYS A CG  1 
ATOM   336  C CD  . LYS A 1 44 ? -12.311 -3.311  18.943  1.00 65.62 ? 41  LYS A CD  1 
ATOM   337  C CE  . LYS A 1 44 ? -12.969 -3.884  20.200  1.00 75.31 ? 41  LYS A CE  1 
ATOM   338  N NZ  . LYS A 1 44 ? -12.302 -3.484  21.488  1.00 77.23 ? 41  LYS A NZ  1 
ATOM   339  N N   . VAL A 1 45 ? -14.652 0.790   15.127  1.00 47.69 ? 42  VAL A N   1 
ATOM   340  C CA  . VAL A 1 45 ? -15.708 1.730   14.729  1.00 43.94 ? 42  VAL A CA  1 
ATOM   341  C C   . VAL A 1 45 ? -15.965 1.535   13.242  1.00 48.94 ? 42  VAL A C   1 
ATOM   342  O O   . VAL A 1 45 ? -15.084 1.077   12.515  1.00 53.89 ? 42  VAL A O   1 
ATOM   343  C CB  . VAL A 1 45 ? -15.346 3.222   15.026  1.00 47.74 ? 42  VAL A CB  1 
ATOM   344  C CG1 . VAL A 1 45 ? -15.006 3.436   16.518  1.00 39.15 ? 42  VAL A CG1 1 
ATOM   345  C CG2 . VAL A 1 45 ? -14.215 3.702   14.119  1.00 43.43 ? 42  VAL A CG2 1 
ATOM   346  N N   . PRO A 1 46 ? -17.176 1.853   12.782  1.00 49.04 ? 43  PRO A N   1 
ATOM   347  C CA  . PRO A 1 46 ? -17.524 1.548   11.389  1.00 50.38 ? 43  PRO A CA  1 
ATOM   348  C C   . PRO A 1 46 ? -16.698 2.318   10.367  1.00 48.93 ? 43  PRO A C   1 
ATOM   349  O O   . PRO A 1 46 ? -16.803 3.543   10.266  1.00 49.94 ? 43  PRO A O   1 
ATOM   350  C CB  . PRO A 1 46 ? -19.000 1.968   11.289  1.00 45.15 ? 43  PRO A CB  1 
ATOM   351  C CG  . PRO A 1 46 ? -19.490 1.994   12.688  1.00 48.87 ? 43  PRO A CG  1 
ATOM   352  C CD  . PRO A 1 46 ? -18.322 2.393   13.533  1.00 49.07 ? 43  PRO A CD  1 
ATOM   353  N N   . ALA A 1 47 ? -15.918 1.584   9.586   1.00 48.75 ? 44  ALA A N   1 
ATOM   354  C CA  . ALA A 1 47 ? -15.085 2.184   8.566   1.00 45.92 ? 44  ALA A CA  1 
ATOM   355  C C   . ALA A 1 47 ? -15.895 3.016   7.591   1.00 51.64 ? 44  ALA A C   1 
ATOM   356  O O   . ALA A 1 47 ? -15.427 4.056   7.104   1.00 54.22 ? 44  ALA A O   1 
ATOM   357  C CB  . ALA A 1 47 ? -14.311 1.122   7.830   1.00 45.33 ? 44  ALA A CB  1 
ATOM   358  N N   . ALA A 1 48 ? -17.115 2.576   7.306   1.00 50.83 ? 45  ALA A N   1 
ATOM   359  C CA  . ALA A 1 48 ? -17.886 3.205   6.231   1.00 45.01 ? 45  ALA A CA  1 
ATOM   360  C C   . ALA A 1 48 ? -18.415 4.590   6.598   1.00 47.13 ? 45  ALA A C   1 
ATOM   361  O O   . ALA A 1 48 ? -18.704 5.393   5.710   1.00 50.56 ? 45  ALA A O   1 
ATOM   362  C CB  . ALA A 1 48 ? -19.011 2.297   5.769   1.00 36.44 ? 45  ALA A CB  1 
ATOM   363  N N   . THR A 1 49 ? -18.533 4.869   7.897   1.00 46.28 ? 46  THR A N   1 
ATOM   364  C CA  . THR A 1 49 ? -19.074 6.149   8.360   1.00 51.59 ? 46  THR A CA  1 
ATOM   365  C C   . THR A 1 49 ? -18.065 7.051   9.083   1.00 50.54 ? 46  THR A C   1 
ATOM   366  O O   . THR A 1 49 ? -18.356 8.207   9.376   1.00 53.68 ? 46  THR A O   1 
ATOM   367  C CB  . THR A 1 49 ? -20.294 5.947   9.275   1.00 51.06 ? 46  THR A CB  1 
ATOM   368  O OG1 . THR A 1 49 ? -19.971 4.991   10.294  1.00 58.08 ? 46  THR A OG1 1 
ATOM   369  C CG2 . THR A 1 49 ? -21.447 5.431   8.475   1.00 47.68 ? 46  THR A CG2 1 
ATOM   370  N N   . SER A 1 50 ? -16.885 6.526   9.376   1.00 47.18 ? 47  SER A N   1 
ATOM   371  C CA  . SER A 1 50 ? -15.909 7.295   10.123  1.00 41.80 ? 47  SER A CA  1 
ATOM   372  C C   . SER A 1 50 ? -15.077 8.141   9.168   1.00 45.75 ? 47  SER A C   1 
ATOM   373  O O   . SER A 1 50 ? -15.042 7.869   7.970   1.00 50.24 ? 47  SER A O   1 
ATOM   374  C CB  . SER A 1 50 ? -15.032 6.359   10.956  1.00 46.36 ? 47  SER A CB  1 
ATOM   375  O OG  . SER A 1 50 ? -15.833 5.495   11.763  1.00 45.50 ? 47  SER A OG  1 
ATOM   376  N N   . ALA A 1 51 ? -14.429 9.181   9.687   1.00 40.95 ? 48  ALA A N   1 
ATOM   377  C CA  . ALA A 1 51 ? -13.566 10.017  8.871   1.00 35.60 ? 48  ALA A CA  1 
ATOM   378  C C   . ALA A 1 51 ? -12.260 10.279  9.583   1.00 37.28 ? 48  ALA A C   1 
ATOM   379  O O   . ALA A 1 51 ? -12.183 10.167  10.809  1.00 36.55 ? 48  ALA A O   1 
ATOM   380  C CB  . ALA A 1 51 ? -14.242 11.331  8.515   1.00 30.01 ? 48  ALA A CB  1 
ATOM   381  N N   . ILE A 1 52 ? -11.240 10.613  8.794   1.00 36.34 ? 49  ILE A N   1 
ATOM   382  C CA  . ILE A 1 52 ? -9.936  11.014  9.306   1.00 37.49 ? 49  ILE A CA  1 
ATOM   383  C C   . ILE A 1 52 ? -9.758  12.476  8.959   1.00 37.67 ? 49  ILE A C   1 
ATOM   384  O O   . ILE A 1 52 ? -9.872  12.855  7.793   1.00 37.00 ? 49  ILE A O   1 
ATOM   385  C CB  . ILE A 1 52 ? -8.775  10.221  8.644   1.00 37.35 ? 49  ILE A CB  1 
ATOM   386  C CG1 . ILE A 1 52 ? -9.040  8.717   8.690   1.00 41.10 ? 49  ILE A CG1 1 
ATOM   387  C CG2 . ILE A 1 52 ? -7.458  10.515  9.346   1.00 37.46 ? 49  ILE A CG2 1 
ATOM   388  C CD1 . ILE A 1 52 ? -8.853  8.125   10.040  1.00 35.59 ? 49  ILE A CD1 1 
ATOM   389  N N   . ILE A 1 53 ? -9.493  13.306  9.961   1.00 36.99 ? 50  ILE A N   1 
ATOM   390  C CA  . ILE A 1 53 ? -9.235  14.716  9.698   1.00 37.89 ? 50  ILE A CA  1 
ATOM   391  C C   . ILE A 1 53 ? -7.900  15.125  10.301  1.00 37.63 ? 50  ILE A C   1 
ATOM   392  O O   . ILE A 1 53 ? -7.351  14.408  11.144  1.00 39.81 ? 50  ILE A O   1 
ATOM   393  C CB  . ILE A 1 53 ? -10.346 15.608  10.265  1.00 38.34 ? 50  ILE A CB  1 
ATOM   394  C CG1 . ILE A 1 53 ? -10.242 15.675  11.796  1.00 37.52 ? 50  ILE A CG1 1 
ATOM   395  C CG2 . ILE A 1 53 ? -11.699 15.091  9.824   1.00 35.73 ? 50  ILE A CG2 1 
ATOM   396  C CD1 . ILE A 1 53 ? -11.271 16.544  12.428  1.00 29.97 ? 50  ILE A CD1 1 
ATOM   397  N N   . THR A 1 54 ? -7.382  16.270  9.861   1.00 35.42 ? 51  THR A N   1 
ATOM   398  C CA  . THR A 1 54 ? -6.107  16.796  10.356  1.00 37.95 ? 51  THR A CA  1 
ATOM   399  C C   . THR A 1 54 ? -6.370  17.472  11.688  1.00 43.16 ? 51  THR A C   1 
ATOM   400  O O   . THR A 1 54 ? -7.532  17.695  12.044  1.00 43.64 ? 51  THR A O   1 
ATOM   401  C CB  . THR A 1 54 ? -5.530  17.884  9.427   1.00 38.05 ? 51  THR A CB  1 
ATOM   402  O OG1 . THR A 1 54 ? -6.328  19.069  9.536   1.00 40.07 ? 51  THR A OG1 1 
ATOM   403  C CG2 . THR A 1 54 ? -5.482  17.428  7.961   1.00 33.69 ? 51  THR A CG2 1 
ATOM   404  N N   . ASN A 1 55 ? -5.309  17.828  12.412  1.00 42.84 ? 52  ASN A N   1 
ATOM   405  C CA  . ASN A 1 55 ? -5.476  18.576  13.659  1.00 45.10 ? 52  ASN A CA  1 
ATOM   406  C C   . ASN A 1 55 ? -6.027  19.990  13.471  1.00 48.12 ? 52  ASN A C   1 
ATOM   407  O O   . ASN A 1 55 ? -6.412  20.638  14.437  1.00 53.01 ? 52  ASN A O   1 
ATOM   408  C CB  . ASN A 1 55 ? -4.162  18.665  14.424  1.00 47.16 ? 52  ASN A CB  1 
ATOM   409  C CG  . ASN A 1 55 ? -3.940  17.477  15.319  1.00 53.97 ? 52  ASN A CG  1 
ATOM   410  O OD1 . ASN A 1 55 ? -4.892  16.767  15.686  1.00 52.28 ? 52  ASN A OD1 1 
ATOM   411  N ND2 . ASN A 1 55 ? -2.682  17.245  15.687  1.00 49.62 ? 52  ASN A ND2 1 
ATOM   412  N N   . ASP A 1 56 ? -6.039  20.469  12.232  1.00 47.11 ? 53  ASP A N   1 
ATOM   413  C CA  . ASP A 1 56 ? -6.525  21.808  11.925  1.00 49.11 ? 53  ASP A CA  1 
ATOM   414  C C   . ASP A 1 56 ? -7.845  21.805  11.138  1.00 50.78 ? 53  ASP A C   1 
ATOM   415  O O   . ASP A 1 56 ? -8.130  22.738  10.403  1.00 53.39 ? 53  ASP A O   1 
ATOM   416  C CB  . ASP A 1 56 ? -5.449  22.631  11.185  1.00 49.73 ? 53  ASP A CB  1 
ATOM   417  C CG  . ASP A 1 56 ? -5.032  22.014  9.837   1.00 55.76 ? 53  ASP A CG  1 
ATOM   418  O OD1 . ASP A 1 56 ? -4.249  21.041  9.816   1.00 56.62 ? 53  ASP A OD1 1 
ATOM   419  O OD2 . ASP A 1 56 ? -5.454  22.529  8.781   1.00 61.78 ? 53  ASP A OD2 1 
ATOM   420  N N   . GLY A 1 57 ? -8.645  20.756  11.283  1.00 45.70 ? 54  GLY A N   1 
ATOM   421  C CA  . GLY A 1 57 ? -9.971  20.749  10.695  1.00 46.48 ? 54  GLY A CA  1 
ATOM   422  C C   . GLY A 1 57 ? -10.104 20.680  9.179   1.00 44.92 ? 54  GLY A C   1 
ATOM   423  O O   . GLY A 1 57 ? -11.057 21.239  8.622   1.00 44.69 ? 54  GLY A O   1 
ATOM   424  N N   . ILE A 1 58 ? -9.166  20.000  8.516   1.00 45.38 ? 55  ILE A N   1 
ATOM   425  C CA  . ILE A 1 58 ? -9.300  19.650  7.100   1.00 40.22 ? 55  ILE A CA  1 
ATOM   426  C C   . ILE A 1 58 ? -9.688  18.180  6.953   1.00 37.33 ? 55  ILE A C   1 
ATOM   427  O O   . ILE A 1 58 ? -9.087  17.315  7.582   1.00 36.30 ? 55  ILE A O   1 
ATOM   428  C CB  . ILE A 1 58 ? -7.973  19.822  6.333   1.00 42.13 ? 55  ILE A CB  1 
ATOM   429  C CG1 . ILE A 1 58 ? -7.392  21.222  6.523   1.00 40.55 ? 55  ILE A CG1 1 
ATOM   430  C CG2 . ILE A 1 58 ? -8.174  19.503  4.848   1.00 42.45 ? 55  ILE A CG2 1 
ATOM   431  C CD1 . ILE A 1 58 ? -8.250  22.300  5.937   1.00 45.40 ? 55  ILE A CD1 1 
ATOM   432  N N   . GLY A 1 59 ? -10.680 17.893  6.116   1.00 40.43 ? 56  GLY A N   1 
ATOM   433  C CA  . GLY A 1 59 ? -11.038 16.516  5.819   1.00 40.44 ? 56  GLY A CA  1 
ATOM   434  C C   . GLY A 1 59 ? -10.098 15.904  4.795   1.00 45.82 ? 56  GLY A C   1 
ATOM   435  O O   . GLY A 1 59 ? -9.729  16.538  3.790   1.00 47.45 ? 56  GLY A O   1 
ATOM   436  N N   . ILE A 1 60 ? -9.671  14.676  5.045   1.00 43.62 ? 57  ILE A N   1 
ATOM   437  C CA  . ILE A 1 60 ? -8.765  14.038  4.103   1.00 44.15 ? 57  ILE A CA  1 
ATOM   438  C C   . ILE A 1 60 ? -9.502  13.239  3.045   1.00 43.98 ? 57  ILE A C   1 
ATOM   439  O O   . ILE A 1 60 ? -10.217 12.289  3.345   1.00 41.41 ? 57  ILE A O   1 
ATOM   440  C CB  . ILE A 1 60 ? -7.724  13.156  4.790   1.00 45.03 ? 57  ILE A CB  1 
ATOM   441  C CG1 . ILE A 1 60 ? -6.736  14.034  5.555   1.00 41.87 ? 57  ILE A CG1 1 
ATOM   442  C CG2 . ILE A 1 60 ? -6.980  12.303  3.751   1.00 40.40 ? 57  ILE A CG2 1 
ATOM   443  C CD1 . ILE A 1 60 ? -6.201  13.374  6.785   1.00 40.79 ? 57  ILE A CD1 1 
ATOM   444  N N   . ASN A 1 61 ? -9.325  13.654  1.799   1.00 47.95 ? 58  ASN A N   1 
ATOM   445  C CA  . ASN A 1 61 ? -9.763  12.863  0.673   1.00 49.57 ? 58  ASN A CA  1 
ATOM   446  C C   . ASN A 1 61 ? -9.075  11.497  0.652   1.00 49.81 ? 58  ASN A C   1 
ATOM   447  O O   . ASN A 1 61 ? -7.847  11.399  0.535   1.00 51.46 ? 58  ASN A O   1 
ATOM   448  C CB  . ASN A 1 61 ? -9.472  13.608  -0.613  1.00 52.76 ? 58  ASN A CB  1 
ATOM   449  C CG  . ASN A 1 61 ? -10.196 13.025  -1.790  1.00 49.85 ? 58  ASN A CG  1 
ATOM   450  O OD1 . ASN A 1 61 ? -10.608 11.857  -1.784  1.00 44.88 ? 58  ASN A OD1 1 
ATOM   451  N ND2 . ASN A 1 61 ? -10.352 13.834  -2.823  1.00 49.59 ? 58  ASN A ND2 1 
ATOM   452  N N   . PRO A 1 62 ? -9.875  10.436  0.755   1.00 45.85 ? 59  PRO A N   1 
ATOM   453  C CA  . PRO A 1 62 ? -9.392  9.054   0.808   1.00 46.29 ? 59  PRO A CA  1 
ATOM   454  C C   . PRO A 1 62 ? -8.842  8.574   -0.526  1.00 45.42 ? 59  PRO A C   1 
ATOM   455  O O   . PRO A 1 62 ? -8.188  7.532   -0.547  1.00 44.23 ? 59  PRO A O   1 
ATOM   456  C CB  . PRO A 1 62 ? -10.657 8.260   1.137   1.00 43.22 ? 59  PRO A CB  1 
ATOM   457  C CG  . PRO A 1 62 ? -11.668 9.287   1.591   1.00 44.19 ? 59  PRO A CG  1 
ATOM   458  C CD  . PRO A 1 62 ? -11.340 10.518  0.864   1.00 41.27 ? 59  PRO A CD  1 
ATOM   459  N N   . ALA A 1 63 ? -9.115  9.294   -1.613  1.00 39.06 ? 60  ALA A N   1 
ATOM   460  C CA  . ALA A 1 63 ? -8.615  8.876   -2.919  1.00 48.17 ? 60  ALA A CA  1 
ATOM   461  C C   . ALA A 1 63 ? -7.238  9.464   -3.104  1.00 49.57 ? 60  ALA A C   1 
ATOM   462  O O   . ALA A 1 63 ? -6.995  10.288  -3.995  1.00 55.62 ? 60  ALA A O   1 
ATOM   463  C CB  . ALA A 1 63 ? -9.530  9.334   -4.031  1.00 42.58 ? 60  ALA A CB  1 
ATOM   464  N N   . GLN A 1 64 ? -6.325  9.046   -2.254  1.00 41.41 ? 61  GLN A N   1 
ATOM   465  C CA  . GLN A 1 64 ? -5.087  9.752   -2.163  1.00 43.06 ? 61  GLN A CA  1 
ATOM   466  C C   . GLN A 1 64 ? -4.118  8.902   -1.429  1.00 37.25 ? 61  GLN A C   1 
ATOM   467  O O   . GLN A 1 64 ? -4.471  8.308   -0.420  1.00 42.63 ? 61  GLN A O   1 
ATOM   468  C CB  . GLN A 1 64 ? -5.300  11.021  -1.364  1.00 46.89 ? 61  GLN A CB  1 
ATOM   469  C CG  . GLN A 1 64 ? -4.052  11.830  -1.240  1.00 49.43 ? 61  GLN A CG  1 
ATOM   470  C CD  . GLN A 1 64 ? -4.352  13.194  -0.736  1.00 50.92 ? 61  GLN A CD  1 
ATOM   471  O OE1 . GLN A 1 64 ? -5.068  13.355  0.257   1.00 55.70 ? 61  GLN A OE1 1 
ATOM   472  N NE2 . GLN A 1 64 ? -3.856  14.200  -1.437  1.00 54.30 ? 61  GLN A NE2 1 
ATOM   473  N N   . THR A 1 65 ? -2.901  8.843   -1.939  1.00 35.85 ? 62  THR A N   1 
ATOM   474  C CA  . THR A 1 65 ? -1.893  7.998   -1.357  1.00 37.47 ? 62  THR A CA  1 
ATOM   475  C C   . THR A 1 65 ? -1.564  8.469   0.042   1.00 37.15 ? 62  THR A C   1 
ATOM   476  O O   . THR A 1 65 ? -1.768  9.644   0.385   1.00 35.73 ? 62  THR A O   1 
ATOM   477  C CB  . THR A 1 65 ? -0.633  8.002   -2.206  1.00 37.51 ? 62  THR A CB  1 
ATOM   478  O OG1 . THR A 1 65 ? 0.060   9.251   -2.052  1.00 44.36 ? 62  THR A OG1 1 
ATOM   479  C CG2 . THR A 1 65 ? -1.002  7.832   -3.627  1.00 37.18 ? 62  THR A CG2 1 
ATOM   480  N N   . ALA A 1 66 ? -1.069  7.536   0.846   1.00 40.71 ? 63  ALA A N   1 
ATOM   481  C CA  . ALA A 1 66 ? -0.587  7.839   2.191   1.00 37.88 ? 63  ALA A CA  1 
ATOM   482  C C   . ALA A 1 66 ? 0.553   8.829   2.133   1.00 35.07 ? 63  ALA A C   1 
ATOM   483  O O   . ALA A 1 66 ? 0.622   9.721   2.969   1.00 32.11 ? 63  ALA A O   1 
ATOM   484  C CB  . ALA A 1 66 ? -0.129  6.590   2.873   1.00 32.70 ? 63  ALA A CB  1 
ATOM   485  N N   . GLY A 1 67 ? 1.444   8.642   1.151   1.00 36.67 ? 64  GLY A N   1 
ATOM   486  C CA  . GLY A 1 67 ? 2.546   9.550   0.901   1.00 32.44 ? 64  GLY A CA  1 
ATOM   487  C C   . GLY A 1 67 ? 2.082   10.994  0.810   1.00 33.17 ? 64  GLY A C   1 
ATOM   488  O O   . GLY A 1 67 ? 2.622   11.868  1.490   1.00 36.78 ? 64  GLY A O   1 
ATOM   489  N N   . ASN A 1 68 ? 1.072   11.255  -0.010  1.00 34.42 ? 65  ASN A N   1 
ATOM   490  C CA  . ASN A 1 68 ? 0.532   12.609  -0.147  1.00 33.65 ? 65  ASN A CA  1 
ATOM   491  C C   . ASN A 1 68 ? 0.008   13.193  1.135   1.00 33.34 ? 65  ASN A C   1 
ATOM   492  O O   . ASN A 1 68 ? 0.248   14.359  1.454   1.00 36.21 ? 65  ASN A O   1 
ATOM   493  C CB  . ASN A 1 68 ? -0.599  12.632  -1.151  1.00 35.15 ? 65  ASN A CB  1 
ATOM   494  C CG  . ASN A 1 68 ? -0.113  12.845  -2.546  1.00 44.95 ? 65  ASN A CG  1 
ATOM   495  O OD1 . ASN A 1 68 ? 0.827   13.612  -2.793  1.00 40.49 ? 65  ASN A OD1 1 
ATOM   496  N ND2 . ASN A 1 68 ? -0.738  12.153  -3.482  1.00 54.79 ? 65  ASN A ND2 1 
ATOM   497  N N   . VAL A 1 69 ? -0.732  12.380  1.865   1.00 33.79 ? 66  VAL A N   1 
ATOM   498  C CA  . VAL A 1 69 ? -1.317  12.847  3.105   1.00 35.35 ? 66  VAL A CA  1 
ATOM   499  C C   . VAL A 1 69 ? -0.195  13.210  4.072   1.00 33.96 ? 66  VAL A C   1 
ATOM   500  O O   . VAL A 1 69 ? -0.215  14.281  4.692   1.00 34.21 ? 66  VAL A O   1 
ATOM   501  C CB  . VAL A 1 69 ? -2.281  11.795  3.724   1.00 31.66 ? 66  VAL A CB  1 
ATOM   502  C CG1 . VAL A 1 69 ? -2.761  12.258  5.090   1.00 31.38 ? 66  VAL A CG1 1 
ATOM   503  C CG2 . VAL A 1 69 ? -3.460  11.558  2.806   1.00 28.84 ? 66  VAL A CG2 1 
ATOM   504  N N   . PHE A 1 70 ? 0.792   12.321  4.173   1.00 31.89 ? 67  PHE A N   1 
ATOM   505  C CA  . PHE A 1 70 ? 1.957   12.557  5.018   1.00 36.83 ? 67  PHE A CA  1 
ATOM   506  C C   . PHE A 1 70 ? 2.623   13.893  4.668   1.00 33.82 ? 67  PHE A C   1 
ATOM   507  O O   . PHE A 1 70 ? 2.840   14.737  5.526   1.00 30.38 ? 67  PHE A O   1 
ATOM   508  C CB  . PHE A 1 70 ? 2.967   11.436  4.828   1.00 35.01 ? 67  PHE A CB  1 
ATOM   509  C CG  . PHE A 1 70 ? 4.165   11.545  5.729   1.00 38.06 ? 67  PHE A CG  1 
ATOM   510  C CD1 . PHE A 1 70 ? 4.049   11.268  7.094   1.00 34.75 ? 67  PHE A CD1 1 
ATOM   511  C CD2 . PHE A 1 70 ? 5.412   11.910  5.218   1.00 31.92 ? 67  PHE A CD2 1 
ATOM   512  C CE1 . PHE A 1 70 ? 5.159   11.355  7.927   1.00 36.71 ? 67  PHE A CE1 1 
ATOM   513  C CE2 . PHE A 1 70 ? 6.531   12.000  6.048   1.00 28.35 ? 67  PHE A CE2 1 
ATOM   514  C CZ  . PHE A 1 70 ? 6.406   11.722  7.393   1.00 36.84 ? 67  PHE A CZ  1 
ATOM   515  N N   . LEU A 1 71 ? 2.905   14.057  3.384   1.00 31.82 ? 68  LEU A N   1 
ATOM   516  C CA  . LEU A 1 71 ? 3.616   15.203  2.866   1.00 36.87 ? 68  LEU A CA  1 
ATOM   517  C C   . LEU A 1 71 ? 2.839   16.499  3.069   1.00 37.70 ? 68  LEU A C   1 
ATOM   518  O O   . LEU A 1 71 ? 3.408   17.516  3.453   1.00 35.83 ? 68  LEU A O   1 
ATOM   519  C CB  . LEU A 1 71 ? 3.864   14.988  1.383   1.00 37.54 ? 68  LEU A CB  1 
ATOM   520  C CG  . LEU A 1 71 ? 5.285   15.032  0.844   1.00 41.50 ? 68  LEU A CG  1 
ATOM   521  C CD1 . LEU A 1 71 ? 6.256   14.322  1.766   1.00 39.14 ? 68  LEU A CD1 1 
ATOM   522  C CD2 . LEU A 1 71 ? 5.275   14.377  -0.540  1.00 39.38 ? 68  LEU A CD2 1 
ATOM   523  N N   . LYS A 1 72 ? 1.533   16.462  2.831   1.00 38.90 ? 69  LYS A N   1 
ATOM   524  C CA  . LYS A 1 72 ? 0.731   17.677  2.949   1.00 35.72 ? 69  LYS A CA  1 
ATOM   525  C C   . LYS A 1 72 ? 0.247   17.997  4.389   1.00 39.37 ? 69  LYS A C   1 
ATOM   526  O O   . LYS A 1 72 ? 0.093   19.158  4.738   1.00 43.89 ? 69  LYS A O   1 
ATOM   527  C CB  . LYS A 1 72 ? -0.441  17.622  1.963   1.00 42.17 ? 69  LYS A CB  1 
ATOM   528  C CG  . LYS A 1 72 ? -1.066  18.984  1.639   1.00 58.83 ? 69  LYS A CG  1 
ATOM   529  C CD  . LYS A 1 72 ? -2.290  18.847  0.701   1.00 64.17 ? 69  LYS A CD  1 
ATOM   530  C CE  . LYS A 1 72 ? -2.869  20.213  0.277   1.00 65.62 ? 69  LYS A CE  1 
ATOM   531  N NZ  . LYS A 1 72 ? -4.368  20.174  0.120   1.00 67.74 ? 69  LYS A NZ  1 
ATOM   532  N N   . HIS A 1 73 ? 0.022   16.990  5.231   1.00 35.85 ? 70  HIS A N   1 
ATOM   533  C CA  . HIS A 1 73 ? -0.623  17.247  6.518   1.00 35.13 ? 70  HIS A CA  1 
ATOM   534  C C   . HIS A 1 73 ? 0.156   16.720  7.704   1.00 36.75 ? 70  HIS A C   1 
ATOM   535  O O   . HIS A 1 73 ? -0.270  16.888  8.847   1.00 40.58 ? 70  HIS A O   1 
ATOM   536  C CB  . HIS A 1 73 ? -2.043  16.663  6.544   1.00 35.71 ? 70  HIS A CB  1 
ATOM   537  C CG  . HIS A 1 73 ? -2.930  17.192  5.462   1.00 40.11 ? 70  HIS A CG  1 
ATOM   538  N ND1 . HIS A 1 73 ? -3.400  18.489  5.451   1.00 48.32 ? 70  HIS A ND1 1 
ATOM   539  C CD2 . HIS A 1 73 ? -3.408  16.608  4.339   1.00 43.96 ? 70  HIS A CD2 1 
ATOM   540  C CE1 . HIS A 1 73 ? -4.148  18.675  4.377   1.00 47.42 ? 70  HIS A CE1 1 
ATOM   541  N NE2 . HIS A 1 73 ? -4.165  17.550  3.683   1.00 47.40 ? 70  HIS A NE2 1 
ATOM   542  N N   . GLY A 1 74 ? 1.289   16.078  7.443   1.00 33.30 ? 71  GLY A N   1 
ATOM   543  C CA  . GLY A 1 74 ? 2.088   15.530  8.523   1.00 39.95 ? 71  GLY A CA  1 
ATOM   544  C C   . GLY A 1 74 ? 1.476   14.274  9.127   1.00 36.33 ? 71  GLY A C   1 
ATOM   545  O O   . GLY A 1 74 ? 0.626   13.660  8.510   1.00 35.73 ? 71  GLY A O   1 
ATOM   546  N N   . SER A 1 75 ? 1.892   13.907  10.337  1.00 35.39 ? 72  SER A N   1 
ATOM   547  C CA  . SER A 1 75 ? 1.525   12.621  10.913  1.00 34.68 ? 72  SER A CA  1 
ATOM   548  C C   . SER A 1 75 ? 0.411   12.645  11.970  1.00 38.84 ? 72  SER A C   1 
ATOM   549  O O   . SER A 1 75 ? -0.105  11.589  12.342  1.00 40.05 ? 72  SER A O   1 
ATOM   550  C CB  . SER A 1 75 ? 2.757   11.921  11.477  1.00 40.67 ? 72  SER A CB  1 
ATOM   551  O OG  . SER A 1 75 ? 3.302   12.647  12.565  1.00 45.02 ? 72  SER A OG  1 
ATOM   552  N N   . GLU A 1 76 ? 0.013   13.823  12.436  1.00 37.89 ? 73  GLU A N   1 
ATOM   553  C CA  . GLU A 1 76 ? -1.041  13.892  13.438  1.00 39.28 ? 73  GLU A CA  1 
ATOM   554  C C   . GLU A 1 76 ? -2.437  13.953  12.859  1.00 40.09 ? 73  GLU A C   1 
ATOM   555  O O   . GLU A 1 76 ? -2.856  15.000  12.393  1.00 39.36 ? 73  GLU A O   1 
ATOM   556  C CB  . GLU A 1 76 ? -0.852  15.091  14.344  1.00 44.66 ? 73  GLU A CB  1 
ATOM   557  C CG  . GLU A 1 76 ? -0.133  14.771  15.623  1.00 46.91 ? 73  GLU A CG  1 
ATOM   558  C CD  . GLU A 1 76 ? 1.346   14.899  15.452  1.00 58.68 ? 73  GLU A CD  1 
ATOM   559  O OE1 . GLU A 1 76 ? 1.894   14.225  14.541  1.00 57.49 ? 73  GLU A OE1 1 
ATOM   560  O OE2 . GLU A 1 76 ? 1.955   15.690  16.213  1.00 65.81 ? 73  GLU A OE2 1 
ATOM   561  N N   . LEU A 1 77 ? -3.161  12.836  12.930  1.00 36.17 ? 74  LEU A N   1 
ATOM   562  C CA  . LEU A 1 77 ? -4.512  12.761  12.397  1.00 35.06 ? 74  LEU A CA  1 
ATOM   563  C C   . LEU A 1 77 ? -5.556  12.413  13.484  1.00 38.55 ? 74  LEU A C   1 
ATOM   564  O O   . LEU A 1 77 ? -5.230  11.864  14.541  1.00 33.47 ? 74  LEU A O   1 
ATOM   565  C CB  . LEU A 1 77 ? -4.555  11.788  11.214  1.00 32.24 ? 74  LEU A CB  1 
ATOM   566  C CG  . LEU A 1 77 ? -3.552  12.101  10.077  1.00 37.80 ? 74  LEU A CG  1 
ATOM   567  C CD1 . LEU A 1 77 ? -3.579  11.075  8.937   1.00 32.39 ? 74  LEU A CD1 1 
ATOM   568  C CD2 . LEU A 1 77 ? -3.765  13.492  9.496   1.00 35.59 ? 74  LEU A CD2 1 
ATOM   569  N N   . ARG A 1 78 ? -6.807  12.779  13.240  1.00 35.12 ? 75  ARG A N   1 
ATOM   570  C CA  . ARG A 1 78 ? -7.878  12.428  14.162  1.00 40.03 ? 75  ARG A CA  1 
ATOM   571  C C   . ARG A 1 78 ? -8.878  11.522  13.462  1.00 39.18 ? 75  ARG A C   1 
ATOM   572  O O   . ARG A 1 78 ? -9.184  11.724  12.276  1.00 39.95 ? 75  ARG A O   1 
ATOM   573  C CB  . ARG A 1 78 ? -8.585  13.676  14.674  1.00 41.82 ? 75  ARG A CB  1 
ATOM   574  C CG  . ARG A 1 78 ? -7.672  14.601  15.430  1.00 39.92 ? 75  ARG A CG  1 
ATOM   575  C CD  . ARG A 1 78 ? -8.333  15.932  15.704  1.00 39.95 ? 75  ARG A CD  1 
ATOM   576  N NE  . ARG A 1 78 ? -7.408  16.802  16.425  1.00 55.13 ? 75  ARG A NE  1 
ATOM   577  C CZ  . ARG A 1 78 ? -7.764  17.684  17.352  1.00 51.35 ? 75  ARG A CZ  1 
ATOM   578  N NH1 . ARG A 1 78 ? -9.046  17.832  17.679  1.00 55.31 ? 75  ARG A NH1 1 
ATOM   579  N NH2 . ARG A 1 78 ? -6.835  18.411  17.953  1.00 43.97 ? 75  ARG A NH2 1 
ATOM   580  N N   . ILE A 1 79 ? -9.373  10.517  14.176  1.00 35.70 ? 76  ILE A N   1 
ATOM   581  C CA  . ILE A 1 79 ? -10.422 9.673   13.607  1.00 38.05 ? 76  ILE A CA  1 
ATOM   582  C C   . ILE A 1 79 ? -11.761 10.091  14.199  1.00 36.29 ? 76  ILE A C   1 
ATOM   583  O O   . ILE A 1 79 ? -11.899 10.209  15.416  1.00 40.70 ? 76  ILE A O   1 
ATOM   584  C CB  . ILE A 1 79 ? -10.135 8.135   13.749  1.00 35.08 ? 76  ILE A CB  1 
ATOM   585  C CG1 . ILE A 1 79 ? -11.198 7.345   12.991  1.00 37.44 ? 76  ILE A CG1 1 
ATOM   586  C CG2 . ILE A 1 79 ? -10.036 7.698   15.220  1.00 34.45 ? 76  ILE A CG2 1 
ATOM   587  C CD1 . ILE A 1 79 ? -11.041 5.844   13.056  1.00 36.73 ? 76  ILE A CD1 1 
ATOM   588  N N   . ILE A 1 80 ? -12.723 10.350  13.318  1.00 37.49 ? 77  ILE A N   1 
ATOM   589  C CA  . ILE A 1 80 ? -14.038 10.867  13.687  1.00 36.57 ? 77  ILE A CA  1 
ATOM   590  C C   . ILE A 1 80 ? -15.174 9.874   13.376  1.00 39.92 ? 77  ILE A C   1 
ATOM   591  O O   . ILE A 1 80 ? -15.633 9.763   12.235  1.00 40.92 ? 77  ILE A O   1 
ATOM   592  C CB  . ILE A 1 80 ? -14.323 12.178  12.915  1.00 39.61 ? 77  ILE A CB  1 
ATOM   593  C CG1 . ILE A 1 80 ? -13.163 13.177  13.097  1.00 38.46 ? 77  ILE A CG1 1 
ATOM   594  C CG2 . ILE A 1 80 ? -15.684 12.771  13.317  1.00 34.37 ? 77  ILE A CG2 1 
ATOM   595  C CD1 . ILE A 1 80 ? -12.878 13.539  14.540  1.00 32.49 ? 77  ILE A CD1 1 
ATOM   596  N N   . PRO A 1 81 ? -15.653 9.153   14.392  1.00 40.75 ? 78  PRO A N   1 
ATOM   597  C CA  . PRO A 1 81 ? -16.810 8.274   14.188  1.00 36.87 ? 78  PRO A CA  1 
ATOM   598  C C   . PRO A 1 81 ? -18.134 9.052   14.190  1.00 41.80 ? 78  PRO A C   1 
ATOM   599  O O   . PRO A 1 81 ? -18.218 10.078  14.863  1.00 46.34 ? 78  PRO A O   1 
ATOM   600  C CB  . PRO A 1 81 ? -16.731 7.346   15.385  1.00 40.96 ? 78  PRO A CB  1 
ATOM   601  C CG  . PRO A 1 81 ? -16.118 8.188   16.451  1.00 43.67 ? 78  PRO A CG  1 
ATOM   602  C CD  . PRO A 1 81 ? -15.128 9.080   15.765  1.00 44.24 ? 78  PRO A CD  1 
ATOM   603  N N   . ARG A 1 82 ? -19.142 8.594   13.443  1.00 48.52 ? 79  ARG A N   1 
ATOM   604  C CA  . ARG A 1 82 ? -20.462 9.265   13.427  1.00 49.88 ? 79  ARG A CA  1 
ATOM   605  C C   . ARG A 1 82 ? -21.284 9.024   14.696  1.00 54.53 ? 79  ARG A C   1 
ATOM   606  O O   . ARG A 1 82 ? -21.118 7.987   15.356  1.00 55.64 ? 79  ARG A O   1 
ATOM   607  C CB  . ARG A 1 82 ? -21.312 8.845   12.210  1.00 50.66 ? 79  ARG A CB  1 
ATOM   608  C CG  . ARG A 1 82 ? -20.900 9.488   10.881  1.00 58.79 ? 79  ARG A CG  1 
ATOM   609  C CD  . ARG A 1 82 ? -22.114 9.884   10.035  1.00 59.46 ? 79  ARG A CD  1 
ATOM   610  N NE  . ARG A 1 82 ? -23.069 8.788   9.881   1.00 59.43 ? 79  ARG A NE  1 
ATOM   611  C CZ  . ARG A 1 82 ? -23.427 8.260   8.714   1.00 62.36 ? 79  ARG A CZ  1 
ATOM   612  N NH1 . ARG A 1 82 ? -22.903 8.732   7.588   1.00 52.01 ? 79  ARG A NH1 1 
ATOM   613  N NH2 . ARG A 1 82 ? -24.311 7.257   8.674   1.00 59.70 ? 79  ARG A NH2 1 
ATOM   614  N N   . ASP A 1 83 ? -22.166 9.984   15.023  1.00 58.49 ? 80  ASP A N   1 
ATOM   615  C CA  . ASP A 1 83 ? -23.210 9.809   16.051  1.00 54.56 ? 80  ASP A CA  1 
ATOM   616  C C   . ASP A 1 83 ? -24.290 8.872   15.523  1.00 58.16 ? 80  ASP A C   1 
ATOM   617  O O   . ASP A 1 83 ? -24.240 8.444   14.367  1.00 57.38 ? 80  ASP A O   1 
ATOM   618  C CB  . ASP A 1 83 ? -23.832 11.151  16.473  1.00 52.61 ? 80  ASP A CB  1 
ATOM   619  C CG  . ASP A 1 83 ? -24.595 11.863  15.325  1.00 63.13 ? 80  ASP A CG  1 
ATOM   620  O OD1 . ASP A 1 83 ? -24.521 11.414  14.146  1.00 57.42 ? 80  ASP A OD1 1 
ATOM   621  O OD2 . ASP A 1 83 ? -25.264 12.899  15.610  1.00 57.93 ? 80  ASP A OD2 1 
ATOM   622  N N   . ARG A 1 84 ? -25.272 8.546   16.349  1.00 57.74 ? 81  ARG A N   1 
ATOM   623  C CA  . ARG A 1 84 ? -26.347 7.703   15.851  1.00 62.68 ? 81  ARG A CA  1 
ATOM   624  C C   . ARG A 1 84 ? -27.606 8.514   15.621  1.00 59.25 ? 81  ARG A C   1 
ATOM   625  O O   . ARG A 1 84 ? -27.775 9.584   16.186  1.00 62.11 ? 81  ARG A O   1 
ATOM   626  C CB  . ARG A 1 84 ? -26.585 6.503   16.774  1.00 64.86 ? 81  ARG A CB  1 
ATOM   627  C CG  . ARG A 1 84 ? -25.746 5.286   16.394  1.00 67.99 ? 81  ARG A CG  1 
ATOM   628  C CD  . ARG A 1 84 ? -26.514 4.304   15.480  1.00 75.65 ? 81  ARG A CD  1 
ATOM   629  N NE  . ARG A 1 84 ? -27.043 4.867   14.225  1.00 74.73 ? 81  ARG A NE  1 
ATOM   630  C CZ  . ARG A 1 84 ? -27.955 4.246   13.471  1.00 71.65 ? 81  ARG A CZ  1 
ATOM   631  N NH1 . ARG A 1 84 ? -28.431 3.068   13.860  1.00 68.43 ? 81  ARG A NH1 1 
ATOM   632  N NH2 . ARG A 1 84 ? -28.408 4.783   12.343  1.00 65.37 ? 81  ARG A NH2 1 
ATOM   633  N N   . VAL A 1 85 ? -28.483 8.022   14.766  1.00 60.15 ? 82  VAL A N   1 
ATOM   634  C CA  . VAL A 1 85 ? -29.742 8.718   14.546  1.00 63.62 ? 82  VAL A CA  1 
ATOM   635  C C   . VAL A 1 85 ? -30.855 7.982   15.291  1.00 64.46 ? 82  VAL A C   1 
ATOM   636  O O   . VAL A 1 85 ? -31.033 6.769   15.130  1.00 64.94 ? 82  VAL A O   1 
ATOM   637  C CB  . VAL A 1 85 ? -30.033 8.879   13.036  1.00 65.72 ? 82  VAL A CB  1 
ATOM   638  C CG1 . VAL A 1 85 ? -31.399 9.473   12.803  1.00 65.74 ? 82  VAL A CG1 1 
ATOM   639  C CG2 . VAL A 1 85 ? -28.976 9.761   12.409  1.00 64.27 ? 82  VAL A CG2 1 
ATOM   640  N N   . GLY A 1 86 ? -31.583 8.711   16.134  1.00 66.64 ? 83  GLY A N   1 
ATOM   641  C CA  . GLY A 1 86 ? -32.530 8.088   17.039  1.00 59.45 ? 83  GLY A CA  1 
ATOM   642  C C   . GLY A 1 86 ? -31.819 7.333   18.152  1.00 61.77 ? 83  GLY A C   1 
ATOM   643  O O   . GLY A 1 86 ? -31.471 6.157   18.013  1.00 65.18 ? 83  GLY A O   1 
ATOM   644  N N   . ASP B 2 1  ? -8.579  -8.065  5.608   1.00 83.53 ? 338 ASP B N   1 
ATOM   645  C CA  . ASP B 2 1  ? -7.598  -8.800  4.816   1.00 75.67 ? 338 ASP B CA  1 
ATOM   646  C C   . ASP B 2 1  ? -6.212  -8.170  4.958   1.00 75.33 ? 338 ASP B C   1 
ATOM   647  O O   . ASP B 2 1  ? -5.197  -8.886  5.022   1.00 73.16 ? 338 ASP B O   1 
ATOM   648  C CB  . ASP B 2 1  ? -8.023  -8.840  3.337   1.00 73.58 ? 338 ASP B CB  1 
ATOM   649  C CG  . ASP B 2 1  ? -7.239  -9.881  2.512   1.00 85.20 ? 338 ASP B CG  1 
ATOM   650  O OD1 . ASP B 2 1  ? -5.991  -9.978  2.656   1.00 76.52 ? 338 ASP B OD1 1 
ATOM   651  O OD2 . ASP B 2 1  ? -7.878  -10.602 1.705   1.00 85.39 ? 338 ASP B OD2 1 
ATOM   652  N N   . ASN B 2 2  ? -6.180  -6.835  5.018   1.00 64.76 ? 339 ASN B N   1 
ATOM   653  C CA  . ASN B 2 2  ? -4.926  -6.056  4.972   1.00 63.96 ? 339 ASN B CA  1 
ATOM   654  C C   . ASN B 2 2  ? -4.002  -6.321  3.762   1.00 59.07 ? 339 ASN B C   1 
ATOM   655  O O   . ASN B 2 2  ? -2.790  -6.566  3.903   1.00 61.06 ? 339 ASN B O   1 
ATOM   656  C CB  . ASN B 2 2  ? -4.133  -6.142  6.278   1.00 59.04 ? 339 ASN B CB  1 
ATOM   657  C CG  . ASN B 2 2  ? -3.094  -5.029  6.394   1.00 57.46 ? 339 ASN B CG  1 
ATOM   658  O OD1 . ASN B 2 2  ? -3.126  -4.046  5.640   1.00 50.17 ? 339 ASN B OD1 1 
ATOM   659  N ND2 . ASN B 2 2  ? -2.172  -5.177  7.342   1.00 53.64 ? 339 ASN B ND2 1 
ATOM   660  N N   . GLU B 2 3  ? -4.587  -6.232  2.578   1.00 48.17 ? 340 GLU B N   1 
ATOM   661  C CA  . GLU B 2 3  ? -3.871  -6.472  1.346   1.00 54.60 ? 340 GLU B CA  1 
ATOM   662  C C   . GLU B 2 3  ? -2.995  -5.288  0.913   1.00 54.47 ? 340 GLU B C   1 
ATOM   663  O O   . GLU B 2 3  ? -2.340  -5.353  -0.132  1.00 56.54 ? 340 GLU B O   1 
ATOM   664  C CB  . GLU B 2 3  ? -4.869  -6.857  0.243   1.00 55.68 ? 340 GLU B CB  1 
ATOM   665  C CG  . GLU B 2 3  ? -5.779  -5.734  -0.245  1.00 54.38 ? 340 GLU B CG  1 
ATOM   666  C CD  . GLU B 2 3  ? -6.872  -5.302  0.747   1.00 61.01 ? 340 GLU B CD  1 
ATOM   667  O OE1 . GLU B 2 3  ? -6.748  -5.573  1.961   1.00 63.66 ? 340 GLU B OE1 1 
ATOM   668  O OE2 . GLU B 2 3  ? -7.865  -4.671  0.303   1.00 60.08 ? 340 GLU B OE2 1 
ATOM   669  N N   . TRP B 2 4  ? -2.977  -4.213  1.704   1.00 50.90 ? 341 TRP B N   1 
ATOM   670  C CA  . TRP B 2 4  ? -2.117  -3.059  1.413   1.00 48.70 ? 341 TRP B CA  1 
ATOM   671  C C   . TRP B 2 4  ? -0.936  -2.967  2.370   1.00 50.17 ? 341 TRP B C   1 
ATOM   672  O O   . TRP B 2 4  ? -0.187  -1.994  2.347   1.00 51.13 ? 341 TRP B O   1 
ATOM   673  C CB  . TRP B 2 4  ? -2.889  -1.730  1.412   1.00 40.99 ? 341 TRP B CB  1 
ATOM   674  C CG  . TRP B 2 4  ? -3.971  -1.674  0.394   1.00 40.10 ? 341 TRP B CG  1 
ATOM   675  C CD1 . TRP B 2 4  ? -5.290  -1.960  0.590   1.00 43.39 ? 341 TRP B CD1 1 
ATOM   676  C CD2 . TRP B 2 4  ? -3.837  -1.315  -0.987  1.00 40.16 ? 341 TRP B CD2 1 
ATOM   677  N NE1 . TRP B 2 4  ? -5.985  -1.806  -0.586  1.00 46.28 ? 341 TRP B NE1 1 
ATOM   678  C CE2 . TRP B 2 4  ? -5.115  -1.409  -1.569  1.00 42.03 ? 341 TRP B CE2 1 
ATOM   679  C CE3 . TRP B 2 4  ? -2.761  -0.918  -1.789  1.00 45.45 ? 341 TRP B CE3 1 
ATOM   680  C CZ2 . TRP B 2 4  ? -5.348  -1.122  -2.919  1.00 42.98 ? 341 TRP B CZ2 1 
ATOM   681  C CZ3 . TRP B 2 4  ? -2.995  -0.637  -3.134  1.00 40.87 ? 341 TRP B CZ3 1 
ATOM   682  C CH2 . TRP B 2 4  ? -4.277  -0.742  -3.681  1.00 41.03 ? 341 TRP B CH2 1 
ATOM   683  N N   . GLY B 2 5  ? -0.772  -3.972  3.220   1.00 46.34 ? 342 GLY B N   1 
ATOM   684  C CA  . GLY B 2 5  ? 0.433   -4.058  4.022   1.00 45.55 ? 342 GLY B CA  1 
ATOM   685  C C   . GLY B 2 5  ? 0.629   -3.020  5.119   1.00 49.33 ? 342 GLY B C   1 
ATOM   686  O O   . GLY B 2 5  ? 1.768   -2.729  5.505   1.00 49.63 ? 342 GLY B O   1 
ATOM   687  N N   . ILE B 2 6  ? -0.467  -2.470  5.634   1.00 45.53 ? 343 ILE B N   1 
ATOM   688  C CA  . ILE B 2 6  ? -0.405  -1.533  6.748   1.00 42.55 ? 343 ILE B CA  1 
ATOM   689  C C   . ILE B 2 6  ? 0.077   -2.233  8.010   1.00 43.69 ? 343 ILE B C   1 
ATOM   690  O O   . ILE B 2 6  ? -0.373  -3.324  8.304   1.00 46.00 ? 343 ILE B O   1 
ATOM   691  C CB  . ILE B 2 6  ? -1.790  -0.899  6.997   1.00 41.73 ? 343 ILE B CB  1 
ATOM   692  C CG1 . ILE B 2 6  ? -2.124  0.050   5.846   1.00 45.15 ? 343 ILE B CG1 1 
ATOM   693  C CG2 . ILE B 2 6  ? -1.840  -0.175  8.361   1.00 40.30 ? 343 ILE B CG2 1 
ATOM   694  C CD1 . ILE B 2 6  ? -3.486  0.707   5.945   1.00 40.99 ? 343 ILE B CD1 1 
ATOM   695  N N   . GLU B 2 7  ? 0.984   -1.605  8.755   1.00 46.22 ? 344 GLU B N   1 
ATOM   696  C CA  . GLU B 2 7  ? 1.507   -2.171  10.000  1.00 45.43 ? 344 GLU B CA  1 
ATOM   697  C C   . GLU B 2 7  ? 1.115   -1.319  11.211  1.00 51.61 ? 344 GLU B C   1 
ATOM   698  O O   . GLU B 2 7  ? 1.172   -0.076  11.157  1.00 51.63 ? 344 GLU B O   1 
ATOM   699  C CB  . GLU B 2 7  ? 3.040   -2.265  9.951   1.00 50.58 ? 344 GLU B CB  1 
ATOM   700  C CG  . GLU B 2 7  ? 3.621   -3.269  8.953   1.00 56.03 ? 344 GLU B CG  1 
ATOM   701  C CD  . GLU B 2 7  ? 5.156   -3.230  8.901   1.00 69.77 ? 344 GLU B CD  1 
ATOM   702  O OE1 . GLU B 2 7  ? 5.734   -3.893  8.007   1.00 74.73 ? 344 GLU B OE1 1 
ATOM   703  O OE2 . GLU B 2 7  ? 5.784   -2.536  9.747   1.00 69.79 ? 344 GLU B OE2 1 
ATOM   704  N N   . LEU B 2 8  ? 0.742   -1.979  12.308  1.00 48.84 ? 345 LEU B N   1 
ATOM   705  C CA  . LEU B 2 8  ? 0.427   -1.274  13.551  1.00 51.39 ? 345 LEU B CA  1 
ATOM   706  C C   . LEU B 2 8  ? 1.710   -1.130  14.351  1.00 52.89 ? 345 LEU B C   1 
ATOM   707  O O   . LEU B 2 8  ? 2.535   -2.035  14.339  1.00 58.12 ? 345 LEU B O   1 
ATOM   708  C CB  . LEU B 2 8  ? -0.631  -2.051  14.335  1.00 48.64 ? 345 LEU B CB  1 
ATOM   709  C CG  . LEU B 2 8  ? -1.293  -1.543  15.619  1.00 52.99 ? 345 LEU B CG  1 
ATOM   710  C CD1 . LEU B 2 8  ? -0.500  -1.947  16.857  1.00 55.02 ? 345 LEU B CD1 1 
ATOM   711  C CD2 . LEU B 2 8  ? -1.518  -0.036  15.577  1.00 49.83 ? 345 LEU B CD2 1 
ATOM   712  N N   . VAL B 2 9  ? 1.905   0.009   15.007  1.00 52.38 ? 346 VAL B N   1 
ATOM   713  C CA  . VAL B 2 9  ? 3.054   0.182   15.907  1.00 55.46 ? 346 VAL B CA  1 
ATOM   714  C C   . VAL B 2 9  ? 2.668   0.803   17.249  1.00 54.12 ? 346 VAL B C   1 
ATOM   715  O O   . VAL B 2 9  ? 3.056   0.297   18.302  1.00 62.20 ? 346 VAL B O   1 
ATOM   716  C CB  . VAL B 2 9  ? 4.234   0.971   15.258  1.00 55.50 ? 346 VAL B CB  1 
ATOM   717  C CG1 . VAL B 2 9  ? 3.764   1.877   14.135  1.00 53.83 ? 346 VAL B CG1 1 
ATOM   718  C CG2 . VAL B 2 9  ? 5.014   1.769   16.309  1.00 51.63 ? 346 VAL B CG2 1 
ATOM   719  N N   . SER C 1 5  ? 22.400  2.147   -9.109  1.00 66.70 ? 2   SER C N   1 
ATOM   720  C CA  . SER C 1 5  ? 21.144  2.902   -9.138  1.00 66.62 ? 2   SER C CA  1 
ATOM   721  C C   . SER C 1 5  ? 19.900  2.024   -9.381  1.00 64.17 ? 2   SER C C   1 
ATOM   722  O O   . SER C 1 5  ? 19.963  0.991   -10.060 1.00 60.72 ? 2   SER C O   1 
ATOM   723  C CB  . SER C 1 5  ? 21.201  4.023   -10.176 1.00 61.74 ? 2   SER C CB  1 
ATOM   724  O OG  . SER C 1 5  ? 20.148  4.943   -9.946  1.00 63.06 ? 2   SER C OG  1 
ATOM   725  N N   . LYS C 1 6  ? 18.767  2.463   -8.838  1.00 60.31 ? 3   LYS C N   1 
ATOM   726  C CA  . LYS C 1 6  ? 17.560  1.642   -8.789  1.00 59.47 ? 3   LYS C CA  1 
ATOM   727  C C   . LYS C 1 6  ? 16.503  2.001   -9.848  1.00 58.90 ? 3   LYS C C   1 
ATOM   728  O O   . LYS C 1 6  ? 16.356  3.161   -10.261 1.00 57.99 ? 3   LYS C O   1 
ATOM   729  C CB  . LYS C 1 6  ? 16.936  1.713   -7.388  1.00 57.07 ? 3   LYS C CB  1 
ATOM   730  C CG  . LYS C 1 6  ? 17.778  1.073   -6.301  1.00 57.16 ? 3   LYS C CG  1 
ATOM   731  C CD  . LYS C 1 6  ? 17.148  1.226   -4.920  1.00 59.99 ? 3   LYS C CD  1 
ATOM   732  C CE  . LYS C 1 6  ? 17.803  0.282   -3.901  1.00 64.38 ? 3   LYS C CE  1 
ATOM   733  N NZ  . LYS C 1 6  ? 17.345  0.450   -2.479  1.00 68.51 ? 3   LYS C NZ  1 
ATOM   734  N N   . VAL C 1 7  ? 15.770  0.983   -10.282 1.00 51.36 ? 4   VAL C N   1 
ATOM   735  C CA  . VAL C 1 7  ? 14.542  1.187   -11.033 1.00 47.69 ? 4   VAL C CA  1 
ATOM   736  C C   . VAL C 1 7  ? 13.333  0.677   -10.214 1.00 47.83 ? 4   VAL C C   1 
ATOM   737  O O   . VAL C 1 7  ? 13.472  -0.101  -9.263  1.00 48.67 ? 4   VAL C O   1 
ATOM   738  C CB  . VAL C 1 7  ? 14.608  0.501   -12.395 1.00 49.25 ? 4   VAL C CB  1 
ATOM   739  C CG1 . VAL C 1 7  ? 15.639  1.189   -13.277 1.00 44.17 ? 4   VAL C CG1 1 
ATOM   740  C CG2 . VAL C 1 7  ? 14.927  -0.984  -12.227 1.00 46.48 ? 4   VAL C CG2 1 
ATOM   741  N N   . SER C 1 8  ? 12.142  1.122   -10.576 1.00 41.35 ? 5   SER C N   1 
ATOM   742  C CA  . SER C 1 8  ? 10.996  0.896   -9.716  1.00 43.98 ? 5   SER C CA  1 
ATOM   743  C C   . SER C 1 8  ? 9.856   0.280   -10.511 1.00 40.06 ? 5   SER C C   1 
ATOM   744  O O   . SER C 1 8  ? 9.719   0.536   -11.703 1.00 35.05 ? 5   SER C O   1 
ATOM   745  C CB  . SER C 1 8  ? 10.549  2.218   -9.096  1.00 41.39 ? 5   SER C CB  1 
ATOM   746  O OG  . SER C 1 8  ? 10.232  3.152   -10.128 1.00 39.85 ? 5   SER C OG  1 
ATOM   747  N N   . PHE C 1 9  ? 9.041   -0.531  -9.842  1.00 36.00 ? 6   PHE C N   1 
ATOM   748  C CA  . PHE C 1 9  ? 7.944   -1.220  -10.510 1.00 36.01 ? 6   PHE C CA  1 
ATOM   749  C C   . PHE C 1 9  ? 6.673   -1.115  -9.693  1.00 35.00 ? 6   PHE C C   1 
ATOM   750  O O   . PHE C 1 9  ? 6.707   -1.109  -8.455  1.00 39.81 ? 6   PHE C O   1 
ATOM   751  C CB  . PHE C 1 9  ? 8.275   -2.707  -10.714 1.00 40.09 ? 6   PHE C CB  1 
ATOM   752  C CG  . PHE C 1 9  ? 9.482   -2.953  -11.572 1.00 37.95 ? 6   PHE C CG  1 
ATOM   753  C CD1 . PHE C 1 9  ? 9.386   -2.895  -12.952 1.00 39.13 ? 6   PHE C CD1 1 
ATOM   754  C CD2 . PHE C 1 9  ? 10.704  -3.244  -10.996 1.00 36.80 ? 6   PHE C CD2 1 
ATOM   755  C CE1 . PHE C 1 9  ? 10.494  -3.112  -13.749 1.00 41.07 ? 6   PHE C CE1 1 
ATOM   756  C CE2 . PHE C 1 9  ? 11.815  -3.468  -11.780 1.00 40.38 ? 6   PHE C CE2 1 
ATOM   757  C CZ  . PHE C 1 9  ? 11.713  -3.400  -13.158 1.00 42.65 ? 6   PHE C CZ  1 
ATOM   758  N N   . LYS C 1 10 ? 5.551   -1.023  -10.395 1.00 34.78 ? 7   LYS C N   1 
ATOM   759  C CA  . LYS C 1 10 ? 4.234   -1.091  -9.788  1.00 35.58 ? 7   LYS C CA  1 
ATOM   760  C C   . LYS C 1 10 ? 3.706   -2.452  -10.162 1.00 37.28 ? 7   LYS C C   1 
ATOM   761  O O   . LYS C 1 10 ? 3.487   -2.734  -11.344 1.00 39.91 ? 7   LYS C O   1 
ATOM   762  C CB  . LYS C 1 10 ? 3.322   -0.028  -10.388 1.00 34.86 ? 7   LYS C CB  1 
ATOM   763  C CG  . LYS C 1 10 ? 2.099   0.303   -9.546  1.00 38.23 ? 7   LYS C CG  1 
ATOM   764  C CD  . LYS C 1 10 ? 0.904   0.483   -10.451 1.00 40.41 ? 7   LYS C CD  1 
ATOM   765  C CE  . LYS C 1 10 ? -0.059  1.537   -9.949  1.00 40.88 ? 7   LYS C CE  1 
ATOM   766  N NZ  . LYS C 1 10 ? -1.097  1.772   -11.008 1.00 46.23 ? 7   LYS C NZ  1 
ATOM   767  N N   . ILE C 1 11 ? 3.536   -3.321  -9.180  1.00 35.23 ? 8   ILE C N   1 
ATOM   768  C CA  . ILE C 1 11 ? 3.068   -4.658  -9.486  1.00 32.59 ? 8   ILE C CA  1 
ATOM   769  C C   . ILE C 1 11 ? 1.659   -4.794  -8.950  1.00 34.26 ? 8   ILE C C   1 
ATOM   770  O O   . ILE C 1 11 ? 1.398   -4.572  -7.766  1.00 33.58 ? 8   ILE C O   1 
ATOM   771  C CB  . ILE C 1 11 ? 4.024   -5.726  -8.935  1.00 37.45 ? 8   ILE C CB  1 
ATOM   772  C CG1 . ILE C 1 11 ? 5.435   -5.479  -9.472  1.00 38.97 ? 8   ILE C CG1 1 
ATOM   773  C CG2 . ILE C 1 11 ? 3.574   -7.122  -9.348  1.00 37.72 ? 8   ILE C CG2 1 
ATOM   774  C CD1 . ILE C 1 11 ? 6.451   -6.484  -9.013  1.00 38.88 ? 8   ILE C CD1 1 
ATOM   775  N N   . THR C 1 12 ? 0.739   -5.109  -9.846  1.00 33.35 ? 9   THR C N   1 
ATOM   776  C CA  . THR C 1 12 ? -0.664  -5.219  -9.482  1.00 34.62 ? 9   THR C CA  1 
ATOM   777  C C   . THR C 1 12 ? -1.137  -6.687  -9.459  1.00 38.72 ? 9   THR C C   1 
ATOM   778  O O   . THR C 1 12 ? -0.938  -7.434  -10.428 1.00 38.71 ? 9   THR C O   1 
ATOM   779  C CB  . THR C 1 12 ? -1.519  -4.414  -10.465 1.00 34.07 ? 9   THR C CB  1 
ATOM   780  O OG1 . THR C 1 12 ? -1.226  -3.024  -10.306 1.00 38.73 ? 9   THR C OG1 1 
ATOM   781  C CG2 . THR C 1 12 ? -2.986  -4.640  -10.206 1.00 38.96 ? 9   THR C CG2 1 
ATOM   782  N N   . LEU C 1 13 ? -1.742  -7.109  -8.355  1.00 34.09 ? 10  LEU C N   1 
ATOM   783  C CA  . LEU C 1 13 ? -2.305  -8.455  -8.286  1.00 38.01 ? 10  LEU C CA  1 
ATOM   784  C C   . LEU C 1 13 ? -3.684  -8.392  -8.904  1.00 42.64 ? 10  LEU C C   1 
ATOM   785  O O   . LEU C 1 13 ? -4.664  -8.159  -8.199  1.00 43.44 ? 10  LEU C O   1 
ATOM   786  C CB  . LEU C 1 13 ? -2.419  -8.930  -6.839  1.00 38.39 ? 10  LEU C CB  1 
ATOM   787  C CG  . LEU C 1 13 ? -2.920  -10.362 -6.582  1.00 46.52 ? 10  LEU C CG  1 
ATOM   788  C CD1 . LEU C 1 13 ? -1.861  -11.420 -6.973  1.00 35.52 ? 10  LEU C CD1 1 
ATOM   789  C CD2 . LEU C 1 13 ? -3.359  -10.516 -5.113  1.00 32.00 ? 10  LEU C CD2 1 
ATOM   790  N N   . THR C 1 14 ? -3.763  -8.584  -10.221 1.00 42.62 ? 11  THR C N   1 
ATOM   791  C CA  . THR C 1 14 ? -5.007  -8.332  -10.949 1.00 45.94 ? 11  THR C CA  1 
ATOM   792  C C   . THR C 1 14 ? -6.121  -9.349  -10.642 1.00 47.08 ? 11  THR C C   1 
ATOM   793  O O   . THR C 1 14 ? -7.294  -9.080  -10.886 1.00 49.71 ? 11  THR C O   1 
ATOM   794  C CB  . THR C 1 14 ? -4.770  -8.190  -12.479 1.00 39.52 ? 11  THR C CB  1 
ATOM   795  O OG1 . THR C 1 14 ? -3.789  -9.138  -12.898 1.00 45.77 ? 11  THR C OG1 1 
ATOM   796  C CG2 . THR C 1 14 ? -4.254  -6.808  -12.810 1.00 37.48 ? 11  THR C CG2 1 
ATOM   797  N N   . SER C 1 15 ? -5.743  -10.500 -10.090 1.00 46.28 ? 12  SER C N   1 
ATOM   798  C CA  . SER C 1 15 ? -6.696  -11.534 -9.695  1.00 43.14 ? 12  SER C CA  1 
ATOM   799  C C   . SER C 1 15 ? -7.418  -11.206 -8.402  1.00 50.68 ? 12  SER C C   1 
ATOM   800  O O   . SER C 1 15 ? -8.391  -11.880 -8.037  1.00 52.31 ? 12  SER C O   1 
ATOM   801  C CB  . SER C 1 15 ? -6.000  -12.880 -9.542  1.00 38.42 ? 12  SER C CB  1 
ATOM   802  O OG  . SER C 1 15 ? -5.106  -12.855 -8.447  1.00 42.73 ? 12  SER C OG  1 
ATOM   803  N N   . ASP C 1 16 ? -6.927  -10.196 -7.691  1.00 49.10 ? 13  ASP C N   1 
ATOM   804  C CA  . ASP C 1 16 ? -7.657  -9.668  -6.546  1.00 49.53 ? 13  ASP C CA  1 
ATOM   805  C C   . ASP C 1 16 ? -8.465  -8.502  -7.065  1.00 52.71 ? 13  ASP C C   1 
ATOM   806  O O   . ASP C 1 16 ? -7.906  -7.516  -7.568  1.00 53.99 ? 13  ASP C O   1 
ATOM   807  C CB  . ASP C 1 16 ? -6.712  -9.243  -5.425  1.00 52.91 ? 13  ASP C CB  1 
ATOM   808  C CG  . ASP C 1 16 ? -7.448  -8.829  -4.155  1.00 50.93 ? 13  ASP C CG  1 
ATOM   809  O OD1 . ASP C 1 16 ? -8.522  -8.204  -4.260  1.00 46.34 ? 13  ASP C OD1 1 
ATOM   810  O OD2 . ASP C 1 16 ? -6.924  -9.110  -3.051  1.00 52.67 ? 13  ASP C OD2 1 
ATOM   811  N N   . PRO C 1 17 ? -9.795  -8.609  -6.954  1.00 55.90 ? 14  PRO C N   1 
ATOM   812  C CA  . PRO C 1 17 ? -10.680 -7.665  -7.644  1.00 55.12 ? 14  PRO C CA  1 
ATOM   813  C C   . PRO C 1 17 ? -10.543 -6.261  -7.067  1.00 54.28 ? 14  PRO C C   1 
ATOM   814  O O   . PRO C 1 17 ? -11.002 -5.307  -7.686  1.00 56.36 ? 14  PRO C O   1 
ATOM   815  C CB  . PRO C 1 17 ? -12.073 -8.244  -7.389  1.00 50.41 ? 14  PRO C CB  1 
ATOM   816  C CG  . PRO C 1 17 ? -11.825 -9.673  -6.946  1.00 48.22 ? 14  PRO C CG  1 
ATOM   817  C CD  . PRO C 1 17 ? -10.551 -9.622  -6.201  1.00 46.85 ? 14  PRO C CD  1 
ATOM   818  N N   . ARG C 1 18 ? -9.893  -6.145  -5.911  1.00 53.49 ? 15  ARG C N   1 
ATOM   819  C CA  . ARG C 1 18 ? -9.518  -4.846  -5.358  1.00 54.32 ? 15  ARG C CA  1 
ATOM   820  C C   . ARG C 1 18 ? -8.293  -4.226  -6.058  1.00 53.35 ? 15  ARG C C   1 
ATOM   821  O O   . ARG C 1 18 ? -7.936  -3.070  -5.804  1.00 53.40 ? 15  ARG C O   1 
ATOM   822  C CB  . ARG C 1 18 ? -9.289  -4.971  -3.849  1.00 49.69 ? 15  ARG C CB  1 
ATOM   823  C CG  . ARG C 1 18 ? -10.569 -5.264  -3.070  1.00 52.31 ? 15  ARG C CG  1 
ATOM   824  C CD  . ARG C 1 18 ? -10.301 -5.724  -1.649  1.00 56.01 ? 15  ARG C CD  1 
ATOM   825  N NE  . ARG C 1 18 ? -9.428  -6.896  -1.614  1.00 62.06 ? 15  ARG C NE  1 
ATOM   826  C CZ  . ARG C 1 18 ? -9.081  -7.529  -0.497  1.00 68.84 ? 15  ARG C CZ  1 
ATOM   827  N NH1 . ARG C 1 18 ? -9.545  -7.104  0.674   1.00 72.39 ? 15  ARG C NH1 1 
ATOM   828  N NH2 . ARG C 1 18 ? -8.275  -8.584  -0.546  1.00 67.86 ? 15  ARG C NH2 1 
ATOM   829  N N   . LEU C 1 19 ? -7.663  -4.997  -6.942  1.00 50.76 ? 16  LEU C N   1 
ATOM   830  C CA  . LEU C 1 19 ? -6.453  -4.557  -7.640  1.00 48.03 ? 16  LEU C CA  1 
ATOM   831  C C   . LEU C 1 19 ? -5.430  -3.901  -6.738  1.00 44.61 ? 16  LEU C C   1 
ATOM   832  O O   . LEU C 1 19 ? -4.983  -2.792  -7.025  1.00 45.19 ? 16  LEU C O   1 
ATOM   833  C CB  . LEU C 1 19 ? -6.800  -3.579  -8.749  1.00 46.10 ? 16  LEU C CB  1 
ATOM   834  C CG  . LEU C 1 19 ? -7.792  -4.130  -9.768  1.00 52.70 ? 16  LEU C CG  1 
ATOM   835  C CD1 . LEU C 1 19 ? -7.859  -3.180  -10.943 1.00 62.18 ? 16  LEU C CD1 1 
ATOM   836  C CD2 . LEU C 1 19 ? -7.404  -5.532  -10.226 1.00 46.55 ? 16  LEU C CD2 1 
ATOM   837  N N   . PRO C 1 20 ? -5.050  -4.581  -5.648  1.00 43.76 ? 17  PRO C N   1 
ATOM   838  C CA  . PRO C 1 20 ? -4.011  -4.015  -4.792  1.00 43.38 ? 17  PRO C CA  1 
ATOM   839  C C   . PRO C 1 20 ? -2.655  -4.094  -5.513  1.00 42.93 ? 17  PRO C C   1 
ATOM   840  O O   . PRO C 1 20 ? -2.396  -5.037  -6.279  1.00 40.04 ? 17  PRO C O   1 
ATOM   841  C CB  . PRO C 1 20 ? -4.028  -4.950  -3.583  1.00 34.41 ? 17  PRO C CB  1 
ATOM   842  C CG  . PRO C 1 20 ? -4.367  -6.252  -4.160  1.00 37.23 ? 17  PRO C CG  1 
ATOM   843  C CD  . PRO C 1 20 ? -5.337  -5.981  -5.286  1.00 40.74 ? 17  PRO C CD  1 
ATOM   844  N N   . TYR C 1 21 ? -1.797  -3.111  -5.263  1.00 33.58 ? 18  TYR C N   1 
ATOM   845  C CA  . TYR C 1 21 ? -0.520  -3.044  -5.938  1.00 33.57 ? 18  TYR C CA  1 
ATOM   846  C C   . TYR C 1 21 ? 0.570   -2.762  -4.921  1.00 34.76 ? 18  TYR C C   1 
ATOM   847  O O   . TYR C 1 21 ? 0.301   -2.278  -3.826  1.00 36.49 ? 18  TYR C O   1 
ATOM   848  C CB  . TYR C 1 21 ? -0.539  -1.947  -7.023  1.00 37.58 ? 18  TYR C CB  1 
ATOM   849  C CG  . TYR C 1 21 ? -0.884  -0.570  -6.491  1.00 32.91 ? 18  TYR C CG  1 
ATOM   850  C CD1 . TYR C 1 21 ? 0.060   0.189   -5.807  1.00 32.47 ? 18  TYR C CD1 1 
ATOM   851  C CD2 . TYR C 1 21 ? -2.162  -0.035  -6.659  1.00 35.51 ? 18  TYR C CD2 1 
ATOM   852  C CE1 . TYR C 1 21 ? -0.253  1.433   -5.304  1.00 34.40 ? 18  TYR C CE1 1 
ATOM   853  C CE2 . TYR C 1 21 ? -2.487  1.218   -6.159  1.00 32.21 ? 18  TYR C CE2 1 
ATOM   854  C CZ  . TYR C 1 21 ? -1.524  1.945   -5.485  1.00 35.64 ? 18  TYR C CZ  1 
ATOM   855  O OH  . TYR C 1 21 ? -1.820  3.184   -4.984  1.00 37.84 ? 18  TYR C OH  1 
ATOM   856  N N   . LYS C 1 22 ? 1.809   -3.055  -5.279  1.00 36.68 ? 19  LYS C N   1 
ATOM   857  C CA  . LYS C 1 22 ? 2.922   -2.704  -4.411  1.00 38.84 ? 19  LYS C CA  1 
ATOM   858  C C   . LYS C 1 22 ? 4.030   -2.107  -5.264  1.00 35.03 ? 19  LYS C C   1 
ATOM   859  O O   . LYS C 1 22 ? 4.151   -2.430  -6.449  1.00 36.03 ? 19  LYS C O   1 
ATOM   860  C CB  . LYS C 1 22 ? 3.407   -3.922  -3.600  1.00 37.53 ? 19  LYS C CB  1 
ATOM   861  C CG  . LYS C 1 22 ? 2.392   -4.401  -2.574  1.00 36.48 ? 19  LYS C CG  1 
ATOM   862  C CD  . LYS C 1 22 ? 2.878   -5.554  -1.718  1.00 40.98 ? 19  LYS C CD  1 
ATOM   863  C CE  . LYS C 1 22 ? 1.724   -6.155  -0.903  1.00 45.45 ? 19  LYS C CE  1 
ATOM   864  N NZ  . LYS C 1 22 ? 0.960   -5.178  -0.026  1.00 38.08 ? 19  LYS C NZ  1 
ATOM   865  N N   . VAL C 1 23 ? 4.811   -1.207  -4.684  1.00 36.63 ? 20  VAL C N   1 
ATOM   866  C CA  . VAL C 1 23 ? 5.909   -0.628  -5.433  1.00 37.69 ? 20  VAL C CA  1 
ATOM   867  C C   . VAL C 1 23 ? 7.212   -1.224  -4.966  1.00 35.90 ? 20  VAL C C   1 
ATOM   868  O O   . VAL C 1 23 ? 7.451   -1.334  -3.772  1.00 38.86 ? 20  VAL C O   1 
ATOM   869  C CB  . VAL C 1 23 ? 5.962   0.891   -5.288  1.00 42.03 ? 20  VAL C CB  1 
ATOM   870  C CG1 . VAL C 1 23 ? 7.092   1.474   -6.188  1.00 34.61 ? 20  VAL C CG1 1 
ATOM   871  C CG2 . VAL C 1 23 ? 4.605   1.491   -5.649  1.00 33.36 ? 20  VAL C CG2 1 
ATOM   872  N N   . LEU C 1 24 ? 8.056   -1.615  -5.911  1.00 36.83 ? 21  LEU C N   1 
ATOM   873  C CA  . LEU C 1 24 ? 9.344   -2.176  -5.556  1.00 38.09 ? 21  LEU C CA  1 
ATOM   874  C C   . LEU C 1 24 ? 10.464  -1.427  -6.293  1.00 42.69 ? 21  LEU C C   1 
ATOM   875  O O   . LEU C 1 24 ? 10.352  -1.167  -7.488  1.00 42.88 ? 21  LEU C O   1 
ATOM   876  C CB  . LEU C 1 24 ? 9.376   -3.679  -5.864  1.00 40.74 ? 21  LEU C CB  1 
ATOM   877  C CG  . LEU C 1 24 ? 8.485   -4.664  -5.089  1.00 44.17 ? 21  LEU C CG  1 
ATOM   878  C CD1 . LEU C 1 24 ? 7.058   -4.647  -5.574  1.00 43.20 ? 21  LEU C CD1 1 
ATOM   879  C CD2 . LEU C 1 24 ? 9.007   -6.071  -5.208  1.00 47.46 ? 21  LEU C CD2 1 
ATOM   880  N N   . SER C 1 25 ? 11.517  -1.042  -5.569  1.00 48.34 ? 22  SER C N   1 
ATOM   881  C CA  . SER C 1 25 ? 12.721  -0.469  -6.179  1.00 46.85 ? 22  SER C CA  1 
ATOM   882  C C   . SER C 1 25 ? 13.884  -1.392  -5.921  1.00 50.78 ? 22  SER C C   1 
ATOM   883  O O   . SER C 1 25 ? 14.209  -1.698  -4.770  1.00 51.60 ? 22  SER C O   1 
ATOM   884  C CB  . SER C 1 25 ? 13.063  0.894   -5.590  1.00 47.33 ? 22  SER C CB  1 
ATOM   885  O OG  . SER C 1 25 ? 12.068  1.847   -5.891  1.00 52.39 ? 22  SER C OG  1 
ATOM   886  N N   . VAL C 1 26 ? 14.510  -1.849  -6.990  1.00 48.29 ? 23  VAL C N   1 
ATOM   887  C CA  . VAL C 1 26 ? 15.694  -2.668  -6.851  1.00 54.32 ? 23  VAL C CA  1 
ATOM   888  C C   . VAL C 1 26 ? 16.803  -2.109  -7.739  1.00 61.02 ? 23  VAL C C   1 
ATOM   889  O O   . VAL C 1 26 ? 16.520  -1.452  -8.751  1.00 62.24 ? 23  VAL C O   1 
ATOM   890  C CB  . VAL C 1 26 ? 15.409  -4.147  -7.194  1.00 55.03 ? 23  VAL C CB  1 
ATOM   891  C CG1 . VAL C 1 26 ? 14.373  -4.725  -6.237  1.00 47.67 ? 23  VAL C CG1 1 
ATOM   892  C CG2 . VAL C 1 26 ? 14.973  -4.289  -8.627  1.00 47.34 ? 23  VAL C CG2 1 
ATOM   893  N N   . PRO C 1 27 ? 18.071  -2.321  -7.336  1.00 62.63 ? 24  PRO C N   1 
ATOM   894  C CA  . PRO C 1 27 ? 19.244  -1.910  -8.124  1.00 58.48 ? 24  PRO C CA  1 
ATOM   895  C C   . PRO C 1 27 ? 19.141  -2.411  -9.553  1.00 55.41 ? 24  PRO C C   1 
ATOM   896  O O   . PRO C 1 27 ? 18.887  -3.586  -9.745  1.00 57.19 ? 24  PRO C O   1 
ATOM   897  C CB  . PRO C 1 27 ? 20.413  -2.603  -7.412  1.00 60.44 ? 24  PRO C CB  1 
ATOM   898  C CG  . PRO C 1 27 ? 19.797  -3.306  -6.165  1.00 66.35 ? 24  PRO C CG  1 
ATOM   899  C CD  . PRO C 1 27 ? 18.441  -2.722  -5.969  1.00 56.17 ? 24  PRO C CD  1 
ATOM   900  N N   . GLU C 1 28 ? 19.349  -1.543  -10.538 1.00 55.07 ? 25  GLU C N   1 
ATOM   901  C CA  . GLU C 1 28 ? 19.090  -1.903  -11.929 1.00 58.59 ? 25  GLU C CA  1 
ATOM   902  C C   . GLU C 1 28 ? 19.850  -3.131  -12.439 1.00 57.72 ? 25  GLU C C   1 
ATOM   903  O O   . GLU C 1 28 ? 19.648  -3.568  -13.574 1.00 56.71 ? 25  GLU C O   1 
ATOM   904  C CB  . GLU C 1 28 ? 19.343  -0.715  -12.853 1.00 55.62 ? 25  GLU C CB  1 
ATOM   905  C CG  . GLU C 1 28 ? 20.768  -0.257  -12.907 1.00 61.15 ? 25  GLU C CG  1 
ATOM   906  C CD  . GLU C 1 28 ? 21.085  0.425   -14.223 1.00 70.19 ? 25  GLU C CD  1 
ATOM   907  O OE1 . GLU C 1 28 ? 22.120  1.132   -14.293 1.00 74.63 ? 25  GLU C OE1 1 
ATOM   908  O OE2 . GLU C 1 28 ? 20.295  0.241   -15.187 1.00 68.71 ? 25  GLU C OE2 1 
ATOM   909  N N   . SER C 1 29 ? 20.722  -3.687  -11.608 1.00 58.15 ? 26  SER C N   1 
ATOM   910  C CA  . SER C 1 29 ? 21.469  -4.870  -12.013 1.00 63.07 ? 26  SER C CA  1 
ATOM   911  C C   . SER C 1 29 ? 20.804  -6.135  -11.487 1.00 57.11 ? 26  SER C C   1 
ATOM   912  O O   . SER C 1 29 ? 20.962  -7.194  -12.086 1.00 56.42 ? 26  SER C O   1 
ATOM   913  C CB  . SER C 1 29 ? 22.946  -4.785  -11.599 1.00 59.93 ? 26  SER C CB  1 
ATOM   914  O OG  . SER C 1 29 ? 23.078  -4.299  -10.275 1.00 67.27 ? 26  SER C OG  1 
ATOM   915  N N   . THR C 1 30 ? 20.051  -5.995  -10.389 1.00 61.02 ? 27  THR C N   1 
ATOM   916  C CA  . THR C 1 30 ? 19.266  -7.075  -9.769  1.00 51.00 ? 27  THR C CA  1 
ATOM   917  C C   . THR C 1 30 ? 18.688  -8.041  -10.785 1.00 54.52 ? 27  THR C C   1 
ATOM   918  O O   . THR C 1 30 ? 18.114  -7.617  -11.794 1.00 52.42 ? 27  THR C O   1 
ATOM   919  C CB  . THR C 1 30 ? 18.064  -6.517  -8.988  1.00 54.66 ? 27  THR C CB  1 
ATOM   920  O OG1 . THR C 1 30 ? 18.486  -5.473  -8.099  1.00 60.37 ? 27  THR C OG1 1 
ATOM   921  C CG2 . THR C 1 30 ? 17.384  -7.617  -8.193  1.00 53.96 ? 27  THR C CG2 1 
ATOM   922  N N   . PRO C 1 31 ? 18.863  -9.348  -10.546 1.00 53.70 ? 28  PRO C N   1 
ATOM   923  C CA  . PRO C 1 31 ? 18.203  -10.271 -11.473 1.00 59.30 ? 28  PRO C CA  1 
ATOM   924  C C   . PRO C 1 31 ? 16.704  -10.217 -11.202 1.00 58.39 ? 28  PRO C C   1 
ATOM   925  O O   . PRO C 1 31 ? 16.297  -10.121 -10.037 1.00 55.86 ? 28  PRO C O   1 
ATOM   926  C CB  . PRO C 1 31 ? 18.788  -11.636 -11.093 1.00 60.99 ? 28  PRO C CB  1 
ATOM   927  C CG  . PRO C 1 31 ? 19.240  -11.474 -9.633  1.00 51.16 ? 28  PRO C CG  1 
ATOM   928  C CD  . PRO C 1 31 ? 19.641  -10.038 -9.496  1.00 48.53 ? 28  PRO C CD  1 
ATOM   929  N N   . PHE C 1 32 ? 15.891  -10.272 -12.253 1.00 57.48 ? 29  PHE C N   1 
ATOM   930  C CA  . PHE C 1 32 ? 14.450  -10.143 -12.070 1.00 58.74 ? 29  PHE C CA  1 
ATOM   931  C C   . PHE C 1 32 ? 13.837  -11.265 -11.235 1.00 59.92 ? 29  PHE C C   1 
ATOM   932  O O   . PHE C 1 32 ? 12.693  -11.173 -10.785 1.00 62.21 ? 29  PHE C O   1 
ATOM   933  C CB  . PHE C 1 32 ? 13.723  -10.008 -13.404 1.00 59.77 ? 29  PHE C CB  1 
ATOM   934  C CG  . PHE C 1 32 ? 12.425  -9.274  -13.289 1.00 56.04 ? 29  PHE C CG  1 
ATOM   935  C CD1 . PHE C 1 32 ? 12.413  -7.907  -13.068 1.00 56.82 ? 29  PHE C CD1 1 
ATOM   936  C CD2 . PHE C 1 32 ? 11.224  -9.947  -13.371 1.00 56.85 ? 29  PHE C CD2 1 
ATOM   937  C CE1 . PHE C 1 32 ? 11.212  -7.221  -12.940 1.00 57.67 ? 29  PHE C CE1 1 
ATOM   938  C CE2 . PHE C 1 32 ? 10.026  -9.270  -13.251 1.00 54.10 ? 29  PHE C CE2 1 
ATOM   939  C CZ  . PHE C 1 32 ? 10.018  -7.907  -13.038 1.00 52.28 ? 29  PHE C CZ  1 
ATOM   940  N N   . THR C 1 33 ? 14.614  -12.317 -11.027 1.00 58.08 ? 30  THR C N   1 
ATOM   941  C CA  . THR C 1 33 ? 14.212  -13.420 -10.185 1.00 55.63 ? 30  THR C CA  1 
ATOM   942  C C   . THR C 1 33 ? 14.031  -12.927 -8.761  1.00 59.54 ? 30  THR C C   1 
ATOM   943  O O   . THR C 1 33 ? 13.167  -13.405 -8.005  1.00 58.34 ? 30  THR C O   1 
ATOM   944  C CB  . THR C 1 33 ? 15.298  -14.478 -10.193 1.00 57.16 ? 30  THR C CB  1 
ATOM   945  O OG1 . THR C 1 33 ? 15.532  -14.881 -11.544 1.00 58.28 ? 30  THR C OG1 1 
ATOM   946  C CG2 . THR C 1 33 ? 14.874  -15.682 -9.369  1.00 64.41 ? 30  THR C CG2 1 
ATOM   947  N N   . ALA C 1 34 ? 14.863  -11.965 -8.390  1.00 57.65 ? 31  ALA C N   1 
ATOM   948  C CA  . ALA C 1 34 ? 14.804  -11.455 -7.040  1.00 57.92 ? 31  ALA C CA  1 
ATOM   949  C C   . ALA C 1 34 ? 13.482  -10.710 -6.837  1.00 57.82 ? 31  ALA C C   1 
ATOM   950  O O   . ALA C 1 34 ? 12.794  -10.904 -5.829  1.00 56.01 ? 31  ALA C O   1 
ATOM   951  C CB  . ALA C 1 34 ? 16.003  -10.563 -6.764  1.00 54.05 ? 31  ALA C CB  1 
ATOM   952  N N   . VAL C 1 35 ? 13.120  -9.883  -7.816  1.00 55.76 ? 32  VAL C N   1 
ATOM   953  C CA  . VAL C 1 35 ? 11.883  -9.105  -7.755  1.00 53.21 ? 32  VAL C CA  1 
ATOM   954  C C   . VAL C 1 35 ? 10.636  -9.979  -7.762  1.00 50.50 ? 32  VAL C C   1 
ATOM   955  O O   . VAL C 1 35 ? 9.703   -9.725  -6.999  1.00 48.76 ? 32  VAL C O   1 
ATOM   956  C CB  . VAL C 1 35 ? 11.773  -8.137  -8.930  1.00 57.98 ? 32  VAL C CB  1 
ATOM   957  C CG1 . VAL C 1 35 ? 10.497  -7.309  -8.808  1.00 42.68 ? 32  VAL C CG1 1 
ATOM   958  C CG2 . VAL C 1 35 ? 13.002  -7.247  -8.990  1.00 56.95 ? 32  VAL C CG2 1 
ATOM   959  N N   . LEU C 1 36 ? 10.622  -10.988 -8.637  1.00 50.05 ? 33  LEU C N   1 
ATOM   960  C CA  . LEU C 1 36 ? 9.553   -11.983 -8.668  1.00 48.37 ? 33  LEU C CA  1 
ATOM   961  C C   . LEU C 1 36 ? 9.387   -12.579 -7.268  1.00 50.80 ? 33  LEU C C   1 
ATOM   962  O O   . LEU C 1 36 ? 8.263   -12.661 -6.742  1.00 49.52 ? 33  LEU C O   1 
ATOM   963  C CB  . LEU C 1 36 ? 9.867   -13.082 -9.686  1.00 48.50 ? 33  LEU C CB  1 
ATOM   964  C CG  . LEU C 1 36 ? 8.745   -13.908 -10.339 1.00 49.17 ? 33  LEU C CG  1 
ATOM   965  C CD1 . LEU C 1 36 ? 9.322   -15.120 -11.057 1.00 43.86 ? 33  LEU C CD1 1 
ATOM   966  C CD2 . LEU C 1 36 ? 7.657   -14.349 -9.366  1.00 44.10 ? 33  LEU C CD2 1 
ATOM   967  N N   . LYS C 1 37 ? 10.508  -12.963 -6.660  1.00 46.53 ? 34  LYS C N   1 
ATOM   968  C CA  . LYS C 1 37 ? 10.481  -13.570 -5.336  1.00 51.20 ? 34  LYS C CA  1 
ATOM   969  C C   . LYS C 1 37 ? 9.954   -12.586 -4.305  1.00 53.65 ? 34  LYS C C   1 
ATOM   970  O O   . LYS C 1 37 ? 9.046   -12.912 -3.509  1.00 48.47 ? 34  LYS C O   1 
ATOM   971  C CB  . LYS C 1 37 ? 11.877  -14.061 -4.944  1.00 59.79 ? 34  LYS C CB  1 
ATOM   972  C CG  . LYS C 1 37 ? 11.908  -14.869 -3.657  1.00 64.15 ? 34  LYS C CG  1 
ATOM   973  C CD  . LYS C 1 37 ? 13.257  -15.568 -3.472  1.00 77.91 ? 34  LYS C CD  1 
ATOM   974  C CE  . LYS C 1 37 ? 14.311  -14.648 -2.857  1.00 75.29 ? 34  LYS C CE  1 
ATOM   975  N NZ  . LYS C 1 37 ? 14.020  -14.334 -1.419  1.00 76.29 ? 34  LYS C NZ  1 
ATOM   976  N N   . PHE C 1 38 ? 10.522  -11.377 -4.341  1.00 53.40 ? 35  PHE C N   1 
ATOM   977  C CA  . PHE C 1 38 ? 10.116  -10.286 -3.451  1.00 54.19 ? 35  PHE C CA  1 
ATOM   978  C C   . PHE C 1 38 ? 8.634   -9.988  -3.580  1.00 50.40 ? 35  PHE C C   1 
ATOM   979  O O   . PHE C 1 38 ? 7.906   -9.908  -2.583  1.00 55.93 ? 35  PHE C O   1 
ATOM   980  C CB  . PHE C 1 38 ? 10.889  -9.014  -3.768  1.00 60.21 ? 35  PHE C CB  1 
ATOM   981  C CG  . PHE C 1 38 ? 12.204  -8.892  -3.048  1.00 64.86 ? 35  PHE C CG  1 
ATOM   982  C CD1 . PHE C 1 38 ? 12.243  -8.751  -1.667  1.00 66.45 ? 35  PHE C CD1 1 
ATOM   983  C CD2 . PHE C 1 38 ? 13.401  -8.869  -3.760  1.00 64.01 ? 35  PHE C CD2 1 
ATOM   984  C CE1 . PHE C 1 38 ? 13.456  -8.618  -1.001  1.00 68.33 ? 35  PHE C CE1 1 
ATOM   985  C CE2 . PHE C 1 38 ? 14.615  -8.741  -3.107  1.00 68.30 ? 35  PHE C CE2 1 
ATOM   986  C CZ  . PHE C 1 38 ? 14.643  -8.612  -1.722  1.00 73.93 ? 35  PHE C CZ  1 
ATOM   987  N N   . ALA C 1 39 ? 8.194   -9.828  -4.820  1.00 47.15 ? 36  ALA C N   1 
ATOM   988  C CA  . ALA C 1 39 ? 6.798   -9.569  -5.105  1.00 44.07 ? 36  ALA C CA  1 
ATOM   989  C C   . ALA C 1 39 ? 5.920   -10.713 -4.589  1.00 47.57 ? 36  ALA C C   1 
ATOM   990  O O   . ALA C 1 39 ? 4.874   -10.478 -3.968  1.00 45.85 ? 36  ALA C O   1 
ATOM   991  C CB  . ALA C 1 39 ? 6.604   -9.355  -6.600  1.00 43.81 ? 36  ALA C CB  1 
ATOM   992  N N   . ALA C 1 40 ? 6.355   -11.951 -4.825  1.00 49.63 ? 37  ALA C N   1 
ATOM   993  C CA  . ALA C 1 40 ? 5.617   -13.118 -4.341  1.00 46.17 ? 37  ALA C CA  1 
ATOM   994  C C   . ALA C 1 40 ? 5.440   -13.046 -2.836  1.00 49.58 ? 37  ALA C C   1 
ATOM   995  O O   . ALA C 1 40 ? 4.317   -13.191 -2.315  1.00 48.30 ? 37  ALA C O   1 
ATOM   996  C CB  . ALA C 1 40 ? 6.331   -14.392 -4.720  1.00 47.41 ? 37  ALA C CB  1 
ATOM   997  N N   . GLU C 1 41 ? 6.546   -12.802 -2.137  1.00 50.95 ? 38  GLU C N   1 
ATOM   998  C CA  . GLU C 1 41 ? 6.505   -12.741 -0.682  1.00 47.42 ? 38  GLU C CA  1 
ATOM   999  C C   . GLU C 1 41 ? 5.556   -11.658 -0.212  1.00 48.91 ? 38  GLU C C   1 
ATOM   1000 O O   . GLU C 1 41 ? 4.649   -11.919 0.574   1.00 51.99 ? 38  GLU C O   1 
ATOM   1001 C CB  . GLU C 1 41 ? 7.892   -12.505 -0.105  1.00 50.48 ? 38  GLU C CB  1 
ATOM   1002 C CG  . GLU C 1 41 ? 8.913   -13.565 -0.484  1.00 54.99 ? 38  GLU C CG  1 
ATOM   1003 C CD  . GLU C 1 41 ? 10.318  -13.180 -0.037  1.00 69.07 ? 38  GLU C CD  1 
ATOM   1004 O OE1 . GLU C 1 41 ? 10.450  -12.106 0.597   1.00 70.78 ? 38  GLU C OE1 1 
ATOM   1005 O OE2 . GLU C 1 41 ? 11.285  -13.930 -0.319  1.00 70.86 ? 38  GLU C OE2 1 
ATOM   1006 N N   . GLU C 1 42 ? 5.735   -10.443 -0.714  1.00 51.04 ? 39  GLU C N   1 
ATOM   1007 C CA  . GLU C 1 42 ? 4.876   -9.347  -0.274  1.00 49.71 ? 39  GLU C CA  1 
ATOM   1008 C C   . GLU C 1 42 ? 3.409   -9.644  -0.588  1.00 45.71 ? 39  GLU C C   1 
ATOM   1009 O O   . GLU C 1 42 ? 2.510   -9.334  0.187   1.00 50.64 ? 39  GLU C O   1 
ATOM   1010 C CB  . GLU C 1 42 ? 5.333   -8.018  -0.894  1.00 52.18 ? 39  GLU C CB  1 
ATOM   1011 C CG  . GLU C 1 42 ? 6.815   -7.713  -0.663  1.00 50.20 ? 39  GLU C CG  1 
ATOM   1012 C CD  . GLU C 1 42 ? 7.249   -6.329  -1.161  1.00 52.91 ? 39  GLU C CD  1 
ATOM   1013 O OE1 . GLU C 1 42 ? 6.398   -5.570  -1.655  1.00 52.99 ? 39  GLU C OE1 1 
ATOM   1014 O OE2 . GLU C 1 42 ? 8.451   -5.999  -1.055  1.00 56.21 ? 39  GLU C OE2 1 
ATOM   1015 N N   . PHE C 1 43 ? 3.162   -10.277 -1.722  1.00 49.82 ? 40  PHE C N   1 
ATOM   1016 C CA  . PHE C 1 43 ? 1.791   -10.594 -2.080  1.00 48.44 ? 40  PHE C CA  1 
ATOM   1017 C C   . PHE C 1 43 ? 1.313   -11.910 -1.472  1.00 53.89 ? 40  PHE C C   1 
ATOM   1018 O O   . PHE C 1 43 ? 0.131   -12.284 -1.618  1.00 51.14 ? 40  PHE C O   1 
ATOM   1019 C CB  . PHE C 1 43 ? 1.619   -10.593 -3.592  1.00 44.41 ? 40  PHE C CB  1 
ATOM   1020 C CG  . PHE C 1 43 ? 1.280   -9.248  -4.152  1.00 43.33 ? 40  PHE C CG  1 
ATOM   1021 C CD1 . PHE C 1 43 ? 0.047   -8.666  -3.890  1.00 41.95 ? 40  PHE C CD1 1 
ATOM   1022 C CD2 . PHE C 1 43 ? 2.194   -8.559  -4.942  1.00 40.54 ? 40  PHE C CD2 1 
ATOM   1023 C CE1 . PHE C 1 43 ? -0.283  -7.407  -4.425  1.00 42.73 ? 40  PHE C CE1 1 
ATOM   1024 C CE2 . PHE C 1 43 ? 1.876   -7.306  -5.472  1.00 41.15 ? 40  PHE C CE2 1 
ATOM   1025 C CZ  . PHE C 1 43 ? 0.634   -6.730  -5.208  1.00 36.19 ? 40  PHE C CZ  1 
ATOM   1026 N N   . LYS C 1 44 ? 2.229   -12.599 -0.789  1.00 52.03 ? 41  LYS C N   1 
ATOM   1027 C CA  . LYS C 1 44 ? 1.880   -13.801 -0.040  1.00 53.93 ? 41  LYS C CA  1 
ATOM   1028 C C   . LYS C 1 44 ? 1.343   -14.874 -0.986  1.00 53.30 ? 41  LYS C C   1 
ATOM   1029 O O   . LYS C 1 44 ? 0.262   -15.434 -0.766  1.00 45.22 ? 41  LYS C O   1 
ATOM   1030 C CB  . LYS C 1 44 ? 0.842   -13.476 1.036   1.00 50.58 ? 41  LYS C CB  1 
ATOM   1031 C CG  . LYS C 1 44 ? 1.344   -12.586 2.168   1.00 55.59 ? 41  LYS C CG  1 
ATOM   1032 C CD  . LYS C 1 44 ? 0.213   -12.342 3.188   1.00 65.64 ? 41  LYS C CD  1 
ATOM   1033 C CE  . LYS C 1 44 ? 0.741   -12.062 4.597   1.00 67.07 ? 41  LYS C CE  1 
ATOM   1034 N NZ  . LYS C 1 44 ? -0.341  -12.155 5.626   1.00 67.59 ? 41  LYS C NZ  1 
ATOM   1035 N N   . VAL C 1 45 ? 2.092   -15.120 -2.059  1.00 46.43 ? 42  VAL C N   1 
ATOM   1036 C CA  . VAL C 1 45 ? 1.774   -16.168 -3.005  1.00 47.07 ? 42  VAL C CA  1 
ATOM   1037 C C   . VAL C 1 45 ? 3.087   -16.853 -3.355  1.00 53.33 ? 42  VAL C C   1 
ATOM   1038 O O   . VAL C 1 45 ? 4.147   -16.242 -3.235  1.00 58.39 ? 42  VAL C O   1 
ATOM   1039 C CB  . VAL C 1 45 ? 1.095   -15.604 -4.278  1.00 48.57 ? 42  VAL C CB  1 
ATOM   1040 C CG1 . VAL C 1 45 ? -0.275  -15.049 -3.947  1.00 40.91 ? 42  VAL C CG1 1 
ATOM   1041 C CG2 . VAL C 1 45 ? 1.974   -14.549 -4.950  1.00 48.00 ? 42  VAL C CG2 1 
ATOM   1042 N N   . PRO C 1 46 ? 3.026   -18.134 -3.761  1.00 51.80 ? 43  PRO C N   1 
ATOM   1043 C CA  . PRO C 1 46 ? 4.206   -18.957 -4.074  1.00 48.34 ? 43  PRO C CA  1 
ATOM   1044 C C   . PRO C 1 46 ? 5.125   -18.380 -5.139  1.00 50.29 ? 43  PRO C C   1 
ATOM   1045 O O   . PRO C 1 46 ? 4.688   -18.199 -6.271  1.00 50.09 ? 43  PRO C O   1 
ATOM   1046 C CB  . PRO C 1 46 ? 3.587   -20.240 -4.619  1.00 47.29 ? 43  PRO C CB  1 
ATOM   1047 C CG  . PRO C 1 46 ? 2.277   -20.340 -3.913  1.00 48.23 ? 43  PRO C CG  1 
ATOM   1048 C CD  . PRO C 1 46 ? 1.785   -18.933 -3.752  1.00 49.97 ? 43  PRO C CD  1 
ATOM   1049 N N   . ALA C 1 47 ? 6.388   -18.142 -4.800  1.00 49.67 ? 44  ALA C N   1 
ATOM   1050 C CA  . ALA C 1 47 ? 7.343   -17.653 -5.787  1.00 50.09 ? 44  ALA C CA  1 
ATOM   1051 C C   . ALA C 1 47 ? 7.529   -18.651 -6.922  1.00 52.85 ? 44  ALA C C   1 
ATOM   1052 O O   . ALA C 1 47 ? 7.662   -18.274 -8.089  1.00 55.00 ? 44  ALA C O   1 
ATOM   1053 C CB  . ALA C 1 47 ? 8.669   -17.337 -5.137  1.00 51.96 ? 44  ALA C CB  1 
ATOM   1054 N N   . ALA C 1 48 ? 7.515   -19.932 -6.581  1.00 55.03 ? 45  ALA C N   1 
ATOM   1055 C CA  . ALA C 1 48 ? 7.768   -20.982 -7.567  1.00 56.07 ? 45  ALA C CA  1 
ATOM   1056 C C   . ALA C 1 48 ? 6.722   -21.044 -8.689  1.00 58.67 ? 45  ALA C C   1 
ATOM   1057 O O   . ALA C 1 48 ? 7.063   -21.301 -9.844  1.00 55.10 ? 45  ALA C O   1 
ATOM   1058 C CB  . ALA C 1 48 ? 7.875   -22.326 -6.877  1.00 56.62 ? 45  ALA C CB  1 
ATOM   1059 N N   . THR C 1 49 ? 5.453   -20.814 -8.356  1.00 53.52 ? 46  THR C N   1 
ATOM   1060 C CA  . THR C 1 49 ? 4.406   -20.917 -9.366  1.00 53.35 ? 46  THR C CA  1 
ATOM   1061 C C   . THR C 1 49 ? 3.859   -19.567 -9.850  1.00 54.14 ? 46  THR C C   1 
ATOM   1062 O O   . THR C 1 49 ? 2.920   -19.531 -10.639 1.00 55.97 ? 46  THR C O   1 
ATOM   1063 C CB  . THR C 1 49 ? 3.232   -21.768 -8.873  1.00 54.69 ? 46  THR C CB  1 
ATOM   1064 O OG1 . THR C 1 49 ? 2.642   -21.142 -7.729  1.00 61.22 ? 46  THR C OG1 1 
ATOM   1065 C CG2 . THR C 1 49 ? 3.702   -23.162 -8.490  1.00 52.73 ? 46  THR C CG2 1 
ATOM   1066 N N   . SER C 1 50 ? 4.431   -18.461 -9.385  1.00 48.22 ? 47  SER C N   1 
ATOM   1067 C CA  . SER C 1 50 ? 3.918   -17.156 -9.779  1.00 45.47 ? 47  SER C CA  1 
ATOM   1068 C C   . SER C 1 50 ? 4.649   -16.620 -11.005 1.00 44.20 ? 47  SER C C   1 
ATOM   1069 O O   . SER C 1 50 ? 5.829   -16.874 -11.188 1.00 46.43 ? 47  SER C O   1 
ATOM   1070 C CB  . SER C 1 50 ? 4.003   -16.156 -8.622  1.00 45.43 ? 47  SER C CB  1 
ATOM   1071 O OG  . SER C 1 50 ? 3.176   -16.547 -7.543  1.00 42.58 ? 47  SER C OG  1 
ATOM   1072 N N   . ALA C 1 51 ? 3.936   -15.896 -11.854 1.00 36.47 ? 48  ALA C N   1 
ATOM   1073 C CA  . ALA C 1 51 ? 4.573   -15.246 -12.981 1.00 39.05 ? 48  ALA C CA  1 
ATOM   1074 C C   . ALA C 1 51 ? 4.392   -13.745 -12.881 1.00 40.42 ? 48  ALA C C   1 
ATOM   1075 O O   . ALA C 1 51 ? 3.491   -13.252 -12.186 1.00 38.64 ? 48  ALA C O   1 
ATOM   1076 C CB  . ALA C 1 51 ? 4.011   -15.751 -14.288 1.00 32.44 ? 48  ALA C CB  1 
ATOM   1077 N N   . ILE C 1 52 ? 5.267   -13.022 -13.566 1.00 43.61 ? 49  ILE C N   1 
ATOM   1078 C CA  . ILE C 1 52 ? 5.111   -11.587 -13.698 1.00 39.97 ? 49  ILE C CA  1 
ATOM   1079 C C   . ILE C 1 52 ? 4.971   -11.311 -15.163 1.00 38.05 ? 49  ILE C C   1 
ATOM   1080 O O   . ILE C 1 52 ? 5.800   -11.732 -15.959 1.00 42.03 ? 49  ILE C O   1 
ATOM   1081 C CB  . ILE C 1 52 ? 6.325   -10.818 -13.186 1.00 38.58 ? 49  ILE C CB  1 
ATOM   1082 C CG1 . ILE C 1 52 ? 6.577   -11.124 -11.713 1.00 38.93 ? 49  ILE C CG1 1 
ATOM   1083 C CG2 . ILE C 1 52 ? 6.098   -9.321  -13.379 1.00 44.44 ? 49  ILE C CG2 1 
ATOM   1084 C CD1 . ILE C 1 52 ? 5.694   -10.351 -10.770 1.00 40.50 ? 49  ILE C CD1 1 
ATOM   1085 N N   . ILE C 1 53 ? 3.914   -10.608 -15.522 1.00 37.19 ? 50  ILE C N   1 
ATOM   1086 C CA  . ILE C 1 53 ? 3.696   -10.249 -16.903 1.00 40.02 ? 50  ILE C CA  1 
ATOM   1087 C C   . ILE C 1 53 ? 3.477   -8.755  -16.988 1.00 43.46 ? 50  ILE C C   1 
ATOM   1088 O O   . ILE C 1 53 ? 3.376   -8.064  -15.963 1.00 44.12 ? 50  ILE C O   1 
ATOM   1089 C CB  . ILE C 1 53 ? 2.460   -10.954 -17.479 1.00 37.68 ? 50  ILE C CB  1 
ATOM   1090 C CG1 . ILE C 1 53 ? 1.189   -10.379 -16.860 1.00 38.26 ? 50  ILE C CG1 1 
ATOM   1091 C CG2 . ILE C 1 53 ? 2.562   -12.448 -17.259 1.00 38.59 ? 50  ILE C CG2 1 
ATOM   1092 C CD1 . ILE C 1 53 ? -0.076  -10.774 -17.609 1.00 38.15 ? 50  ILE C CD1 1 
ATOM   1093 N N   . THR C 1 54 ? 3.391   -8.264  -18.217 1.00 39.85 ? 51  THR C N   1 
ATOM   1094 C CA  . THR C 1 54 ? 3.150   -6.858  -18.451 1.00 44.94 ? 51  THR C CA  1 
ATOM   1095 C C   . THR C 1 54 ? 1.670   -6.617  -18.683 1.00 48.87 ? 51  THR C C   1 
ATOM   1096 O O   . THR C 1 54 ? 0.907   -7.564  -18.885 1.00 48.17 ? 51  THR C O   1 
ATOM   1097 C CB  . THR C 1 54 ? 3.900   -6.360  -19.706 1.00 47.88 ? 51  THR C CB  1 
ATOM   1098 O OG1 . THR C 1 54 ? 3.277   -6.890  -20.890 1.00 43.94 ? 51  THR C OG1 1 
ATOM   1099 C CG2 . THR C 1 54 ? 5.371   -6.756  -19.655 1.00 44.89 ? 51  THR C CG2 1 
ATOM   1100 N N   . ASN C 1 55 ? 1.290   -5.339  -18.675 1.00 48.99 ? 52  ASN C N   1 
ATOM   1101 C CA  . ASN C 1 55 ? -0.054  -4.894  -19.014 1.00 48.45 ? 52  ASN C CA  1 
ATOM   1102 C C   . ASN C 1 55 ? -0.569  -5.397  -20.355 1.00 46.57 ? 52  ASN C C   1 
ATOM   1103 O O   . ASN C 1 55 ? -1.766  -5.612  -20.511 1.00 56.66 ? 52  ASN C O   1 
ATOM   1104 C CB  . ASN C 1 55 ? -0.104  -3.366  -19.023 1.00 55.71 ? 52  ASN C CB  1 
ATOM   1105 C CG  . ASN C 1 55 ? -0.459  -2.786  -17.676 1.00 55.56 ? 52  ASN C CG  1 
ATOM   1106 O OD1 . ASN C 1 55 ? -1.063  -3.460  -16.824 1.00 60.36 ? 52  ASN C OD1 1 
ATOM   1107 N ND2 . ASN C 1 55 ? -0.095  -1.524  -17.468 1.00 52.30 ? 52  ASN C ND2 1 
ATOM   1108 N N   . ASP C 1 56 ? 0.323   -5.572  -21.324 1.00 45.49 ? 53  ASP C N   1 
ATOM   1109 C CA  . ASP C 1 56 ? -0.082  -6.006  -22.669 1.00 48.75 ? 53  ASP C CA  1 
ATOM   1110 C C   . ASP C 1 56 ? 0.003   -7.533  -22.909 1.00 49.24 ? 53  ASP C C   1 
ATOM   1111 O O   . ASP C 1 56 ? -0.107  -7.996  -24.034 1.00 54.34 ? 53  ASP C O   1 
ATOM   1112 C CB  . ASP C 1 56 ? 0.656   -5.207  -23.775 1.00 48.27 ? 53  ASP C CB  1 
ATOM   1113 C CG  . ASP C 1 56 ? 2.167   -5.009  -23.480 1.00 61.49 ? 53  ASP C CG  1 
ATOM   1114 O OD1 . ASP C 1 56 ? 2.605   -5.274  -22.335 1.00 59.66 ? 53  ASP C OD1 1 
ATOM   1115 O OD2 . ASP C 1 56 ? 2.924   -4.573  -24.388 1.00 60.69 ? 53  ASP C OD2 1 
ATOM   1116 N N   . GLY C 1 57 ? 0.178   -8.321  -21.856 1.00 47.21 ? 54  GLY C N   1 
ATOM   1117 C CA  . GLY C 1 57 ? 0.134   -9.762  -22.005 1.00 43.13 ? 54  GLY C CA  1 
ATOM   1118 C C   . GLY C 1 57 ? 1.422   -10.364 -22.533 1.00 46.06 ? 54  GLY C C   1 
ATOM   1119 O O   . GLY C 1 57 ? 1.407   -11.362 -23.270 1.00 44.76 ? 54  GLY C O   1 
ATOM   1120 N N   . ILE C 1 58 ? 2.536   -9.744  -22.164 1.00 40.90 ? 55  ILE C N   1 
ATOM   1121 C CA  . ILE C 1 58 ? 3.844   -10.287 -22.464 1.00 39.98 ? 55  ILE C CA  1 
ATOM   1122 C C   . ILE C 1 58 ? 4.444   -10.819 -21.169 1.00 44.54 ? 55  ILE C C   1 
ATOM   1123 O O   . ILE C 1 58 ? 4.399   -10.158 -20.125 1.00 39.82 ? 55  ILE C O   1 
ATOM   1124 C CB  . ILE C 1 58 ? 4.778   -9.241  -23.121 1.00 46.10 ? 55  ILE C CB  1 
ATOM   1125 C CG1 . ILE C 1 58 ? 4.295   -8.909  -24.531 1.00 39.79 ? 55  ILE C CG1 1 
ATOM   1126 C CG2 . ILE C 1 58 ? 6.190   -9.779  -23.220 1.00 47.19 ? 55  ILE C CG2 1 
ATOM   1127 C CD1 . ILE C 1 58 ? 4.258   -10.127 -25.424 1.00 41.41 ? 55  ILE C CD1 1 
ATOM   1128 N N   . GLY C 1 59 ? 4.977   -12.037 -21.235 1.00 48.07 ? 56  GLY C N   1 
ATOM   1129 C CA  . GLY C 1 59 ? 5.554   -12.663 -20.067 1.00 48.95 ? 56  GLY C CA  1 
ATOM   1130 C C   . GLY C 1 59 ? 6.988   -12.223 -19.875 1.00 45.81 ? 56  GLY C C   1 
ATOM   1131 O O   . GLY C 1 59 ? 7.784   -12.233 -20.804 1.00 44.73 ? 56  GLY C O   1 
ATOM   1132 N N   . ILE C 1 60 ? 7.324   -11.844 -18.653 1.00 47.34 ? 57  ILE C N   1 
ATOM   1133 C CA  . ILE C 1 60 ? 8.669   -11.352 -18.382 1.00 53.35 ? 57  ILE C CA  1 
ATOM   1134 C C   . ILE C 1 60 ? 9.656   -12.451 -17.958 1.00 52.12 ? 57  ILE C C   1 
ATOM   1135 O O   . ILE C 1 60 ? 9.546   -13.007 -16.865 1.00 49.42 ? 57  ILE C O   1 
ATOM   1136 C CB  . ILE C 1 60 ? 8.607   -10.214 -17.354 1.00 49.41 ? 57  ILE C CB  1 
ATOM   1137 C CG1 . ILE C 1 60 ? 8.009   -8.984  -18.030 1.00 41.71 ? 57  ILE C CG1 1 
ATOM   1138 C CG2 . ILE C 1 60 ? 9.989   -9.905  -16.758 1.00 47.54 ? 57  ILE C CG2 1 
ATOM   1139 C CD1 . ILE C 1 60 ? 7.649   -7.930  -17.065 1.00 50.79 ? 57  ILE C CD1 1 
ATOM   1140 N N   . ASN C 1 61 ? 10.607  -12.771 -18.833 1.00 51.76 ? 58  ASN C N   1 
ATOM   1141 C CA  . ASN C 1 61 ? 11.698  -13.658 -18.447 1.00 56.01 ? 58  ASN C CA  1 
ATOM   1142 C C   . ASN C 1 61 ? 12.488  -13.069 -17.285 1.00 57.54 ? 58  ASN C C   1 
ATOM   1143 O O   . ASN C 1 61 ? 13.072  -11.988 -17.421 1.00 58.86 ? 58  ASN C O   1 
ATOM   1144 C CB  . ASN C 1 61 ? 12.648  -13.909 -19.609 1.00 58.18 ? 58  ASN C CB  1 
ATOM   1145 C CG  . ASN C 1 61 ? 13.607  -15.034 -19.317 1.00 59.28 ? 58  ASN C CG  1 
ATOM   1146 O OD1 . ASN C 1 61 ? 13.642  -15.545 -18.199 1.00 58.85 ? 58  ASN C OD1 1 
ATOM   1147 N ND2 . ASN C 1 61 ? 14.390  -15.430 -20.312 1.00 59.53 ? 58  ASN C ND2 1 
ATOM   1148 N N   . PRO C 1 62 ? 12.507  -13.774 -16.138 1.00 56.39 ? 59  PRO C N   1 
ATOM   1149 C CA  . PRO C 1 62 ? 13.157  -13.234 -14.935 1.00 57.94 ? 59  PRO C CA  1 
ATOM   1150 C C   . PRO C 1 62 ? 14.685  -13.314 -14.955 1.00 58.54 ? 59  PRO C C   1 
ATOM   1151 O O   . PRO C 1 62 ? 15.326  -12.617 -14.170 1.00 57.67 ? 59  PRO C O   1 
ATOM   1152 C CB  . PRO C 1 62 ? 12.573  -14.089 -13.794 1.00 59.52 ? 59  PRO C CB  1 
ATOM   1153 C CG  . PRO C 1 62 ? 12.123  -15.348 -14.447 1.00 54.56 ? 59  PRO C CG  1 
ATOM   1154 C CD  . PRO C 1 62 ? 11.730  -14.998 -15.852 1.00 58.12 ? 59  PRO C CD  1 
ATOM   1155 N N   . ALA C 1 63 ? 15.255  -14.122 -15.847 1.00 57.98 ? 60  ALA C N   1 
ATOM   1156 C CA  . ALA C 1 63 ? 16.708  -14.203 -16.002 1.00 54.75 ? 60  ALA C CA  1 
ATOM   1157 C C   . ALA C 1 63 ? 17.225  -12.987 -16.755 1.00 54.62 ? 60  ALA C C   1 
ATOM   1158 O O   . ALA C 1 63 ? 17.958  -13.097 -17.733 1.00 64.89 ? 60  ALA C O   1 
ATOM   1159 C CB  . ALA C 1 63 ? 17.087  -15.472 -16.725 1.00 54.71 ? 60  ALA C CB  1 
ATOM   1160 N N   . GLN C 1 64 ? 16.832  -11.821 -16.278 1.00 55.93 ? 61  GLN C N   1 
ATOM   1161 C CA  . GLN C 1 64 ? 17.055  -10.570 -16.972 1.00 52.65 ? 61  GLN C CA  1 
ATOM   1162 C C   . GLN C 1 64 ? 17.250  -9.566  -15.857 1.00 56.52 ? 61  GLN C C   1 
ATOM   1163 O O   . GLN C 1 64 ? 16.785  -9.791  -14.723 1.00 57.90 ? 61  GLN C O   1 
ATOM   1164 C CB  . GLN C 1 64 ? 15.802  -10.214 -17.760 1.00 55.20 ? 61  GLN C CB  1 
ATOM   1165 C CG  . GLN C 1 64 ? 16.051  -9.613  -19.122 1.00 63.86 ? 61  GLN C CG  1 
ATOM   1166 C CD  . GLN C 1 64 ? 14.764  -9.120  -19.781 1.00 65.13 ? 61  GLN C CD  1 
ATOM   1167 O OE1 . GLN C 1 64 ? 14.795  -8.197  -20.601 1.00 66.74 ? 61  GLN C OE1 1 
ATOM   1168 N NE2 . GLN C 1 64 ? 13.625  -9.728  -19.419 1.00 55.72 ? 61  GLN C NE2 1 
ATOM   1169 N N   . THR C 1 65 ? 17.934  -8.467  -16.147 1.00 53.06 ? 62  THR C N   1 
ATOM   1170 C CA  . THR C 1 65 ? 18.129  -7.450  -15.125 1.00 54.18 ? 62  THR C CA  1 
ATOM   1171 C C   . THR C 1 65 ? 16.837  -6.656  -14.980 1.00 49.80 ? 62  THR C C   1 
ATOM   1172 O O   . THR C 1 65 ? 16.100  -6.493  -15.953 1.00 48.91 ? 62  THR C O   1 
ATOM   1173 C CB  . THR C 1 65 ? 19.293  -6.507  -15.481 1.00 56.07 ? 62  THR C CB  1 
ATOM   1174 O OG1 . THR C 1 65 ? 18.946  -5.739  -16.639 1.00 56.23 ? 62  THR C OG1 1 
ATOM   1175 C CG2 . THR C 1 65 ? 20.554  -7.312  -15.780 1.00 55.63 ? 62  THR C CG2 1 
ATOM   1176 N N   . ALA C 1 66 ? 16.566  -6.173  -13.770 1.00 47.46 ? 63  ALA C N   1 
ATOM   1177 C CA  . ALA C 1 66 ? 15.423  -5.297  -13.533 1.00 47.42 ? 63  ALA C CA  1 
ATOM   1178 C C   . ALA C 1 66 ? 15.558  -4.090  -14.428 1.00 50.51 ? 63  ALA C C   1 
ATOM   1179 O O   . ALA C 1 66 ? 14.570  -3.623  -15.010 1.00 49.38 ? 63  ALA C O   1 
ATOM   1180 C CB  . ALA C 1 66 ? 15.360  -4.860  -12.085 1.00 47.12 ? 63  ALA C CB  1 
ATOM   1181 N N   . GLY C 1 67 ? 16.792  -3.597  -14.531 1.00 50.27 ? 64  GLY C N   1 
ATOM   1182 C CA  . GLY C 1 67 ? 17.128  -2.511  -15.429 1.00 46.80 ? 64  GLY C CA  1 
ATOM   1183 C C   . GLY C 1 67 ? 16.672  -2.778  -16.846 1.00 45.74 ? 64  GLY C C   1 
ATOM   1184 O O   . GLY C 1 67 ? 16.059  -1.918  -17.486 1.00 49.01 ? 64  GLY C O   1 
ATOM   1185 N N   . ASN C 1 68 ? 16.949  -3.970  -17.353 1.00 47.20 ? 65  ASN C N   1 
ATOM   1186 C CA  . ASN C 1 68 ? 16.559  -4.257  -18.729 1.00 52.77 ? 65  ASN C CA  1 
ATOM   1187 C C   . ASN C 1 68 ? 15.062  -4.438  -18.841 1.00 46.87 ? 65  ASN C C   1 
ATOM   1188 O O   . ASN C 1 68 ? 14.467  -4.095  -19.854 1.00 48.57 ? 65  ASN C O   1 
ATOM   1189 C CB  . ASN C 1 68 ? 17.328  -5.448  -19.331 1.00 55.81 ? 65  ASN C CB  1 
ATOM   1190 C CG  . ASN C 1 68 ? 18.565  -5.004  -20.117 1.00 65.32 ? 65  ASN C CG  1 
ATOM   1191 O OD1 . ASN C 1 68 ? 18.491  -4.083  -20.939 1.00 67.71 ? 65  ASN C OD1 1 
ATOM   1192 N ND2 . ASN C 1 68 ? 19.714  -5.641  -19.849 1.00 59.74 ? 65  ASN C ND2 1 
ATOM   1193 N N   . VAL C 1 69 ? 14.448  -4.962  -17.790 1.00 45.12 ? 66  VAL C N   1 
ATOM   1194 C CA  . VAL C 1 69 ? 13.006  -5.137  -17.809 1.00 48.25 ? 66  VAL C CA  1 
ATOM   1195 C C   . VAL C 1 69 ? 12.332  -3.759  -17.871 1.00 45.24 ? 66  VAL C C   1 
ATOM   1196 O O   . VAL C 1 69 ? 11.443  -3.520  -18.695 1.00 40.78 ? 66  VAL C O   1 
ATOM   1197 C CB  . VAL C 1 69 ? 12.508  -5.936  -16.587 1.00 42.83 ? 66  VAL C CB  1 
ATOM   1198 C CG1 . VAL C 1 69 ? 10.984  -5.810  -16.450 1.00 41.24 ? 66  VAL C CG1 1 
ATOM   1199 C CG2 . VAL C 1 69 ? 12.932  -7.385  -16.692 1.00 39.31 ? 66  VAL C CG2 1 
ATOM   1200 N N   . PHE C 1 70 ? 12.784  -2.859  -17.005 1.00 42.85 ? 67  PHE C N   1 
ATOM   1201 C CA  . PHE C 1 70 ? 12.313  -1.484  -16.993 1.00 44.79 ? 67  PHE C CA  1 
ATOM   1202 C C   . PHE C 1 70 ? 12.495  -0.833  -18.362 1.00 44.23 ? 67  PHE C C   1 
ATOM   1203 O O   . PHE C 1 70 ? 11.594  -0.177  -18.868 1.00 46.82 ? 67  PHE C O   1 
ATOM   1204 C CB  . PHE C 1 70 ? 13.046  -0.679  -15.910 1.00 46.45 ? 67  PHE C CB  1 
ATOM   1205 C CG  . PHE C 1 70 ? 12.581  0.739   -15.796 1.00 43.84 ? 67  PHE C CG  1 
ATOM   1206 C CD1 . PHE C 1 70 ? 11.501  1.062   -14.999 1.00 44.77 ? 67  PHE C CD1 1 
ATOM   1207 C CD2 . PHE C 1 70 ? 13.220  1.755   -16.496 1.00 42.70 ? 67  PHE C CD2 1 
ATOM   1208 C CE1 . PHE C 1 70 ? 11.055  2.387   -14.903 1.00 46.75 ? 67  PHE C CE1 1 
ATOM   1209 C CE2 . PHE C 1 70 ? 12.787  3.076   -16.408 1.00 40.33 ? 67  PHE C CE2 1 
ATOM   1210 C CZ  . PHE C 1 70 ? 11.708  3.395   -15.608 1.00 46.15 ? 67  PHE C CZ  1 
ATOM   1211 N N   . LEU C 1 71 ? 13.655  -1.022  -18.969 1.00 46.88 ? 68  LEU C N   1 
ATOM   1212 C CA  . LEU C 1 71 ? 13.936  -0.386  -20.252 1.00 44.80 ? 68  LEU C CA  1 
ATOM   1213 C C   . LEU C 1 71 ? 13.008  -0.852  -21.355 1.00 47.16 ? 68  LEU C C   1 
ATOM   1214 O O   . LEU C 1 71 ? 12.637  -0.068  -22.224 1.00 55.28 ? 68  LEU C O   1 
ATOM   1215 C CB  . LEU C 1 71 ? 15.374  -0.640  -20.666 1.00 46.26 ? 68  LEU C CB  1 
ATOM   1216 C CG  . LEU C 1 71 ? 16.179  0.602   -21.024 1.00 48.85 ? 68  LEU C CG  1 
ATOM   1217 C CD1 . LEU C 1 71 ? 16.133  1.618   -19.899 1.00 46.00 ? 68  LEU C CD1 1 
ATOM   1218 C CD2 . LEU C 1 71 ? 17.611  0.193   -21.277 1.00 53.29 ? 68  LEU C CD2 1 
ATOM   1219 N N   . LYS C 1 72 ? 12.628  -2.125  -21.320 1.00 48.32 ? 69  LYS C N   1 
ATOM   1220 C CA  . LYS C 1 72 ? 11.803  -2.703  -22.380 1.00 46.07 ? 69  LYS C CA  1 
ATOM   1221 C C   . LYS C 1 72 ? 10.292  -2.638  -22.125 1.00 48.01 ? 69  LYS C C   1 
ATOM   1222 O O   . LYS C 1 72 ? 9.516   -2.569  -23.070 1.00 46.22 ? 69  LYS C O   1 
ATOM   1223 C CB  . LYS C 1 72 ? 12.192  -4.159  -22.611 1.00 49.14 ? 69  LYS C CB  1 
ATOM   1224 C CG  . LYS C 1 72 ? 13.686  -4.387  -22.853 1.00 55.90 ? 69  LYS C CG  1 
ATOM   1225 C CD  . LYS C 1 72 ? 13.957  -5.832  -23.268 1.00 62.60 ? 69  LYS C CD  1 
ATOM   1226 C CE  . LYS C 1 72 ? 12.944  -6.773  -22.624 1.00 58.52 ? 69  LYS C CE  1 
ATOM   1227 N NZ  . LYS C 1 72 ? 13.315  -8.213  -22.721 1.00 61.71 ? 69  LYS C NZ  1 
ATOM   1228 N N   . HIS C 1 73 ? 9.865   -2.673  -20.865 1.00 45.40 ? 70  HIS C N   1 
ATOM   1229 C CA  . HIS C 1 73 ? 8.436   -2.835  -20.583 1.00 48.95 ? 70  HIS C CA  1 
ATOM   1230 C C   . HIS C 1 73 ? 7.840   -1.752  -19.678 1.00 48.41 ? 70  HIS C C   1 
ATOM   1231 O O   . HIS C 1 73 ? 6.614   -1.659  -19.522 1.00 48.61 ? 70  HIS C O   1 
ATOM   1232 C CB  . HIS C 1 73 ? 8.158   -4.230  -20.000 1.00 44.23 ? 70  HIS C CB  1 
ATOM   1233 C CG  . HIS C 1 73 ? 8.633   -5.346  -20.872 1.00 43.21 ? 70  HIS C CG  1 
ATOM   1234 N ND1 . HIS C 1 73 ? 8.189   -5.515  -22.169 1.00 48.83 ? 70  HIS C ND1 1 
ATOM   1235 C CD2 . HIS C 1 73 ? 9.525   -6.340  -20.645 1.00 45.08 ? 70  HIS C CD2 1 
ATOM   1236 C CE1 . HIS C 1 73 ? 8.788   -6.569  -22.700 1.00 50.84 ? 70  HIS C CE1 1 
ATOM   1237 N NE2 . HIS C 1 73 ? 9.599   -7.090  -21.795 1.00 49.53 ? 70  HIS C NE2 1 
ATOM   1238 N N   . GLY C 1 74 ? 8.706   -0.946  -19.077 1.00 46.54 ? 71  GLY C N   1 
ATOM   1239 C CA  . GLY C 1 74 ? 8.265   0.097   -18.171 1.00 44.12 ? 71  GLY C CA  1 
ATOM   1240 C C   . GLY C 1 74 ? 7.976   -0.411  -16.773 1.00 41.82 ? 71  GLY C C   1 
ATOM   1241 O O   . GLY C 1 74 ? 8.397   -1.500  -16.402 1.00 43.94 ? 71  GLY C O   1 
ATOM   1242 N N   . SER C 1 75 ? 7.230   0.371   -16.002 1.00 41.06 ? 72  SER C N   1 
ATOM   1243 C CA  . SER C 1 75 ? 7.029   0.071   -14.596 1.00 41.67 ? 72  SER C CA  1 
ATOM   1244 C C   . SER C 1 75 ? 5.768   -0.726  -14.267 1.00 38.36 ? 72  SER C C   1 
ATOM   1245 O O   . SER C 1 75 ? 5.642   -1.217  -13.150 1.00 35.73 ? 72  SER C O   1 
ATOM   1246 C CB  . SER C 1 75 ? 7.023   1.362   -13.782 1.00 39.73 ? 72  SER C CB  1 
ATOM   1247 O OG  . SER C 1 75 ? 6.126   2.306   -14.342 1.00 44.02 ? 72  SER C OG  1 
ATOM   1248 N N   . GLU C 1 76 ? 4.845   -0.856  -15.219 1.00 41.02 ? 73  GLU C N   1 
ATOM   1249 C CA  . GLU C 1 76 ? 3.519   -1.421  -14.909 1.00 42.42 ? 73  GLU C CA  1 
ATOM   1250 C C   . GLU C 1 76 ? 3.381   -2.910  -15.167 1.00 38.36 ? 73  GLU C C   1 
ATOM   1251 O O   . GLU C 1 76 ? 3.240   -3.343  -16.300 1.00 48.38 ? 73  GLU C O   1 
ATOM   1252 C CB  . GLU C 1 76 ? 2.394   -0.621  -15.578 1.00 45.12 ? 73  GLU C CB  1 
ATOM   1253 C CG  . GLU C 1 76 ? 1.614   0.223   -14.566 1.00 47.85 ? 73  GLU C CG  1 
ATOM   1254 C CD  . GLU C 1 76 ? 1.486   1.685   -14.954 1.00 58.58 ? 73  GLU C CD  1 
ATOM   1255 O OE1 . GLU C 1 76 ? 1.293   1.954   -16.171 1.00 57.62 ? 73  GLU C OE1 1 
ATOM   1256 O OE2 . GLU C 1 76 ? 1.564   2.556   -14.032 1.00 59.23 ? 73  GLU C OE2 1 
ATOM   1257 N N   . LEU C 1 77 ? 3.442   -3.695  -14.096 1.00 40.85 ? 74  LEU C N   1 
ATOM   1258 C CA  . LEU C 1 77 ? 3.487   -5.144  -14.215 1.00 39.00 ? 74  LEU C CA  1 
ATOM   1259 C C   . LEU C 1 77 ? 2.405   -5.793  -13.377 1.00 36.98 ? 74  LEU C C   1 
ATOM   1260 O O   . LEU C 1 77 ? 1.939   -5.226  -12.378 1.00 33.40 ? 74  LEU C O   1 
ATOM   1261 C CB  . LEU C 1 77 ? 4.849   -5.679  -13.774 1.00 36.32 ? 74  LEU C CB  1 
ATOM   1262 C CG  . LEU C 1 77 ? 6.089   -5.021  -14.372 1.00 39.11 ? 74  LEU C CG  1 
ATOM   1263 C CD1 . LEU C 1 77 ? 7.367   -5.673  -13.851 1.00 39.15 ? 74  LEU C CD1 1 
ATOM   1264 C CD2 . LEU C 1 77 ? 6.022   -5.079  -15.887 1.00 44.60 ? 74  LEU C CD2 1 
ATOM   1265 N N   . ARG C 1 78 ? 2.025   -7.001  -13.776 1.00 38.67 ? 75  ARG C N   1 
ATOM   1266 C CA  . ARG C 1 78 ? 0.989   -7.746  -13.074 1.00 39.83 ? 75  ARG C CA  1 
ATOM   1267 C C   . ARG C 1 78 ? 1.598   -9.021  -12.520 1.00 36.39 ? 75  ARG C C   1 
ATOM   1268 O O   . ARG C 1 78 ? 2.405   -9.661  -13.189 1.00 40.56 ? 75  ARG C O   1 
ATOM   1269 C CB  . ARG C 1 78 ? -0.150  -8.080  -14.042 1.00 37.65 ? 75  ARG C CB  1 
ATOM   1270 C CG  . ARG C 1 78 ? -0.701  -6.867  -14.782 1.00 41.95 ? 75  ARG C CG  1 
ATOM   1271 C CD  . ARG C 1 78 ? -1.934  -7.204  -15.618 1.00 49.43 ? 75  ARG C CD  1 
ATOM   1272 N NE  . ARG C 1 78 ? -2.565  -6.015  -16.190 1.00 50.37 ? 75  ARG C NE  1 
ATOM   1273 C CZ  . ARG C 1 78 ? -3.615  -6.048  -17.005 1.00 50.78 ? 75  ARG C CZ  1 
ATOM   1274 N NH1 . ARG C 1 78 ? -4.160  -7.207  -17.352 1.00 53.41 ? 75  ARG C NH1 1 
ATOM   1275 N NH2 . ARG C 1 78 ? -4.119  -4.924  -17.484 1.00 51.98 ? 75  ARG C NH2 1 
ATOM   1276 N N   . ILE C 1 79 ? 1.258   -9.383  -11.293 1.00 36.58 ? 76  ILE C N   1 
ATOM   1277 C CA  . ILE C 1 79 ? 1.683   -10.683 -10.780 1.00 37.69 ? 76  ILE C CA  1 
ATOM   1278 C C   . ILE C 1 79 ? 0.545   -11.705 -10.924 1.00 40.00 ? 76  ILE C C   1 
ATOM   1279 O O   . ILE C 1 79 ? -0.587  -11.474 -10.508 1.00 39.28 ? 76  ILE C O   1 
ATOM   1280 C CB  . ILE C 1 79 ? 2.244   -10.616 -9.334  1.00 34.64 ? 76  ILE C CB  1 
ATOM   1281 C CG1 . ILE C 1 79 ? 2.776   -11.984 -8.877  1.00 40.45 ? 76  ILE C CG1 1 
ATOM   1282 C CG2 . ILE C 1 79 ? 1.209   -10.079 -8.385  1.00 33.64 ? 76  ILE C CG2 1 
ATOM   1283 C CD1 . ILE C 1 79 ? 3.725   -11.918 -7.651  1.00 37.62 ? 76  ILE C CD1 1 
ATOM   1284 N N   . ILE C 1 80 ? 0.867   -12.832 -11.544 1.00 36.67 ? 77  ILE C N   1 
ATOM   1285 C CA  . ILE C 1 80 ? -0.116  -13.828 -11.895 1.00 39.26 ? 77  ILE C CA  1 
ATOM   1286 C C   . ILE C 1 80 ? 0.130   -15.090 -11.068 1.00 40.44 ? 77  ILE C C   1 
ATOM   1287 O O   . ILE C 1 80 ? 1.061   -15.855 -11.340 1.00 43.63 ? 77  ILE C O   1 
ATOM   1288 C CB  . ILE C 1 80 ? -0.024  -14.160 -13.415 1.00 37.30 ? 77  ILE C CB  1 
ATOM   1289 C CG1 . ILE C 1 80 ? -0.119  -12.873 -14.265 1.00 32.23 ? 77  ILE C CG1 1 
ATOM   1290 C CG2 . ILE C 1 80 ? -1.066  -15.193 -13.806 1.00 33.85 ? 77  ILE C CG2 1 
ATOM   1291 C CD1 . ILE C 1 80 ? -1.357  -12.019 -13.996 1.00 28.33 ? 77  ILE C CD1 1 
ATOM   1292 N N   . PRO C 1 81 ? -0.688  -15.293 -10.037 1.00 38.99 ? 78  PRO C N   1 
ATOM   1293 C CA  . PRO C 1 81 ? -0.638  -16.474 -9.154  1.00 40.86 ? 78  PRO C CA  1 
ATOM   1294 C C   . PRO C 1 81 ? -1.244  -17.713 -9.811  1.00 42.55 ? 78  PRO C C   1 
ATOM   1295 O O   . PRO C 1 81 ? -2.279  -17.610 -10.471 1.00 42.99 ? 78  PRO C O   1 
ATOM   1296 C CB  . PRO C 1 81 ? -1.498  -16.053 -7.953  1.00 35.11 ? 78  PRO C CB  1 
ATOM   1297 C CG  . PRO C 1 81 ? -2.432  -14.994 -8.497  1.00 36.06 ? 78  PRO C CG  1 
ATOM   1298 C CD  . PRO C 1 81 ? -1.685  -14.292 -9.605  1.00 39.20 ? 78  PRO C CD  1 
ATOM   1299 N N   . ARG C 1 82 ? -0.613  -18.872 -9.639  1.00 47.53 ? 79  ARG C N   1 
ATOM   1300 C CA  . ARG C 1 82 ? -1.141  -20.097 -10.229 1.00 47.49 ? 79  ARG C CA  1 
ATOM   1301 C C   . ARG C 1 82 ? -2.434  -20.551 -9.574  1.00 50.99 ? 79  ARG C C   1 
ATOM   1302 O O   . ARG C 1 82 ? -2.845  -20.034 -8.537  1.00 45.85 ? 79  ARG C O   1 
ATOM   1303 C CB  . ARG C 1 82 ? -0.129  -21.229 -10.185 1.00 49.13 ? 79  ARG C CB  1 
ATOM   1304 C CG  . ARG C 1 82 ? 0.214   -21.760 -11.564 1.00 60.71 ? 79  ARG C CG  1 
ATOM   1305 C CD  . ARG C 1 82 ? -0.105  -23.232 -11.680 1.00 58.96 ? 79  ARG C CD  1 
ATOM   1306 N NE  . ARG C 1 82 ? 1.085   -24.065 -11.833 1.00 65.07 ? 79  ARG C NE  1 
ATOM   1307 C CZ  . ARG C 1 82 ? 1.634   -24.755 -10.837 1.00 63.01 ? 79  ARG C CZ  1 
ATOM   1308 N NH1 . ARG C 1 82 ? 1.090   -24.700 -9.630  1.00 63.52 ? 79  ARG C NH1 1 
ATOM   1309 N NH2 . ARG C 1 82 ? 2.718   -25.495 -11.042 1.00 60.81 ? 79  ARG C NH2 1 
ATOM   1310 N N   . ASP C 1 83 ? -3.056  -21.532 -10.217 1.00 57.87 ? 80  ASP C N   1 
ATOM   1311 C CA  . ASP C 1 83 ? -4.374  -22.043 -9.870  1.00 54.36 ? 80  ASP C CA  1 
ATOM   1312 C C   . ASP C 1 83 ? -4.539  -22.411 -8.387  1.00 59.27 ? 80  ASP C C   1 
ATOM   1313 O O   . ASP C 1 83 ? -4.444  -23.577 -7.998  1.00 58.03 ? 80  ASP C O   1 
ATOM   1314 C CB  . ASP C 1 83 ? -4.684  -23.243 -10.773 1.00 48.03 ? 80  ASP C CB  1 
ATOM   1315 C CG  . ASP C 1 83 ? -6.025  -23.122 -11.436 1.00 56.74 ? 80  ASP C CG  1 
ATOM   1316 O OD1 . ASP C 1 83 ? -6.903  -22.444 -10.841 1.00 62.12 ? 80  ASP C OD1 1 
ATOM   1317 O OD2 . ASP C 1 83 ? -6.203  -23.691 -12.537 1.00 55.35 ? 80  ASP C OD2 1 
HETATM 1318 O O   . HOH D 3 .  ? -2.917  12.403  16.623  1.00 44.25 ? 101 HOH A O   1 
HETATM 1319 O O   . HOH D 3 .  ? -2.631  20.203  7.681   1.00 45.77 ? 102 HOH A O   1 
HETATM 1320 O O   . HOH D 3 .  ? -17.760 10.810  10.582  1.00 37.00 ? 103 HOH A O   1 
HETATM 1321 O O   . HOH D 3 .  ? -5.723  21.472  2.442   1.00 54.85 ? 104 HOH A O   1 
HETATM 1322 O O   . HOH D 3 .  ? -6.864  -4.005  11.343  1.00 45.21 ? 105 HOH A O   1 
HETATM 1323 O O   . HOH D 3 .  ? -2.906  4.769   23.289  1.00 41.81 ? 106 HOH A O   1 
HETATM 1324 O O   . HOH D 3 .  ? 2.725   16.602  12.189  1.00 49.29 ? 107 HOH A O   1 
HETATM 1325 O O   . HOH D 3 .  ? 3.328   9.976   -3.105  0.50 44.51 ? 108 HOH A O   1 
HETATM 1326 O O   . HOH D 3 .  ? -5.302  6.321   -4.458  1.00 47.20 ? 109 HOH A O   1 
HETATM 1327 O O   . HOH D 3 .  ? 3.532   20.041  0.742   1.00 50.18 ? 110 HOH A O   1 
HETATM 1328 O O   . HOH D 3 .  ? 4.857   -1.754  -0.017  1.00 40.45 ? 111 HOH A O   1 
HETATM 1329 O O   . HOH D 3 .  ? -23.106 9.852   19.776  1.00 57.62 ? 112 HOH A O   1 
HETATM 1330 O O   . HOH E 3 .  ? -8.193  -1.978  2.524   1.00 45.11 ? 401 HOH B O   1 
HETATM 1331 O O   . HOH F 3 .  ? -3.141  2.531   -9.720  1.00 49.92 ? 101 HOH C O   1 
HETATM 1332 O O   . HOH F 3 .  ? -2.901  -1.093  -10.648 1.00 43.86 ? 102 HOH C O   1 
HETATM 1333 O O   . HOH F 3 .  ? 1.222   -0.248  -2.299  1.00 38.25 ? 103 HOH C O   1 
HETATM 1334 O O   . HOH F 3 .  ? 4.739   -0.184  -18.006 1.00 43.51 ? 104 HOH C O   1 
HETATM 1335 O O   . HOH F 3 .  ? -2.062  -3.276  -14.112 1.00 55.73 ? 105 HOH C O   1 
HETATM 1336 O O   . HOH F 3 .  ? 5.763   -4.222  -23.205 1.00 44.27 ? 106 HOH C O   1 
HETATM 1337 O O   . HOH F 3 .  ? -8.981  -0.929  -3.811  1.00 53.80 ? 107 HOH C O   1 
HETATM 1338 O O   . HOH F 3 .  ? 0.041   -7.377  1.973   1.00 60.29 ? 108 HOH C O   1 
HETATM 1339 O O   . HOH F 3 .  ? 19.295  -1.156  -0.571  1.00 53.19 ? 109 HOH C O   1 
HETATM 1340 O O   . HOH F 3 .  ? -7.355  -6.015  -18.674 1.00 40.47 ? 110 HOH C O   1 
HETATM 1341 O O   . HOH F 3 .  ? 2.042   -21.832 -14.797 1.00 39.19 ? 111 HOH C O   1 
HETATM 1342 O O   . HOH F 3 .  ? -6.453  1.537   -6.041  1.00 52.69 ? 112 HOH C O   1 
# 
